data_7TFN
#
_entry.id   7TFN
#
_cell.length_a   1.00
_cell.length_b   1.00
_cell.length_c   1.00
_cell.angle_alpha   90.00
_cell.angle_beta   90.00
_cell.angle_gamma   90.00
#
_symmetry.space_group_name_H-M   'P 1'
#
loop_
_entity.id
_entity.type
_entity.pdbx_description
1 polymer 'Envelope glycoprotein BG505 SOSIP.664 - gp120'
2 polymer 'Anti-HIV-1 CD4bs antibody Fab Ab1303 - Heavy chain'
3 polymer 'CD4 binding site antibody Fab Ab1303 - light chain'
4 polymer 'Envelope glycoprotein BG505 SOSIP.664 - gp41'
5 branched alpha-D-mannopyranose-(1-3)-[alpha-D-mannopyranose-(1-6)]beta-D-mannopyranose-(1-4)-2-acetamido-2-deoxy-beta-D-glucopyranose-(1-4)-2-acetamido-2-deoxy-beta-D-glucopyranose
6 branched beta-D-mannopyranose-(1-4)-2-acetamido-2-deoxy-beta-D-glucopyranose-(1-4)-2-acetamido-2-deoxy-beta-D-glucopyranose
7 branched 2-acetamido-2-deoxy-beta-D-glucopyranose-(1-4)-2-acetamido-2-deoxy-beta-D-glucopyranose
8 branched alpha-D-mannopyranose-(1-6)-beta-D-mannopyranose-(1-4)-2-acetamido-2-deoxy-beta-D-glucopyranose-(1-4)-2-acetamido-2-deoxy-beta-D-glucopyranose
9 branched alpha-D-mannopyranose-(1-3)-beta-D-mannopyranose-(1-4)-2-acetamido-2-deoxy-beta-D-glucopyranose-(1-4)-2-acetamido-2-deoxy-beta-D-glucopyranose
10 non-polymer 2-acetamido-2-deoxy-beta-D-glucopyranose
11 non-polymer alpha-D-mannopyranose
#
loop_
_entity_poly.entity_id
_entity_poly.type
_entity_poly.pdbx_seq_one_letter_code
_entity_poly.pdbx_strand_id
1 'polypeptide(L)'
;AENLWVTVYYGVPVWKDAETTLFCASDAKAYETKKHNVWATHACVPTDPNPQEIHLENVTEEFNMWKNNMVEQMHTDIIS
LWDQSLKPCVKLTPLCVTLQCTNVTNNITDDMRGELKNCSFNMTTELRDKKQKVYSLFYRLDVVQINENQGNRSNNSNKE
YRLINCNTSAITQACPKVSFEPIPIHYCAPAGFAILKCKDKKFNGTGPCPSVSTVQCTHGIKPVVSTQLLLNGSLAEEEV
MIRSENITNNAKNILVQFNTPVQINCTRPNNNTRKSIRIGPGQAFYATGDIIGDIRQAHCNVSKATWNETLGKVVKQLRK
HFGNNTIIRFANSSGGDLEVTTHSFNCGGEFFYCNTSGLFNSTWISNTSVQGSNSTGSNDSITLPCRIKQIINMWQRIGQ
AMYAPPIQGVIRCVSNITGLILTRDGGSTNSTTETFRPGGGDMRDNWRSELYKYKVVKIEPLGVAPTRCKRRVVGRRRRR
R
;
A,B,C
2 'polypeptide(L)'
;QVQLQESGPGLVKPSETLSLTCAVSGGSISGNYWSWIRQSPGKGLEWIGHINDYSGRTDYNPSLKSRVTISTDTSTNQFF
LTLSSVSAADTAVYYCARRDTDFWRGIYVFEFWGQGVLVTVSSASTKGPSVFPLAPSSKSTSGGTAALGCLVKDYFPEPV
TVSWNSGALTSGVHTFPAVLQSSGLYSLSSVVTVPSSSLGTQTYICNVNHKPSNTKVDKRVEPKSCDKTHHHHHH
;
H,I,P
3 'polypeptide(L)'
;QSVLTQSPSASASLGASVKLTCTLSSGLRSYTIAWYQRQRGQAPRFLLRLDSVGSHTKVDGIPDRFSGSSSGTERYLTIS
NLQSEDEADYFCQTWTTGIYIFGGGTRLSVLSQPKASPTVTLFPPSSEELQANKATLVCLISDFYPGAVTVAWKADSSPV
KAGVETTTPSKQSNNKYAASSYLSLTPEQWKSHRSYSCQVTHEGSTVEKTVAPTECS
;
J,L,Q
4 'polypeptide(L)'
;AVGIGAVFLGFLGAAGSTMGAASMTLTVQARNLLSGIVQQQSNLLRAPEAQQHLLKLTVWGIKQLQARVLAVERYLRDQQ
LLGIWGCSGKLICCTNVPWNSSWSNRNLSEIWDNMTWLQWDKEISNYTQIIYGLLEESQNQQEKNEQDLLALD
;
X,Y,Z
#
# COMPACT_ATOMS: atom_id res chain seq x y z
N LEU A 4 2.07 7.70 53.36
CA LEU A 4 1.68 7.97 51.98
C LEU A 4 1.71 6.69 51.15
N TRP A 5 1.23 6.79 49.91
CA TRP A 5 1.13 5.64 49.02
C TRP A 5 1.67 6.02 47.64
N VAL A 6 1.51 5.11 46.68
CA VAL A 6 2.04 5.28 45.34
C VAL A 6 0.90 5.32 44.34
N THR A 7 0.98 6.26 43.39
CA THR A 7 -0.02 6.44 42.35
C THR A 7 0.66 6.45 40.98
N VAL A 8 0.02 5.80 40.02
CA VAL A 8 0.52 5.75 38.65
C VAL A 8 -0.07 6.91 37.87
N TYR A 9 0.66 7.37 36.86
CA TYR A 9 0.25 8.53 36.06
C TYR A 9 0.43 8.19 34.59
N TYR A 10 -0.61 7.63 33.97
CA TYR A 10 -0.53 7.37 32.54
C TYR A 10 -0.67 8.67 31.77
N GLY A 11 0.21 8.87 30.79
CA GLY A 11 0.21 10.11 30.03
C GLY A 11 1.22 11.10 30.57
N VAL A 12 2.43 10.60 30.82
CA VAL A 12 3.47 11.39 31.48
C VAL A 12 4.67 11.52 30.56
N PRO A 13 5.29 12.70 30.46
CA PRO A 13 6.47 12.86 29.61
C PRO A 13 7.66 12.09 30.16
N VAL A 14 8.05 11.02 29.47
CA VAL A 14 9.18 10.19 29.86
C VAL A 14 10.06 9.97 28.64
N TRP A 15 11.35 9.80 28.87
CA TRP A 15 12.31 9.56 27.80
C TRP A 15 13.22 8.40 28.16
N LYS A 16 13.54 7.58 27.17
CA LYS A 16 14.52 6.51 27.31
C LYS A 16 15.30 6.42 26.00
N ASP A 17 16.61 6.51 26.10
CA ASP A 17 17.46 6.46 24.91
C ASP A 17 17.51 5.04 24.40
N ALA A 18 16.73 4.76 23.37
CA ALA A 18 16.68 3.43 22.75
C ALA A 18 16.66 3.58 21.25
N GLU A 19 17.17 2.56 20.56
CA GLU A 19 17.32 2.57 19.11
C GLU A 19 16.28 1.66 18.49
N THR A 20 15.57 2.19 17.48
CA THR A 20 14.58 1.43 16.75
C THR A 20 14.66 1.80 15.28
N THR A 21 14.29 0.85 14.42
CA THR A 21 14.34 1.09 12.98
C THR A 21 13.36 2.19 12.60
N LEU A 22 13.83 3.12 11.76
CA LEU A 22 13.03 4.22 11.27
C LEU A 22 12.72 4.00 9.79
N PHE A 23 11.59 4.52 9.34
CA PHE A 23 11.19 4.39 7.95
C PHE A 23 11.45 5.68 7.20
N CYS A 24 11.82 5.54 5.93
CA CYS A 24 12.14 6.69 5.10
C CYS A 24 10.89 7.48 4.77
N ALA A 25 11.10 8.69 4.25
CA ALA A 25 9.99 9.56 3.84
C ALA A 25 10.49 10.45 2.71
N SER A 26 10.01 10.19 1.51
CA SER A 26 10.35 11.02 0.36
C SER A 26 9.41 12.21 0.27
N ASP A 27 9.97 13.37 -0.07
CA ASP A 27 9.15 14.55 -0.27
C ASP A 27 8.20 14.34 -1.43
N ALA A 28 7.00 14.93 -1.33
CA ALA A 28 6.00 14.74 -2.36
C ALA A 28 6.48 15.28 -3.70
N LYS A 29 7.09 16.47 -3.70
CA LYS A 29 7.60 17.04 -4.94
C LYS A 29 8.86 16.33 -5.43
N ALA A 30 9.53 15.56 -4.57
CA ALA A 30 10.73 14.85 -4.98
C ALA A 30 10.40 13.78 -6.02
N TYR A 31 9.31 13.04 -5.82
CA TYR A 31 8.93 11.97 -6.73
C TYR A 31 7.79 12.34 -7.66
N GLU A 32 6.80 13.08 -7.17
CA GLU A 32 5.61 13.38 -7.96
C GLU A 32 5.95 14.19 -9.19
N THR A 33 6.83 15.19 -9.05
CA THR A 33 7.05 16.16 -10.11
C THR A 33 7.62 15.56 -11.38
N LYS A 34 8.87 15.08 -11.34
CA LYS A 34 9.51 14.60 -12.56
C LYS A 34 10.33 13.32 -12.40
N LYS A 35 10.79 12.96 -11.21
CA LYS A 35 11.79 11.92 -11.06
C LYS A 35 11.16 10.54 -11.28
N HIS A 36 11.61 9.86 -12.34
CA HIS A 36 11.19 8.50 -12.65
C HIS A 36 12.44 7.63 -12.79
N ASN A 37 12.42 6.48 -12.13
CA ASN A 37 13.52 5.51 -12.18
C ASN A 37 14.83 6.14 -11.69
N VAL A 38 14.79 6.65 -10.46
CA VAL A 38 15.96 7.15 -9.78
C VAL A 38 16.06 6.47 -8.42
N TRP A 39 17.28 6.13 -8.02
CA TRP A 39 17.46 5.32 -6.83
C TRP A 39 17.00 6.05 -5.58
N ALA A 40 17.29 7.34 -5.48
CA ALA A 40 17.12 8.08 -4.23
C ALA A 40 15.68 8.10 -3.74
N THR A 41 14.70 7.82 -4.60
CA THR A 41 13.30 7.78 -4.20
C THR A 41 12.70 6.42 -4.53
N HIS A 42 11.91 5.90 -3.60
CA HIS A 42 11.23 4.63 -3.75
C HIS A 42 9.92 4.71 -2.96
N ALA A 43 9.33 3.56 -2.64
CA ALA A 43 7.98 3.48 -2.12
C ALA A 43 7.84 4.02 -0.71
N CYS A 44 8.84 4.78 -0.24
CA CYS A 44 8.77 5.43 1.06
C CYS A 44 7.48 6.22 1.21
N VAL A 45 7.05 6.39 2.46
CA VAL A 45 5.80 7.10 2.75
C VAL A 45 6.05 8.60 2.62
N PRO A 46 5.25 9.33 1.85
CA PRO A 46 5.42 10.78 1.76
C PRO A 46 5.20 11.42 3.13
N THR A 47 5.98 12.48 3.38
CA THR A 47 5.93 13.14 4.68
C THR A 47 4.62 13.92 4.83
N ASP A 48 4.31 14.24 6.09
CA ASP A 48 3.16 15.07 6.37
C ASP A 48 3.38 16.47 5.80
N PRO A 49 2.30 17.17 5.44
CA PRO A 49 2.47 18.52 4.85
C PRO A 49 3.27 19.46 5.74
N ASN A 50 3.05 19.42 7.05
CA ASN A 50 3.81 20.23 7.99
C ASN A 50 4.13 19.37 9.21
N PRO A 51 5.40 19.31 9.61
CA PRO A 51 5.76 18.46 10.76
C PRO A 51 5.16 18.97 12.05
N GLN A 52 4.94 18.04 12.98
CA GLN A 52 4.40 18.35 14.29
C GLN A 52 5.51 18.87 15.22
N GLU A 53 6.16 19.93 14.77
CA GLU A 53 7.27 20.53 15.51
C GLU A 53 6.71 21.27 16.72
N ILE A 54 6.98 20.76 17.92
CA ILE A 54 6.56 21.38 19.17
C ILE A 54 7.81 21.78 19.94
N HIS A 55 7.86 23.04 20.36
CA HIS A 55 9.02 23.56 21.07
C HIS A 55 8.88 23.28 22.56
N LEU A 56 9.93 22.73 23.15
CA LEU A 56 9.93 22.41 24.57
C LEU A 56 10.67 23.50 25.35
N GLU A 57 10.40 23.56 26.64
CA GLU A 57 10.93 24.60 27.50
C GLU A 57 11.60 24.01 28.73
N ASN A 58 12.70 24.63 29.15
CA ASN A 58 13.39 24.29 30.39
C ASN A 58 13.79 22.81 30.43
N VAL A 59 14.22 22.30 29.29
CA VAL A 59 14.64 20.91 29.17
C VAL A 59 16.04 20.87 28.58
N THR A 60 16.91 20.04 29.14
CA THR A 60 18.27 19.87 28.65
C THR A 60 18.55 18.38 28.48
N GLU A 61 18.73 17.96 27.24
CA GLU A 61 19.02 16.57 26.91
C GLU A 61 20.45 16.43 26.44
N GLU A 62 21.05 15.28 26.74
CA GLU A 62 22.41 14.99 26.34
C GLU A 62 22.44 14.41 24.94
N PHE A 63 23.27 14.99 24.08
CA PHE A 63 23.45 14.52 22.71
C PHE A 63 24.86 13.97 22.55
N ASN A 64 24.99 13.02 21.62
CA ASN A 64 26.30 12.45 21.29
C ASN A 64 26.18 11.87 19.88
N MET A 65 26.71 12.60 18.88
CA MET A 65 26.65 12.09 17.52
C MET A 65 27.60 10.91 17.32
N TRP A 66 28.72 10.89 18.05
CA TRP A 66 29.71 9.85 17.87
C TRP A 66 29.28 8.52 18.48
N LYS A 67 28.18 8.51 19.26
CA LYS A 67 27.55 7.28 19.72
C LYS A 67 26.12 7.18 19.19
N ASN A 68 25.78 7.95 18.17
CA ASN A 68 24.44 7.94 17.60
C ASN A 68 24.20 6.64 16.85
N ASN A 69 22.93 6.38 16.55
CA ASN A 69 22.54 5.22 15.77
C ASN A 69 21.82 5.57 14.47
N MET A 70 21.35 6.81 14.31
CA MET A 70 20.68 7.19 13.07
C MET A 70 21.66 7.18 11.90
N VAL A 71 22.92 7.53 12.15
CA VAL A 71 23.90 7.57 11.06
C VAL A 71 24.15 6.17 10.50
N GLU A 72 24.32 5.20 11.39
CA GLU A 72 24.51 3.82 10.93
C GLU A 72 23.27 3.30 10.21
N GLN A 73 22.09 3.62 10.74
CA GLN A 73 20.84 3.20 10.12
C GLN A 73 20.72 3.77 8.71
N MET A 74 21.02 5.05 8.54
CA MET A 74 20.87 5.66 7.22
C MET A 74 21.95 5.19 6.26
N HIS A 75 23.16 4.93 6.76
CA HIS A 75 24.19 4.35 5.91
C HIS A 75 23.77 2.98 5.41
N THR A 76 23.21 2.14 6.29
CA THR A 76 22.75 0.82 5.86
C THR A 76 21.60 0.92 4.87
N ASP A 77 20.67 1.85 5.09
CA ASP A 77 19.59 2.05 4.14
C ASP A 77 20.12 2.47 2.78
N ILE A 78 21.10 3.38 2.76
CA ILE A 78 21.69 3.81 1.49
C ILE A 78 22.39 2.65 0.80
N ILE A 79 23.09 1.81 1.56
CA ILE A 79 23.77 0.66 0.96
C ILE A 79 22.76 -0.26 0.31
N SER A 80 21.70 -0.62 1.05
CA SER A 80 20.69 -1.53 0.51
C SER A 80 19.99 -0.92 -0.69
N LEU A 81 19.68 0.37 -0.63
CA LEU A 81 19.02 1.04 -1.74
C LEU A 81 19.90 1.05 -2.98
N TRP A 82 21.19 1.35 -2.82
CA TRP A 82 22.10 1.35 -3.96
C TRP A 82 22.21 -0.03 -4.58
N ASP A 83 22.32 -1.07 -3.74
CA ASP A 83 22.39 -2.43 -4.26
C ASP A 83 21.11 -2.81 -4.99
N GLN A 84 19.95 -2.44 -4.44
CA GLN A 84 18.69 -2.74 -5.09
C GLN A 84 18.57 -2.03 -6.43
N SER A 85 19.06 -0.79 -6.49
CA SER A 85 19.04 -0.05 -7.76
C SER A 85 19.96 -0.72 -8.78
N LEU A 86 21.12 -1.21 -8.35
CA LEU A 86 22.05 -1.83 -9.29
C LEU A 86 21.64 -3.23 -9.71
N LYS A 87 20.81 -3.91 -8.92
CA LYS A 87 20.51 -5.31 -9.22
C LYS A 87 19.87 -5.54 -10.58
N PRO A 88 18.83 -4.80 -11.00
CA PRO A 88 18.18 -5.12 -12.29
C PRO A 88 19.08 -4.96 -13.50
N CYS A 89 20.12 -4.15 -13.42
CA CYS A 89 20.99 -3.94 -14.57
C CYS A 89 21.78 -5.21 -14.88
N VAL A 90 22.22 -5.31 -16.14
CA VAL A 90 22.92 -6.50 -16.60
C VAL A 90 24.39 -6.42 -16.21
N LYS A 91 24.97 -7.57 -15.89
CA LYS A 91 26.35 -7.66 -15.45
C LYS A 91 27.31 -7.50 -16.63
N LEU A 92 28.57 -7.23 -16.31
CA LEU A 92 29.63 -7.10 -17.29
C LEU A 92 30.67 -8.23 -17.18
N THR A 93 30.24 -9.39 -16.71
CA THR A 93 31.16 -10.52 -16.57
C THR A 93 31.83 -10.94 -17.89
N PRO A 94 31.14 -11.04 -19.03
CA PRO A 94 31.85 -11.45 -20.26
C PRO A 94 32.90 -10.45 -20.70
N LEU A 95 32.81 -9.19 -20.25
CA LEU A 95 33.75 -8.17 -20.69
C LEU A 95 35.17 -8.41 -20.21
N CYS A 96 35.35 -9.20 -19.15
CA CYS A 96 36.68 -9.45 -18.61
C CYS A 96 37.46 -10.31 -19.61
N VAL A 97 38.35 -9.66 -20.36
CA VAL A 97 39.11 -10.32 -21.42
C VAL A 97 40.29 -9.43 -21.75
N THR A 98 41.32 -10.00 -22.38
CA THR A 98 42.47 -9.22 -22.79
C THR A 98 42.06 -8.17 -23.81
N LEU A 99 42.62 -6.96 -23.68
CA LEU A 99 42.33 -5.85 -24.56
C LEU A 99 43.62 -5.31 -25.15
N GLN A 100 43.60 -4.98 -26.43
CA GLN A 100 44.77 -4.39 -27.09
C GLN A 100 44.57 -2.88 -27.15
N CYS A 101 45.36 -2.13 -26.38
CA CYS A 101 45.12 -0.72 -26.18
C CYS A 101 46.24 0.13 -26.78
N THR A 102 45.86 1.26 -27.36
CA THR A 102 46.79 2.30 -27.77
C THR A 102 46.24 3.63 -27.28
N ASN A 103 47.13 4.50 -26.79
CA ASN A 103 46.69 5.75 -26.20
C ASN A 103 46.47 6.82 -27.28
N VAL A 104 45.37 7.55 -27.14
CA VAL A 104 44.95 8.49 -28.17
C VAL A 104 45.85 9.73 -28.13
N THR A 105 46.18 10.25 -29.32
CA THR A 105 47.00 11.44 -29.46
C THR A 105 46.30 12.50 -30.29
N ASN A 106 44.97 12.49 -30.30
CA ASN A 106 44.22 13.50 -31.05
C ASN A 106 44.45 14.89 -30.49
N ASN A 107 44.43 15.03 -29.17
CA ASN A 107 44.63 16.32 -28.53
C ASN A 107 45.30 16.11 -27.18
N ILE A 108 46.07 17.11 -26.75
CA ILE A 108 46.75 17.11 -25.47
C ILE A 108 46.42 18.40 -24.74
N THR A 109 45.96 18.30 -23.50
CA THR A 109 45.60 19.48 -22.71
C THR A 109 46.85 20.26 -22.32
N MET A 112 49.65 17.76 -18.68
CA MET A 112 48.32 17.18 -18.50
C MET A 112 47.91 16.37 -19.73
N ARG A 113 48.46 15.16 -19.85
CA ARG A 113 48.13 14.30 -20.97
C ARG A 113 46.69 13.81 -20.86
N GLY A 114 46.13 13.41 -22.01
CA GLY A 114 44.76 12.93 -22.02
C GLY A 114 44.57 11.66 -21.19
N GLU A 115 45.51 10.73 -21.31
CA GLU A 115 45.58 9.46 -20.58
C GLU A 115 44.55 8.44 -21.06
N LEU A 116 43.69 8.79 -22.01
CA LEU A 116 42.70 7.84 -22.51
C LEU A 116 43.38 6.74 -23.33
N LYS A 117 42.69 5.61 -23.44
CA LYS A 117 43.16 4.47 -24.21
C LYS A 117 42.04 3.96 -25.09
N ASN A 118 42.30 3.87 -26.39
CA ASN A 118 41.41 3.18 -27.31
C ASN A 118 41.83 1.72 -27.34
N CYS A 119 40.93 0.84 -26.93
CA CYS A 119 41.22 -0.58 -26.75
C CYS A 119 40.30 -1.41 -27.65
N SER A 120 40.89 -2.40 -28.32
CA SER A 120 40.15 -3.35 -29.14
C SER A 120 40.02 -4.66 -28.38
N PHE A 121 38.82 -5.23 -28.41
CA PHE A 121 38.56 -6.55 -27.84
C PHE A 121 37.82 -7.39 -28.86
N ASN A 122 38.20 -8.66 -28.96
CA ASN A 122 37.62 -9.59 -29.92
C ASN A 122 36.42 -10.27 -29.26
N MET A 123 35.24 -9.70 -29.46
CA MET A 123 34.00 -10.25 -28.93
C MET A 123 33.25 -10.86 -30.12
N THR A 124 33.46 -12.16 -30.33
CA THR A 124 32.85 -12.86 -31.46
C THR A 124 31.34 -12.97 -31.28
N LYS A 133 36.81 -7.83 -33.62
CA LYS A 133 37.55 -6.67 -33.12
C LYS A 133 36.63 -5.46 -32.99
N VAL A 134 36.35 -5.07 -31.75
CA VAL A 134 35.49 -3.93 -31.45
C VAL A 134 36.27 -2.96 -30.58
N TYR A 135 36.18 -1.67 -30.91
CA TYR A 135 36.92 -0.63 -30.22
C TYR A 135 36.08 0.03 -29.13
N SER A 136 36.77 0.52 -28.10
CA SER A 136 36.13 1.26 -27.02
C SER A 136 37.16 2.21 -26.43
N LEU A 137 36.68 3.16 -25.64
CA LEU A 137 37.55 4.16 -25.01
C LEU A 137 37.48 4.01 -23.50
N PHE A 138 38.64 4.03 -22.85
CA PHE A 138 38.72 3.88 -21.40
C PHE A 138 39.72 4.89 -20.85
N TYR A 139 39.76 5.01 -19.53
CA TYR A 139 40.67 5.90 -18.84
C TYR A 139 41.81 5.11 -18.21
N ARG A 140 42.92 5.80 -17.95
CA ARG A 140 44.14 5.13 -17.52
C ARG A 140 43.97 4.49 -16.15
N LEU A 141 43.30 5.18 -15.21
CA LEU A 141 43.04 4.59 -13.91
C LEU A 141 42.12 3.37 -14.00
N ASP A 142 41.26 3.33 -15.02
CA ASP A 142 40.26 2.27 -15.12
C ASP A 142 40.85 0.93 -15.56
N VAL A 143 41.92 0.95 -16.35
CA VAL A 143 42.48 -0.25 -16.95
C VAL A 143 43.95 -0.34 -16.59
N VAL A 144 44.42 -1.57 -16.33
CA VAL A 144 45.80 -1.81 -15.91
C VAL A 144 46.45 -2.74 -16.91
N GLN A 145 47.70 -2.43 -17.27
CA GLN A 145 48.44 -3.27 -18.21
C GLN A 145 48.75 -4.63 -17.59
N ILE A 146 48.76 -5.65 -18.44
CA ILE A 146 49.08 -7.02 -18.03
C ILE A 146 50.29 -7.49 -18.81
N ASN A 147 51.26 -8.05 -18.11
CA ASN A 147 52.50 -8.53 -18.73
C ASN A 147 52.78 -9.97 -18.36
N LYS A 159 50.48 -2.52 -25.64
CA LYS A 159 50.57 -3.69 -24.77
C LYS A 159 49.19 -4.18 -24.35
N GLU A 160 49.14 -5.40 -23.83
CA GLU A 160 47.87 -5.96 -23.39
C GLU A 160 47.41 -5.31 -22.09
N TYR A 161 46.11 -5.10 -21.97
CA TYR A 161 45.51 -4.42 -20.83
C TYR A 161 44.28 -5.18 -20.38
N ARG A 162 43.93 -5.01 -19.10
CA ARG A 162 42.79 -5.68 -18.51
C ARG A 162 42.10 -4.74 -17.53
N LEU A 163 40.80 -4.94 -17.35
CA LEU A 163 40.05 -4.16 -16.38
C LEU A 163 40.62 -4.35 -14.98
N ILE A 164 40.54 -3.29 -14.17
CA ILE A 164 41.24 -3.27 -12.90
C ILE A 164 40.74 -4.39 -11.99
N ASN A 165 39.42 -4.58 -11.91
CA ASN A 165 38.85 -5.66 -11.10
C ASN A 165 37.78 -6.37 -11.93
N CYS A 166 38.21 -7.36 -12.71
CA CYS A 166 37.25 -8.22 -13.45
C CYS A 166 37.58 -9.68 -13.15
N ASN A 167 38.86 -9.97 -12.89
CA ASN A 167 39.28 -11.31 -12.40
C ASN A 167 38.49 -11.67 -11.15
N THR A 168 38.74 -10.95 -10.05
CA THR A 168 38.13 -11.28 -8.73
C THR A 168 37.16 -10.17 -8.31
N SER A 169 36.20 -9.85 -9.18
CA SER A 169 35.13 -8.93 -8.84
C SER A 169 33.95 -9.16 -9.77
N ALA A 170 32.74 -9.15 -9.21
CA ALA A 170 31.51 -9.23 -10.00
C ALA A 170 31.15 -7.85 -10.52
N ILE A 171 31.90 -7.41 -11.53
CA ILE A 171 31.74 -6.06 -12.05
C ILE A 171 30.34 -5.90 -12.64
N THR A 172 29.83 -4.66 -12.56
CA THR A 172 28.46 -4.38 -13.01
C THR A 172 28.41 -2.95 -13.53
N GLN A 173 27.52 -2.72 -14.48
CA GLN A 173 27.30 -1.40 -15.06
C GLN A 173 25.92 -0.90 -14.66
N ALA A 174 25.81 0.41 -14.43
CA ALA A 174 24.54 1.00 -14.04
C ALA A 174 23.56 0.99 -15.20
N CYS A 175 22.28 0.99 -14.87
CA CYS A 175 21.24 1.04 -15.90
C CYS A 175 21.29 2.39 -16.62
N PRO A 176 21.13 2.40 -17.94
CA PRO A 176 21.20 3.67 -18.67
C PRO A 176 20.14 4.69 -18.27
N LYS A 177 18.94 4.23 -17.90
CA LYS A 177 17.86 5.16 -17.61
C LYS A 177 18.05 5.85 -16.27
N VAL A 178 18.53 5.11 -15.26
CA VAL A 178 18.63 5.68 -13.92
C VAL A 178 19.74 6.73 -13.88
N SER A 179 19.57 7.70 -12.98
CA SER A 179 20.52 8.79 -12.82
C SER A 179 20.86 8.96 -11.35
N PHE A 180 22.07 9.43 -11.08
CA PHE A 180 22.55 9.66 -9.73
C PHE A 180 22.43 11.14 -9.40
N GLU A 181 21.60 11.46 -8.41
CA GLU A 181 21.42 12.83 -7.96
C GLU A 181 20.88 12.80 -6.54
N PRO A 182 21.32 13.72 -5.68
CA PRO A 182 20.73 13.80 -4.34
C PRO A 182 19.25 14.15 -4.39
N ILE A 183 18.49 13.57 -3.47
CA ILE A 183 17.07 13.85 -3.32
C ILE A 183 16.77 13.90 -1.83
N PRO A 184 16.03 14.89 -1.35
CA PRO A 184 15.77 14.98 0.09
C PRO A 184 15.09 13.72 0.61
N ILE A 185 15.55 13.26 1.77
CA ILE A 185 14.99 12.10 2.45
C ILE A 185 14.80 12.47 3.91
N HIS A 186 13.60 12.25 4.42
CA HIS A 186 13.26 12.53 5.81
C HIS A 186 13.19 11.21 6.58
N TYR A 187 13.51 11.26 7.85
CA TYR A 187 13.35 10.11 8.74
C TYR A 187 12.32 10.43 9.81
N CYS A 188 11.28 9.61 9.87
CA CYS A 188 10.21 9.77 10.85
C CYS A 188 10.22 8.58 11.78
N ALA A 189 10.30 8.85 13.08
CA ALA A 189 10.26 7.78 14.06
C ALA A 189 8.88 7.13 14.05
N PRO A 190 8.80 5.82 14.24
CA PRO A 190 7.49 5.15 14.27
C PRO A 190 6.71 5.55 15.50
N ALA A 191 5.46 5.10 15.54
CA ALA A 191 4.59 5.43 16.65
C ALA A 191 5.17 4.91 17.96
N GLY A 192 5.16 5.76 18.99
CA GLY A 192 5.76 5.43 20.26
C GLY A 192 7.17 5.95 20.45
N PHE A 193 7.73 6.64 19.46
CA PHE A 193 9.07 7.20 19.55
C PHE A 193 9.03 8.68 19.19
N ALA A 194 10.16 9.34 19.36
CA ALA A 194 10.27 10.76 19.03
C ALA A 194 11.70 11.06 18.62
N ILE A 195 11.88 12.18 17.91
CA ILE A 195 13.19 12.63 17.48
C ILE A 195 13.48 13.93 18.22
N LEU A 196 14.36 13.84 19.22
CA LEU A 196 14.81 15.04 19.92
C LEU A 196 15.81 15.78 19.03
N LYS A 197 15.59 17.09 18.87
CA LYS A 197 16.34 17.92 17.95
C LYS A 197 16.94 19.09 18.71
N CYS A 198 18.26 19.24 18.62
CA CYS A 198 18.96 20.32 19.32
C CYS A 198 18.95 21.56 18.42
N LYS A 199 18.14 22.54 18.78
CA LYS A 199 17.99 23.76 17.99
C LYS A 199 19.07 24.79 18.28
N ASP A 200 19.97 24.51 19.23
CA ASP A 200 21.02 25.46 19.58
C ASP A 200 21.93 25.69 18.38
N LYS A 201 22.05 26.95 17.96
CA LYS A 201 22.96 27.29 16.87
C LYS A 201 24.41 27.01 17.25
N LYS A 202 24.80 27.37 18.48
CA LYS A 202 26.15 27.11 18.99
C LYS A 202 26.11 25.78 19.71
N PHE A 203 26.43 24.71 18.98
CA PHE A 203 26.31 23.35 19.50
C PHE A 203 27.34 22.48 18.80
N ASN A 204 28.39 22.09 19.52
CA ASN A 204 29.45 21.26 18.96
C ASN A 204 29.05 19.79 18.84
N GLY A 205 27.93 19.39 19.43
CA GLY A 205 27.44 18.03 19.28
C GLY A 205 27.97 17.04 20.29
N THR A 206 27.91 17.39 21.58
CA THR A 206 28.29 16.50 22.65
C THR A 206 27.83 17.12 23.96
N GLY A 207 27.32 16.29 24.86
CA GLY A 207 26.90 16.75 26.16
C GLY A 207 25.54 17.41 26.14
N PRO A 208 25.25 18.25 27.12
CA PRO A 208 23.92 18.86 27.20
C PRO A 208 23.66 19.82 26.07
N CYS A 209 22.38 19.92 25.69
CA CYS A 209 21.92 20.89 24.70
C CYS A 209 20.86 21.78 25.37
N PRO A 210 21.08 23.10 25.43
CA PRO A 210 20.14 23.95 26.19
C PRO A 210 18.72 23.95 25.65
N SER A 211 18.54 23.99 24.33
CA SER A 211 17.22 24.07 23.71
C SER A 211 16.95 22.79 22.94
N VAL A 212 16.01 21.99 23.44
CA VAL A 212 15.68 20.70 22.85
C VAL A 212 14.24 20.73 22.38
N SER A 213 14.04 20.70 21.07
CA SER A 213 12.71 20.55 20.50
C SER A 213 12.44 19.08 20.19
N THR A 214 11.20 18.78 19.85
CA THR A 214 10.81 17.41 19.53
C THR A 214 10.10 17.39 18.19
N VAL A 215 10.41 16.40 17.37
CA VAL A 215 9.78 16.24 16.07
C VAL A 215 9.41 14.78 15.85
N GLN A 216 8.54 14.57 14.87
CA GLN A 216 8.24 13.25 14.34
C GLN A 216 9.06 12.94 13.10
N CYS A 217 9.17 13.89 12.16
CA CYS A 217 9.95 13.73 10.96
C CYS A 217 11.09 14.74 10.94
N THR A 218 12.26 14.31 10.50
CA THR A 218 13.44 15.16 10.47
C THR A 218 13.44 16.03 9.21
N HIS A 219 14.39 16.96 9.17
CA HIS A 219 14.51 17.85 8.03
C HIS A 219 15.12 17.10 6.84
N GLY A 220 15.14 17.77 5.70
CA GLY A 220 15.62 17.16 4.46
C GLY A 220 17.06 16.71 4.52
N ILE A 221 17.30 15.45 4.22
CA ILE A 221 18.65 14.87 4.17
C ILE A 221 18.89 14.39 2.75
N LYS A 222 19.95 14.89 2.12
CA LYS A 222 20.28 14.51 0.76
C LYS A 222 21.45 13.56 0.77
N PRO A 223 21.30 12.31 0.35
CA PRO A 223 22.44 11.40 0.33
C PRO A 223 23.42 11.77 -0.77
N VAL A 224 24.55 12.34 -0.37
CA VAL A 224 25.57 12.81 -1.30
C VAL A 224 26.90 12.16 -0.94
N VAL A 225 27.59 11.62 -1.93
CA VAL A 225 28.89 11.00 -1.75
C VAL A 225 29.97 12.04 -2.03
N SER A 226 30.89 12.21 -1.09
CA SER A 226 31.94 13.20 -1.22
C SER A 226 32.99 12.95 -0.14
N THR A 227 34.24 13.30 -0.45
CA THR A 227 35.34 13.16 0.48
C THR A 227 36.12 14.47 0.53
N GLN A 228 36.54 14.84 1.74
CA GLN A 228 37.30 16.06 2.02
C GLN A 228 36.45 17.31 1.82
N LEU A 229 35.22 17.15 1.35
CA LEU A 229 34.31 18.25 1.11
C LEU A 229 32.88 17.74 1.26
N LEU A 230 31.98 18.64 1.65
CA LEU A 230 30.57 18.31 1.78
C LEU A 230 29.78 19.15 0.77
N LEU A 231 29.25 18.49 -0.25
CA LEU A 231 28.49 19.14 -1.30
C LEU A 231 26.99 18.99 -1.03
N ASN A 232 26.22 19.97 -1.50
CA ASN A 232 24.81 20.13 -1.13
C ASN A 232 24.60 20.14 0.38
N GLY A 233 25.64 20.46 1.16
CA GLY A 233 25.54 20.33 2.60
C GLY A 233 24.64 21.38 3.22
N SER A 234 24.24 21.11 4.45
CA SER A 234 23.39 22.03 5.19
C SER A 234 24.26 23.08 5.89
N LEU A 235 24.10 24.34 5.49
CA LEU A 235 24.87 25.41 6.11
C LEU A 235 24.49 25.57 7.57
N ALA A 236 25.47 25.90 8.41
CA ALA A 236 25.24 26.08 9.83
C ALA A 236 25.12 27.55 10.16
N GLU A 237 24.10 27.90 10.95
CA GLU A 237 23.90 29.27 11.36
C GLU A 237 25.01 29.71 12.31
N GLU A 238 24.95 30.98 12.71
CA GLU A 238 25.94 31.60 13.61
C GLU A 238 27.30 31.51 12.92
N GLU A 239 28.36 31.09 13.61
CA GLU A 239 29.70 31.05 13.04
C GLU A 239 30.04 29.63 12.59
N VAL A 240 31.24 29.48 12.02
CA VAL A 240 31.72 28.17 11.61
C VAL A 240 31.91 27.30 12.84
N MET A 241 31.51 26.04 12.73
CA MET A 241 31.52 25.11 13.86
C MET A 241 32.56 24.02 13.66
N ILE A 242 33.21 23.63 14.75
CA ILE A 242 34.21 22.57 14.76
C ILE A 242 33.73 21.47 15.68
N ARG A 243 33.67 20.24 15.17
CA ARG A 243 33.11 19.12 15.91
C ARG A 243 34.06 17.93 15.87
N SER A 244 34.18 17.24 17.01
CA SER A 244 34.98 16.03 17.12
C SER A 244 34.69 15.38 18.46
N GLU A 245 34.78 14.05 18.49
CA GLU A 245 34.66 13.33 19.76
C GLU A 245 35.83 13.65 20.68
N ASN A 246 36.99 13.94 20.08
CA ASN A 246 38.22 14.18 20.90
C ASN A 246 39.21 15.04 20.12
N ILE A 247 39.15 16.36 20.29
CA ILE A 247 40.11 17.25 19.64
C ILE A 247 41.53 16.81 19.95
N THR A 248 41.79 16.43 21.20
CA THR A 248 43.14 16.04 21.60
C THR A 248 43.62 14.81 20.86
N ASN A 249 42.75 13.81 20.69
CA ASN A 249 43.17 12.57 20.06
C ASN A 249 43.36 12.75 18.56
N ASN A 250 44.48 12.26 18.04
CA ASN A 250 44.80 12.40 16.63
C ASN A 250 43.84 11.59 15.76
N ALA A 251 43.48 10.39 16.20
CA ALA A 251 42.77 9.46 15.32
C ALA A 251 41.41 9.99 14.91
N LYS A 252 40.66 10.56 15.86
CA LYS A 252 39.30 10.98 15.58
C LYS A 252 39.27 12.08 14.52
N ASN A 253 38.31 11.98 13.61
CA ASN A 253 38.15 12.99 12.56
C ASN A 253 37.67 14.30 13.16
N ILE A 254 37.60 15.32 12.31
CA ILE A 254 37.08 16.63 12.70
C ILE A 254 36.15 17.12 11.60
N LEU A 255 34.92 17.47 11.96
CA LEU A 255 33.97 18.05 11.03
C LEU A 255 33.99 19.56 11.17
N VAL A 256 34.01 20.25 10.03
CA VAL A 256 34.02 21.71 9.98
C VAL A 256 32.80 22.14 9.20
N GLN A 257 31.94 22.95 9.81
CA GLN A 257 30.72 23.41 9.17
C GLN A 257 30.79 24.91 8.97
N PHE A 258 30.90 25.33 7.71
CA PHE A 258 30.95 26.75 7.39
C PHE A 258 29.59 27.40 7.60
N ASN A 259 29.60 28.72 7.81
CA ASN A 259 28.36 29.47 7.89
C ASN A 259 27.96 30.05 6.53
N THR A 260 28.92 30.26 5.64
CA THR A 260 28.66 30.76 4.30
C THR A 260 29.03 29.69 3.28
N PRO A 261 28.06 29.11 2.55
CA PRO A 261 28.42 28.11 1.54
C PRO A 261 29.32 28.68 0.47
N VAL A 262 30.24 27.85 0.00
CA VAL A 262 31.23 28.25 -1.01
C VAL A 262 30.81 27.65 -2.34
N GLN A 263 30.71 28.50 -3.37
CA GLN A 263 30.39 28.00 -4.69
C GLN A 263 31.55 27.20 -5.27
N ILE A 264 31.22 26.09 -5.94
CA ILE A 264 32.18 25.38 -6.77
C ILE A 264 31.52 25.09 -8.11
N ASN A 265 32.23 25.38 -9.20
CA ASN A 265 31.74 25.14 -10.55
C ASN A 265 32.69 24.19 -11.24
N CYS A 266 32.28 22.93 -11.42
CA CYS A 266 33.17 21.94 -12.01
C CYS A 266 32.57 21.38 -13.28
N THR A 267 33.43 21.20 -14.29
CA THR A 267 33.01 20.80 -15.62
C THR A 267 34.05 19.89 -16.25
N ARG A 268 33.56 18.89 -16.99
CA ARG A 268 34.42 18.06 -17.80
C ARG A 268 34.34 18.54 -19.25
N PRO A 269 35.40 19.12 -19.80
CA PRO A 269 35.33 19.67 -21.17
C PRO A 269 35.52 18.60 -22.25
N ASN A 270 34.50 17.75 -22.39
CA ASN A 270 34.51 16.70 -23.40
C ASN A 270 33.09 16.21 -23.61
N ASN A 271 32.85 15.65 -24.80
CA ASN A 271 31.57 15.06 -25.14
C ASN A 271 31.82 13.69 -25.75
N ASN A 272 31.03 12.71 -25.34
CA ASN A 272 31.21 11.33 -25.78
C ASN A 272 29.90 10.76 -26.30
N THR A 273 30.01 9.62 -26.99
CA THR A 273 28.86 8.93 -27.54
C THR A 273 28.87 7.49 -27.06
N ARG A 274 27.68 6.90 -26.95
CA ARG A 274 27.51 5.57 -26.41
C ARG A 274 27.29 4.56 -27.54
N LYS A 275 28.11 3.52 -27.56
CA LYS A 275 27.97 2.43 -28.52
C LYS A 275 27.35 1.22 -27.80
N SER A 276 26.30 0.66 -28.39
CA SER A 276 25.56 -0.45 -27.80
C SER A 276 26.12 -1.74 -28.35
N ILE A 277 27.02 -2.37 -27.59
CA ILE A 277 27.62 -3.65 -27.96
C ILE A 277 26.95 -4.73 -27.14
N ARG A 278 26.34 -5.70 -27.81
CA ARG A 278 25.69 -6.79 -27.10
C ARG A 278 26.72 -7.78 -26.59
N ILE A 279 26.47 -8.32 -25.39
CA ILE A 279 27.36 -9.29 -24.78
C ILE A 279 27.17 -10.67 -25.41
N GLN A 283 21.38 -7.90 -22.61
CA GLN A 283 22.77 -7.62 -22.25
C GLN A 283 23.38 -6.59 -23.19
N ALA A 284 22.82 -5.39 -23.17
CA ALA A 284 23.30 -4.30 -24.03
C ALA A 284 24.35 -3.49 -23.28
N PHE A 285 25.61 -3.81 -23.50
CA PHE A 285 26.72 -3.08 -22.91
C PHE A 285 26.85 -1.73 -23.61
N TYR A 286 27.11 -0.69 -22.84
CA TYR A 286 27.30 0.66 -23.38
C TYR A 286 28.77 1.05 -23.22
N ALA A 287 29.43 1.32 -24.34
CA ALA A 287 30.84 1.67 -24.35
C ALA A 287 31.03 3.12 -24.81
N THR A 288 32.04 3.76 -24.25
CA THR A 288 32.33 5.14 -24.62
C THR A 288 32.89 5.21 -26.04
N GLY A 289 32.45 6.22 -26.79
CA GLY A 289 32.92 6.46 -28.14
C GLY A 289 33.96 7.57 -28.20
N ASP A 290 34.32 7.92 -29.42
CA ASP A 290 35.29 8.99 -29.64
C ASP A 290 34.71 10.33 -29.20
N ILE A 291 35.59 11.24 -28.83
CA ILE A 291 35.19 12.53 -28.25
C ILE A 291 35.02 13.54 -29.37
N ILE A 292 33.97 14.36 -29.27
CA ILE A 292 33.69 15.39 -30.25
C ILE A 292 34.76 16.47 -30.13
N GLY A 293 35.61 16.58 -31.14
CA GLY A 293 36.58 17.66 -31.17
C GLY A 293 37.65 17.50 -30.09
N ASP A 294 37.86 18.57 -29.32
CA ASP A 294 38.96 18.64 -28.38
C ASP A 294 38.75 17.69 -27.20
N ILE A 295 39.85 17.35 -26.54
CA ILE A 295 39.85 16.50 -25.36
C ILE A 295 40.69 17.19 -24.29
N ARG A 296 40.08 17.45 -23.14
CA ARG A 296 40.78 18.10 -22.03
C ARG A 296 40.33 17.47 -20.71
N GLN A 297 41.25 17.46 -19.75
CA GLN A 297 40.97 16.93 -18.42
C GLN A 297 40.05 17.87 -17.65
N ALA A 298 39.23 17.29 -16.78
CA ALA A 298 38.16 18.04 -16.11
C ALA A 298 38.73 19.08 -15.17
N HIS A 299 37.97 20.15 -14.95
CA HIS A 299 38.44 21.24 -14.10
C HIS A 299 37.31 21.78 -13.24
N CYS A 300 37.63 22.07 -11.99
CA CYS A 300 36.71 22.75 -11.09
C CYS A 300 37.23 24.16 -10.80
N ASN A 301 36.33 25.06 -10.43
CA ASN A 301 36.67 26.45 -10.16
C ASN A 301 36.04 26.88 -8.83
N VAL A 302 36.84 27.54 -8.00
CA VAL A 302 36.42 28.07 -6.72
C VAL A 302 37.01 29.46 -6.56
N SER A 303 36.21 30.42 -6.12
CA SER A 303 36.70 31.78 -5.92
C SER A 303 37.74 31.82 -4.82
N LYS A 304 38.81 32.59 -5.05
CA LYS A 304 39.92 32.63 -4.11
C LYS A 304 39.57 33.38 -2.83
N ALA A 305 38.91 34.53 -2.95
CA ALA A 305 38.65 35.37 -1.79
C ALA A 305 37.72 34.68 -0.80
N THR A 306 36.66 34.05 -1.29
CA THR A 306 35.75 33.33 -0.40
C THR A 306 36.45 32.18 0.30
N TRP A 307 37.30 31.45 -0.43
CA TRP A 307 38.07 30.38 0.19
C TRP A 307 38.99 30.92 1.28
N ASN A 308 39.66 32.05 1.02
CA ASN A 308 40.54 32.64 2.03
C ASN A 308 39.76 33.07 3.26
N GLU A 309 38.60 33.69 3.07
CA GLU A 309 37.80 34.13 4.21
C GLU A 309 37.30 32.94 5.03
N THR A 310 36.81 31.90 4.35
CA THR A 310 36.35 30.72 5.07
C THR A 310 37.48 30.04 5.83
N LEU A 311 38.66 29.94 5.21
CA LEU A 311 39.81 29.40 5.90
C LEU A 311 40.19 30.26 7.10
N GLY A 312 40.03 31.59 6.98
CA GLY A 312 40.30 32.45 8.12
C GLY A 312 39.36 32.17 9.29
N LYS A 313 38.07 32.02 8.99
CA LYS A 313 37.13 31.67 10.05
C LYS A 313 37.47 30.32 10.66
N VAL A 314 37.82 29.35 9.82
CA VAL A 314 38.12 28.00 10.31
C VAL A 314 39.34 28.02 11.23
N VAL A 315 40.39 28.71 10.81
CA VAL A 315 41.60 28.76 11.64
C VAL A 315 41.35 29.57 12.90
N LYS A 316 40.48 30.58 12.83
CA LYS A 316 40.13 31.32 14.05
C LYS A 316 39.46 30.41 15.07
N GLN A 317 38.48 29.61 14.61
CA GLN A 317 37.81 28.69 15.53
C GLN A 317 38.76 27.62 16.05
N LEU A 318 39.65 27.12 15.18
CA LEU A 318 40.59 26.09 15.62
C LEU A 318 41.59 26.66 16.62
N ARG A 319 42.01 27.91 16.43
CA ARG A 319 42.83 28.56 17.44
C ARG A 319 42.07 28.74 18.75
N LYS A 320 40.78 29.08 18.66
CA LYS A 320 39.97 29.16 19.87
C LYS A 320 39.96 27.84 20.62
N HIS A 321 39.82 26.73 19.89
CA HIS A 321 39.95 25.41 20.51
C HIS A 321 41.40 25.05 20.86
N PHE A 322 42.38 25.82 20.41
CA PHE A 322 43.78 25.49 20.59
C PHE A 322 44.61 26.60 21.23
N GLY A 323 44.04 27.76 21.49
CA GLY A 323 44.84 28.86 22.01
C GLY A 323 45.33 29.78 20.91
N ASN A 324 45.46 31.06 21.26
CA ASN A 324 45.89 32.06 20.28
C ASN A 324 47.32 31.80 19.82
N ASN A 325 48.20 31.42 20.75
CA ASN A 325 49.61 31.23 20.42
C ASN A 325 49.83 30.05 19.48
N THR A 326 48.85 29.15 19.35
CA THR A 326 49.01 28.00 18.48
C THR A 326 49.12 28.42 17.02
N ILE A 327 49.93 27.67 16.27
CA ILE A 327 50.14 27.93 14.85
C ILE A 327 49.41 26.86 14.06
N ILE A 328 48.57 27.30 13.11
CA ILE A 328 47.76 26.41 12.30
C ILE A 328 48.38 26.33 10.91
N ARG A 329 48.69 25.12 10.47
CA ARG A 329 49.24 24.88 9.15
C ARG A 329 48.35 23.91 8.41
N PHE A 330 48.41 23.96 7.08
CA PHE A 330 47.62 23.09 6.24
C PHE A 330 48.55 22.37 5.27
N ALA A 331 48.07 21.24 4.74
CA ALA A 331 48.81 20.49 3.74
C ALA A 331 47.81 19.67 2.94
N ASN A 332 48.27 19.17 1.80
CA ASN A 332 47.41 18.36 0.95
C ASN A 332 47.41 16.92 1.46
N SER A 333 46.74 16.03 0.74
CA SER A 333 46.44 14.69 1.26
C SER A 333 47.72 13.89 1.49
N SER A 334 47.67 12.94 2.44
CA SER A 334 48.88 12.17 2.79
C SER A 334 48.93 10.83 2.05
N GLY A 335 47.99 10.57 1.15
CA GLY A 335 48.00 9.33 0.39
C GLY A 335 47.06 8.28 0.95
N GLY A 336 46.93 7.20 0.20
CA GLY A 336 46.03 6.12 0.57
C GLY A 336 44.88 5.96 -0.39
N ASP A 337 44.89 4.83 -1.09
CA ASP A 337 43.86 4.59 -2.11
C ASP A 337 43.80 5.83 -3.00
N LEU A 338 42.69 6.02 -3.70
CA LEU A 338 42.54 7.25 -4.48
C LEU A 338 41.24 7.99 -4.18
N GLU A 339 40.25 7.32 -3.58
CA GLU A 339 38.96 7.94 -3.29
C GLU A 339 38.98 8.81 -2.04
N VAL A 340 40.08 8.80 -1.28
CA VAL A 340 40.19 9.66 -0.12
C VAL A 340 41.25 10.76 -0.30
N THR A 341 42.34 10.47 -1.02
CA THR A 341 43.34 11.51 -1.28
C THR A 341 42.71 12.67 -2.05
N THR A 342 41.96 12.36 -3.10
CA THR A 342 41.27 13.38 -3.87
C THR A 342 39.87 13.58 -3.29
N HIS A 343 39.06 14.37 -3.99
CA HIS A 343 37.69 14.66 -3.59
C HIS A 343 36.78 13.94 -4.58
N SER A 344 36.14 12.87 -4.12
CA SER A 344 35.36 12.00 -4.99
C SER A 344 33.90 12.45 -4.99
N PHE A 345 33.34 12.70 -6.16
CA PHE A 345 31.94 13.11 -6.21
C PHE A 345 31.36 12.84 -7.58
N ASN A 346 30.07 12.54 -7.60
CA ASN A 346 29.35 12.27 -8.84
C ASN A 346 28.66 13.55 -9.32
N CYS A 347 28.78 13.81 -10.62
CA CYS A 347 28.17 14.99 -11.23
C CYS A 347 27.51 14.55 -12.53
N GLY A 348 26.19 14.70 -12.60
CA GLY A 348 25.46 14.36 -13.80
C GLY A 348 25.56 12.92 -14.23
N GLY A 349 25.96 12.03 -13.33
CA GLY A 349 26.18 10.64 -13.66
C GLY A 349 27.60 10.27 -14.00
N GLU A 350 28.56 11.16 -13.78
CA GLU A 350 29.97 10.88 -14.02
C GLU A 350 30.75 11.12 -12.74
N PHE A 351 31.59 10.16 -12.37
CA PHE A 351 32.25 10.17 -11.06
C PHE A 351 33.62 10.81 -11.20
N PHE A 352 33.71 12.09 -10.80
CA PHE A 352 34.99 12.79 -10.82
C PHE A 352 35.76 12.49 -9.54
N TYR A 353 37.07 12.32 -9.68
CA TYR A 353 37.97 12.24 -8.53
C TYR A 353 38.87 13.47 -8.60
N CYS A 354 38.41 14.59 -8.03
CA CYS A 354 39.05 15.86 -8.28
C CYS A 354 39.97 16.24 -7.13
N ASN A 355 41.24 16.45 -7.45
CA ASN A 355 42.27 16.70 -6.47
C ASN A 355 42.03 18.02 -5.73
N THR A 356 42.42 18.03 -4.46
CA THR A 356 42.54 19.27 -3.71
C THR A 356 43.97 19.44 -3.24
N SER A 357 44.94 19.17 -4.11
CA SER A 357 46.34 19.28 -3.72
C SER A 357 46.70 20.72 -3.38
N GLY A 358 46.07 21.68 -4.06
CA GLY A 358 46.44 23.07 -3.93
C GLY A 358 45.55 23.90 -3.02
N LEU A 359 44.35 23.41 -2.70
CA LEU A 359 43.45 24.18 -1.85
C LEU A 359 43.99 24.32 -0.43
N PHE A 360 44.55 23.26 0.13
CA PHE A 360 45.00 23.25 1.52
C PHE A 360 46.51 23.43 1.64
N ASN A 361 47.09 24.26 0.78
CA ASN A 361 48.53 24.53 0.80
C ASN A 361 48.73 25.99 1.23
N SER A 362 48.75 26.21 2.55
CA SER A 362 48.95 27.55 3.08
C SER A 362 49.31 27.50 4.56
N THR A 363 50.43 28.12 4.94
CA THR A 363 50.83 28.20 6.33
C THR A 363 50.31 29.50 6.93
N TRP A 364 49.67 29.40 8.10
CA TRP A 364 49.04 30.54 8.73
C TRP A 364 49.71 30.81 10.07
N ILE A 365 49.69 32.09 10.48
CA ILE A 365 50.34 32.53 11.70
C ILE A 365 49.34 33.33 12.52
N SER A 366 49.64 33.46 13.81
CA SER A 366 48.78 34.20 14.73
C SER A 366 49.00 35.71 14.58
N ILE A 382 40.38 28.84 -7.06
CA ILE A 382 41.54 28.18 -7.64
C ILE A 382 41.09 27.10 -8.61
N THR A 383 41.81 26.95 -9.71
CA THR A 383 41.49 25.93 -10.70
C THR A 383 41.98 24.59 -10.21
N LEU A 384 41.07 23.62 -10.09
CA LEU A 384 41.40 22.27 -9.67
C LEU A 384 41.41 21.38 -10.89
N PRO A 385 42.58 20.91 -11.35
CA PRO A 385 42.62 19.95 -12.46
C PRO A 385 42.38 18.54 -11.95
N CYS A 386 41.59 17.77 -12.69
CA CYS A 386 41.12 16.51 -12.15
C CYS A 386 40.61 15.60 -13.25
N ARG A 387 40.42 14.34 -12.88
CA ARG A 387 40.18 13.25 -13.81
C ARG A 387 38.95 12.44 -13.37
N ILE A 388 38.65 11.41 -14.14
CA ILE A 388 37.48 10.57 -13.95
C ILE A 388 37.93 9.12 -13.92
N LYS A 389 37.15 8.29 -13.25
CA LYS A 389 37.35 6.83 -13.25
C LYS A 389 36.00 6.18 -13.38
N GLN A 390 35.82 5.40 -14.46
CA GLN A 390 34.51 4.82 -14.74
C GLN A 390 34.25 3.53 -13.97
N ILE A 391 35.27 2.94 -13.37
CA ILE A 391 35.12 1.78 -12.50
C ILE A 391 35.35 2.27 -11.08
N ILE A 392 34.29 2.26 -10.27
CA ILE A 392 34.33 2.85 -8.93
C ILE A 392 33.99 1.79 -7.90
N ASN A 393 34.59 1.93 -6.73
CA ASN A 393 34.34 1.06 -5.59
C ASN A 393 33.62 1.89 -4.54
N MET A 394 32.31 1.93 -4.64
CA MET A 394 31.52 2.72 -3.71
C MET A 394 31.50 2.08 -2.33
N TRP A 395 31.45 2.93 -1.30
CA TRP A 395 31.27 2.55 0.09
C TRP A 395 32.43 1.74 0.65
N GLN A 396 33.53 1.64 -0.09
CA GLN A 396 34.76 0.98 0.36
C GLN A 396 34.49 -0.47 0.76
N ARG A 397 34.08 -1.26 -0.22
CA ARG A 397 33.93 -2.70 -0.05
C ARG A 397 34.49 -3.40 -1.28
N ILE A 398 34.92 -4.64 -1.08
CA ILE A 398 35.58 -5.41 -2.13
C ILE A 398 34.54 -6.20 -2.91
N GLY A 399 33.27 -5.88 -2.70
CA GLY A 399 32.19 -6.56 -3.39
C GLY A 399 32.03 -6.08 -4.82
N GLN A 400 30.78 -5.96 -5.28
CA GLN A 400 30.54 -5.53 -6.65
C GLN A 400 30.94 -4.08 -6.83
N ALA A 401 31.59 -3.78 -7.95
CA ALA A 401 31.98 -2.43 -8.32
C ALA A 401 31.15 -2.01 -9.53
N MET A 402 30.62 -0.80 -9.49
CA MET A 402 29.68 -0.34 -10.50
C MET A 402 30.41 0.45 -11.58
N TYR A 403 30.03 0.20 -12.83
CA TYR A 403 30.65 0.82 -13.99
C TYR A 403 29.82 2.04 -14.41
N ALA A 404 30.45 3.20 -14.46
CA ALA A 404 29.75 4.44 -14.76
C ALA A 404 29.34 4.47 -16.22
N PRO A 405 28.05 4.62 -16.54
CA PRO A 405 27.66 4.77 -17.94
C PRO A 405 28.16 6.09 -18.50
N PRO A 406 28.45 6.14 -19.79
CA PRO A 406 28.93 7.40 -20.37
C PRO A 406 27.86 8.48 -20.35
N ILE A 407 28.31 9.73 -20.26
CA ILE A 407 27.43 10.89 -20.28
C ILE A 407 27.70 11.67 -21.55
N GLN A 408 26.67 11.86 -22.36
CA GLN A 408 26.82 12.56 -23.63
C GLN A 408 26.81 14.07 -23.41
N GLY A 409 27.72 14.75 -24.10
CA GLY A 409 27.83 16.19 -24.00
C GLY A 409 28.69 16.64 -22.85
N VAL A 410 28.84 17.96 -22.73
CA VAL A 410 29.62 18.54 -21.66
C VAL A 410 28.86 18.42 -20.35
N ILE A 411 29.54 17.94 -19.31
CA ILE A 411 28.94 17.77 -17.99
C ILE A 411 29.47 18.87 -17.09
N ARG A 412 28.59 19.78 -16.68
CA ARG A 412 28.94 20.88 -15.79
C ARG A 412 27.98 20.92 -14.61
N CYS A 413 28.48 21.33 -13.45
CA CYS A 413 27.63 21.39 -12.28
C CYS A 413 28.15 22.39 -11.27
N VAL A 414 27.20 23.01 -10.56
CA VAL A 414 27.47 23.92 -9.45
C VAL A 414 27.12 23.23 -8.15
N SER A 415 27.95 23.42 -7.13
CA SER A 415 27.71 22.78 -5.83
C SER A 415 28.10 23.70 -4.68
N ASN A 416 27.61 23.32 -3.49
CA ASN A 416 27.71 24.10 -2.26
C ASN A 416 28.73 23.42 -1.34
N ILE A 417 30.00 23.83 -1.44
CA ILE A 417 30.98 23.35 -0.46
C ILE A 417 30.61 23.98 0.88
N THR A 418 30.12 23.16 1.81
CA THR A 418 29.71 23.65 3.12
C THR A 418 30.37 22.95 4.29
N GLY A 419 30.95 21.78 4.10
CA GLY A 419 31.56 21.04 5.18
C GLY A 419 32.91 20.47 4.79
N LEU A 420 33.83 20.52 5.73
CA LEU A 420 35.20 20.05 5.54
C LEU A 420 35.46 18.90 6.52
N ILE A 421 36.24 17.92 6.08
CA ILE A 421 36.65 16.82 6.93
C ILE A 421 38.16 16.92 7.11
N LEU A 422 38.60 17.03 8.36
CA LEU A 422 40.01 17.27 8.66
C LEU A 422 40.53 16.20 9.61
N THR A 423 41.74 15.72 9.32
CA THR A 423 42.43 14.75 10.16
C THR A 423 43.63 15.44 10.79
N ARG A 424 43.62 15.55 12.11
CA ARG A 424 44.66 16.28 12.82
C ARG A 424 46.02 15.61 12.63
N ASP A 425 47.06 16.43 12.53
CA ASP A 425 48.42 15.92 12.39
C ASP A 425 48.87 15.25 13.69
N GLY A 426 49.87 14.39 13.57
CA GLY A 426 50.41 13.72 14.73
C GLY A 426 51.22 14.66 15.60
N GLY A 427 51.56 14.15 16.79
CA GLY A 427 52.34 14.91 17.74
C GLY A 427 52.33 14.32 19.13
N THR A 429 57.03 15.69 21.09
CA THR A 429 56.74 16.87 20.30
C THR A 429 55.41 17.49 20.70
N ASN A 430 55.46 18.74 21.20
CA ASN A 430 54.26 19.42 21.64
C ASN A 430 54.47 20.92 21.57
N SER A 431 53.36 21.65 21.54
CA SER A 431 53.35 23.13 21.58
C SER A 431 54.21 23.73 20.47
N THR A 432 54.12 23.16 19.27
CA THR A 432 54.84 23.68 18.12
C THR A 432 53.91 24.22 17.06
N THR A 433 52.99 23.39 16.54
CA THR A 433 52.05 23.79 15.50
C THR A 433 51.06 22.64 15.31
N GLU A 434 50.12 22.83 14.39
CA GLU A 434 49.14 21.81 14.07
C GLU A 434 48.87 21.83 12.57
N THR A 435 48.75 20.64 11.97
CA THR A 435 48.48 20.50 10.54
C THR A 435 47.18 19.72 10.38
N PHE A 436 46.39 20.10 9.38
CA PHE A 436 45.02 19.61 9.22
C PHE A 436 44.78 19.11 7.81
N ARG A 437 45.65 18.23 7.34
CA ARG A 437 45.48 17.65 6.02
C ARG A 437 44.12 16.96 5.92
N PRO A 438 43.39 17.14 4.82
CA PRO A 438 42.06 16.55 4.73
C PRO A 438 42.09 15.04 4.67
N GLY A 439 41.06 14.43 5.22
CA GLY A 439 40.93 12.98 5.25
C GLY A 439 39.55 12.52 4.82
N GLY A 440 38.90 11.74 5.67
CA GLY A 440 37.56 11.28 5.38
C GLY A 440 37.52 10.00 4.57
N GLY A 441 36.48 9.84 3.76
CA GLY A 441 36.31 8.61 3.00
C GLY A 441 35.26 7.73 3.62
N ASP A 442 35.23 7.69 4.95
CA ASP A 442 34.20 6.96 5.67
C ASP A 442 32.86 7.64 5.45
N MET A 443 31.96 6.96 4.72
CA MET A 443 30.70 7.59 4.35
C MET A 443 29.83 7.89 5.56
N ARG A 444 29.96 7.12 6.64
CA ARG A 444 29.22 7.41 7.85
C ARG A 444 29.63 8.74 8.43
N ASP A 445 30.91 9.12 8.28
CA ASP A 445 31.34 10.45 8.70
C ASP A 445 30.62 11.53 7.90
N ASN A 446 30.44 11.30 6.60
CA ASN A 446 29.69 12.24 5.78
C ASN A 446 28.23 12.33 6.24
N TRP A 447 27.62 11.19 6.55
CA TRP A 447 26.24 11.21 7.04
C TRP A 447 26.13 11.96 8.36
N ARG A 448 27.11 11.77 9.24
CA ARG A 448 27.02 12.32 10.60
C ARG A 448 26.93 13.84 10.61
N SER A 449 27.35 14.51 9.54
CA SER A 449 27.24 15.97 9.49
C SER A 449 25.79 16.41 9.37
N GLU A 450 24.99 15.69 8.56
CA GLU A 450 23.59 16.06 8.37
C GLU A 450 22.73 15.65 9.55
N LEU A 451 23.04 14.51 10.18
CA LEU A 451 22.26 14.00 11.30
C LEU A 451 22.92 14.30 12.64
N TYR A 452 23.58 15.46 12.76
CA TYR A 452 24.29 15.82 13.98
C TYR A 452 23.36 16.30 15.08
N LYS A 453 22.12 16.66 14.75
CA LYS A 453 21.24 17.34 15.69
C LYS A 453 19.96 16.55 15.95
N TYR A 454 20.02 15.22 15.89
CA TYR A 454 18.87 14.38 16.15
C TYR A 454 19.27 13.21 17.04
N LYS A 455 18.31 12.79 17.87
CA LYS A 455 18.44 11.54 18.61
C LYS A 455 17.07 10.86 18.67
N VAL A 456 17.07 9.54 18.61
CA VAL A 456 15.84 8.76 18.64
C VAL A 456 15.59 8.36 20.09
N VAL A 457 14.43 8.75 20.62
CA VAL A 457 14.13 8.50 22.03
C VAL A 457 12.80 7.77 22.13
N LYS A 458 12.72 6.83 23.07
CA LYS A 458 11.50 6.06 23.33
C LYS A 458 10.77 6.69 24.50
N ILE A 459 9.52 7.06 24.28
CA ILE A 459 8.70 7.66 25.32
C ILE A 459 7.94 6.56 26.05
N GLU A 460 7.97 6.61 27.37
CA GLU A 460 7.45 5.55 28.24
C GLU A 460 6.47 6.17 29.22
N PRO A 461 5.30 6.59 28.75
CA PRO A 461 4.36 7.32 29.62
C PRO A 461 3.59 6.40 30.57
N LEU A 462 4.32 5.79 31.50
CA LEU A 462 3.71 4.97 32.53
C LEU A 462 4.38 5.19 33.88
N GLY A 463 4.90 6.39 34.13
CA GLY A 463 5.62 6.65 35.35
C GLY A 463 4.74 6.55 36.58
N VAL A 464 5.39 6.30 37.71
CA VAL A 464 4.72 6.24 39.00
C VAL A 464 5.29 7.35 39.87
N ALA A 465 4.60 7.63 40.98
CA ALA A 465 5.03 8.68 41.89
C ALA A 465 4.45 8.39 43.26
N PRO A 466 5.01 8.95 44.32
CA PRO A 466 4.37 8.86 45.64
C PRO A 466 3.54 10.09 45.96
N THR A 467 2.46 9.90 46.71
CA THR A 467 1.60 10.99 47.11
C THR A 467 0.76 10.55 48.28
N ARG A 468 0.02 11.51 48.87
CA ARG A 468 -0.85 11.23 50.01
C ARG A 468 -2.26 10.95 49.47
N CYS A 469 -2.43 9.73 48.95
CA CYS A 469 -3.72 9.32 48.40
C CYS A 469 -3.84 7.82 48.54
N LYS A 470 -4.96 7.36 49.09
CA LYS A 470 -5.22 5.94 49.29
C LYS A 470 -6.56 5.58 48.67
N ARG A 471 -6.58 4.50 47.90
CA ARG A 471 -7.82 4.02 47.31
C ARG A 471 -8.73 3.46 48.39
N ARG A 472 -10.01 3.78 48.32
CA ARG A 472 -10.99 3.31 49.30
C ARG A 472 -11.19 1.80 49.21
N ASN B 3 -23.89 -20.70 49.25
CA ASN B 3 -24.30 -20.00 48.04
C ASN B 3 -23.11 -19.37 47.34
N LEU B 4 -22.91 -19.72 46.08
CA LEU B 4 -21.80 -19.22 45.28
C LEU B 4 -22.27 -18.08 44.37
N TRP B 5 -21.30 -17.35 43.83
CA TRP B 5 -21.55 -16.24 42.93
C TRP B 5 -20.73 -16.39 41.66
N VAL B 6 -21.31 -15.94 40.55
CA VAL B 6 -20.66 -16.01 39.25
C VAL B 6 -19.57 -14.96 39.18
N THR B 7 -18.40 -15.35 38.67
CA THR B 7 -17.31 -14.41 38.40
C THR B 7 -16.71 -14.73 37.04
N VAL B 8 -16.44 -13.69 36.27
CA VAL B 8 -15.91 -13.84 34.92
C VAL B 8 -14.41 -13.56 34.93
N TYR B 9 -13.66 -14.44 34.29
CA TYR B 9 -12.22 -14.34 34.16
C TYR B 9 -11.87 -14.10 32.70
N TYR B 10 -10.84 -13.29 32.46
CA TYR B 10 -10.45 -12.93 31.11
C TYR B 10 -8.96 -13.26 30.90
N GLY B 11 -8.57 -14.44 31.36
CA GLY B 11 -7.25 -14.96 31.07
C GLY B 11 -7.32 -16.45 30.84
N VAL B 12 -8.55 -16.96 30.80
CA VAL B 12 -8.78 -18.41 30.73
C VAL B 12 -8.16 -18.96 29.46
N PRO B 13 -7.50 -20.11 29.49
CA PRO B 13 -6.88 -20.64 28.27
C PRO B 13 -7.78 -21.52 27.42
N VAL B 14 -9.10 -21.49 27.65
CA VAL B 14 -10.01 -22.31 26.87
C VAL B 14 -9.93 -21.91 25.39
N TRP B 15 -9.99 -22.92 24.52
CA TRP B 15 -9.98 -22.71 23.08
C TRP B 15 -11.09 -23.54 22.45
N LYS B 16 -11.45 -23.17 21.23
CA LYS B 16 -12.41 -23.94 20.45
C LYS B 16 -11.98 -23.93 18.98
N ASP B 17 -12.22 -25.03 18.29
CA ASP B 17 -11.75 -25.16 16.93
C ASP B 17 -12.46 -24.19 15.98
N ALA B 18 -11.69 -23.64 15.04
CA ALA B 18 -12.22 -22.70 14.06
C ALA B 18 -11.24 -22.59 12.91
N GLU B 19 -11.74 -22.09 11.79
CA GLU B 19 -10.93 -21.88 10.59
C GLU B 19 -10.48 -20.44 10.49
N THR B 20 -9.42 -20.22 9.72
CA THR B 20 -8.81 -18.90 9.57
C THR B 20 -7.83 -18.96 8.41
N THR B 21 -7.75 -17.87 7.64
CA THR B 21 -6.79 -17.81 6.55
C THR B 21 -5.39 -17.63 7.13
N LEU B 22 -4.67 -18.74 7.33
CA LEU B 22 -3.29 -18.67 7.78
C LEU B 22 -2.43 -18.01 6.70
N PHE B 23 -1.52 -17.14 7.13
CA PHE B 23 -0.64 -16.44 6.21
C PHE B 23 0.69 -17.16 6.13
N CYS B 24 1.13 -17.45 4.91
CA CYS B 24 2.38 -18.15 4.70
C CYS B 24 3.56 -17.34 5.22
N ALA B 25 4.64 -18.03 5.58
CA ALA B 25 5.88 -17.36 5.97
C ALA B 25 7.01 -18.34 5.67
N SER B 26 7.80 -18.03 4.65
CA SER B 26 8.93 -18.88 4.35
C SER B 26 10.08 -18.59 5.31
N ASP B 27 11.01 -19.54 5.38
CA ASP B 27 12.20 -19.34 6.19
C ASP B 27 12.99 -18.13 5.66
N ALA B 28 13.91 -17.65 6.51
CA ALA B 28 14.68 -16.47 6.14
C ALA B 28 15.45 -16.67 4.85
N LYS B 29 16.21 -17.77 4.75
CA LYS B 29 17.12 -18.03 3.64
C LYS B 29 16.45 -17.92 2.27
N ALA B 30 15.12 -17.88 2.21
CA ALA B 30 14.43 -17.68 0.94
C ALA B 30 14.83 -16.38 0.26
N TYR B 31 15.34 -15.40 1.01
CA TYR B 31 15.81 -14.17 0.38
C TYR B 31 16.91 -14.47 -0.64
N GLU B 32 17.70 -15.51 -0.38
CA GLU B 32 18.77 -15.87 -1.31
C GLU B 32 18.22 -16.59 -2.54
N THR B 33 17.02 -17.16 -2.44
CA THR B 33 16.42 -17.90 -3.55
C THR B 33 15.33 -17.10 -4.26
N LYS B 34 14.55 -16.32 -3.51
CA LYS B 34 13.46 -15.54 -4.09
C LYS B 34 13.95 -14.49 -5.08
N LYS B 35 15.25 -14.18 -5.09
CA LYS B 35 15.80 -13.31 -6.11
C LYS B 35 15.60 -13.88 -7.51
N HIS B 36 15.42 -15.18 -7.64
CA HIS B 36 15.20 -15.82 -8.93
C HIS B 36 13.73 -15.86 -9.33
N ASN B 37 12.84 -15.26 -8.52
CA ASN B 37 11.39 -15.27 -8.76
C ASN B 37 10.89 -16.72 -8.90
N VAL B 38 11.35 -17.56 -7.97
CA VAL B 38 11.05 -18.99 -7.97
C VAL B 38 9.69 -19.27 -7.34
N TRP B 39 9.26 -20.53 -7.43
CA TRP B 39 8.11 -21.06 -6.70
C TRP B 39 8.16 -20.65 -5.24
N ALA B 40 9.36 -20.47 -4.70
CA ALA B 40 9.52 -20.28 -3.26
C ALA B 40 8.92 -18.95 -2.84
N THR B 41 7.64 -18.98 -2.47
CA THR B 41 6.88 -17.81 -2.04
C THR B 41 6.99 -16.64 -3.01
N HIS B 42 6.64 -15.46 -2.53
CA HIS B 42 6.61 -14.23 -3.32
C HIS B 42 6.57 -13.07 -2.34
N ALA B 43 6.20 -11.89 -2.84
CA ALA B 43 5.97 -10.74 -1.99
C ALA B 43 4.79 -10.97 -1.04
N CYS B 44 4.17 -12.15 -1.11
CA CYS B 44 3.02 -12.49 -0.29
C CYS B 44 3.50 -12.98 1.07
N VAL B 45 3.94 -12.02 1.90
CA VAL B 45 4.34 -12.25 3.29
C VAL B 45 5.46 -13.28 3.34
N PRO B 46 6.69 -12.93 2.93
CA PRO B 46 7.85 -13.79 3.19
C PRO B 46 8.51 -13.48 4.54
N THR B 47 7.70 -13.42 5.59
CA THR B 47 8.18 -12.98 6.89
C THR B 47 9.11 -14.04 7.51
N ASP B 48 10.11 -13.57 8.25
CA ASP B 48 11.04 -14.46 8.93
C ASP B 48 10.34 -15.13 10.10
N PRO B 49 10.25 -16.47 10.12
CA PRO B 49 9.62 -17.15 11.25
C PRO B 49 10.62 -17.60 12.30
N ASN B 50 10.08 -17.97 13.46
CA ASN B 50 10.88 -18.51 14.57
C ASN B 50 9.99 -19.37 15.44
N PRO B 51 9.96 -20.68 15.18
CA PRO B 51 9.07 -21.56 15.94
C PRO B 51 9.51 -21.67 17.39
N GLN B 52 8.54 -21.56 18.31
CA GLN B 52 8.77 -21.65 19.74
C GLN B 52 7.75 -22.62 20.33
N GLU B 53 8.08 -23.91 20.32
CA GLU B 53 7.18 -24.93 20.84
C GLU B 53 7.02 -24.78 22.35
N ILE B 54 5.79 -24.97 22.83
CA ILE B 54 5.48 -24.91 24.25
C ILE B 54 4.63 -26.14 24.58
N HIS B 55 5.23 -27.10 25.28
CA HIS B 55 4.53 -28.33 25.63
C HIS B 55 3.44 -28.04 26.65
N LEU B 56 2.27 -28.62 26.43
CA LEU B 56 1.17 -28.55 27.38
C LEU B 56 1.26 -29.74 28.33
N GLU B 57 0.23 -29.95 29.15
CA GLU B 57 0.26 -31.07 30.08
C GLU B 57 -1.16 -31.42 30.50
N ASN B 58 -1.38 -32.70 30.75
CA ASN B 58 -2.63 -33.23 31.29
C ASN B 58 -3.83 -32.88 30.43
N VAL B 59 -3.63 -32.60 29.14
CA VAL B 59 -4.69 -32.18 28.25
C VAL B 59 -4.65 -33.02 26.98
N THR B 60 -5.81 -33.51 26.56
CA THR B 60 -5.94 -34.29 25.33
C THR B 60 -6.97 -33.61 24.42
N GLU B 61 -6.55 -33.33 23.20
CA GLU B 61 -7.42 -32.73 22.20
C GLU B 61 -7.73 -33.76 21.12
N GLU B 62 -8.95 -33.71 20.59
CA GLU B 62 -9.43 -34.70 19.62
C GLU B 62 -9.10 -34.19 18.21
N PHE B 63 -7.96 -34.61 17.69
CA PHE B 63 -7.59 -34.21 16.35
C PHE B 63 -8.35 -35.05 15.31
N ASN B 64 -8.44 -34.50 14.10
CA ASN B 64 -9.03 -35.21 12.97
C ASN B 64 -8.37 -34.65 11.71
N MET B 65 -7.34 -35.35 11.22
CA MET B 65 -6.63 -34.86 10.04
C MET B 65 -7.52 -34.90 8.81
N TRP B 66 -8.48 -35.83 8.78
CA TRP B 66 -9.50 -35.82 7.73
C TRP B 66 -10.52 -34.73 8.01
N LYS B 67 -10.99 -34.09 6.93
CA LYS B 67 -11.90 -32.95 7.03
C LYS B 67 -11.29 -31.85 7.89
N ASN B 68 -10.04 -31.54 7.63
CA ASN B 68 -9.31 -30.47 8.32
C ASN B 68 -9.14 -29.31 7.36
N ASN B 69 -9.70 -28.16 7.71
CA ASN B 69 -9.76 -27.02 6.80
C ASN B 69 -8.39 -26.49 6.38
N MET B 70 -7.36 -26.70 7.21
CA MET B 70 -6.06 -26.12 6.91
C MET B 70 -5.46 -26.68 5.63
N VAL B 71 -5.73 -27.96 5.34
CA VAL B 71 -5.19 -28.53 4.11
C VAL B 71 -5.86 -27.90 2.89
N GLU B 72 -7.17 -27.65 2.96
CA GLU B 72 -7.84 -26.94 1.88
C GLU B 72 -7.30 -25.53 1.73
N GLN B 73 -7.07 -24.85 2.85
CA GLN B 73 -6.52 -23.49 2.82
C GLN B 73 -5.15 -23.47 2.14
N MET B 74 -4.27 -24.39 2.52
CA MET B 74 -2.93 -24.38 1.96
C MET B 74 -2.91 -24.90 0.53
N HIS B 75 -3.83 -25.78 0.16
CA HIS B 75 -3.97 -26.15 -1.25
C HIS B 75 -4.39 -24.96 -2.10
N THR B 76 -5.35 -24.18 -1.61
CA THR B 76 -5.73 -22.96 -2.31
C THR B 76 -4.56 -21.99 -2.39
N ASP B 77 -3.80 -21.86 -1.30
CA ASP B 77 -2.63 -20.99 -1.30
C ASP B 77 -1.60 -21.43 -2.33
N ILE B 78 -1.36 -22.75 -2.43
CA ILE B 78 -0.39 -23.24 -3.41
C ILE B 78 -0.86 -22.99 -4.84
N ILE B 79 -2.15 -23.21 -5.11
CA ILE B 79 -2.65 -22.93 -6.46
C ILE B 79 -2.53 -21.44 -6.77
N SER B 80 -2.84 -20.59 -5.78
CA SER B 80 -2.69 -19.15 -5.98
C SER B 80 -1.25 -18.77 -6.27
N LEU B 81 -0.30 -19.35 -5.53
CA LEU B 81 1.11 -19.07 -5.76
C LEU B 81 1.54 -19.52 -7.15
N TRP B 82 1.08 -20.71 -7.56
CA TRP B 82 1.40 -21.22 -8.89
C TRP B 82 0.88 -20.30 -9.98
N ASP B 83 -0.38 -19.89 -9.88
CA ASP B 83 -0.95 -19.04 -10.91
C ASP B 83 -0.35 -17.64 -10.88
N GLN B 84 0.07 -17.17 -9.71
CA GLN B 84 0.76 -15.89 -9.63
C GLN B 84 2.10 -15.95 -10.34
N SER B 85 2.83 -17.06 -10.17
CA SER B 85 4.10 -17.22 -10.87
C SER B 85 3.88 -17.37 -12.38
N LEU B 86 2.83 -18.08 -12.77
CA LEU B 86 2.59 -18.37 -14.19
C LEU B 86 2.02 -17.18 -14.96
N LYS B 87 1.24 -16.32 -14.29
CA LYS B 87 0.45 -15.31 -14.99
C LYS B 87 1.29 -14.36 -15.83
N PRO B 88 2.39 -13.77 -15.34
CA PRO B 88 3.13 -12.80 -16.18
C PRO B 88 3.68 -13.39 -17.47
N CYS B 89 3.89 -14.71 -17.53
CA CYS B 89 4.48 -15.32 -18.70
C CYS B 89 3.55 -15.24 -19.90
N VAL B 90 4.11 -15.54 -21.08
CA VAL B 90 3.44 -15.33 -22.35
C VAL B 90 2.62 -16.56 -22.73
N LYS B 91 1.37 -16.32 -23.13
CA LYS B 91 0.54 -17.38 -23.65
C LYS B 91 1.00 -17.80 -25.04
N LEU B 92 0.81 -19.08 -25.37
CA LEU B 92 1.24 -19.58 -26.67
C LEU B 92 0.22 -19.27 -27.75
N THR B 93 -0.99 -19.82 -27.62
CA THR B 93 -2.09 -19.63 -28.56
C THR B 93 -1.64 -19.84 -30.01
N PRO B 94 -1.32 -21.07 -30.41
CA PRO B 94 -0.87 -21.34 -31.79
C PRO B 94 -2.03 -21.50 -32.77
N THR B 98 -2.14 -26.40 -37.58
CA THR B 98 -1.75 -27.78 -37.81
C THR B 98 -0.24 -27.90 -37.98
N LEU B 99 0.33 -28.95 -37.38
CA LEU B 99 1.77 -29.20 -37.44
C LEU B 99 2.00 -30.53 -38.15
N GLN B 100 2.90 -30.51 -39.14
CA GLN B 100 3.23 -31.71 -39.92
C GLN B 100 4.37 -32.44 -39.22
N CYS B 101 4.10 -33.65 -38.73
CA CYS B 101 5.07 -34.37 -37.93
C CYS B 101 5.52 -35.63 -38.63
N THR B 102 6.76 -36.02 -38.35
CA THR B 102 7.35 -37.23 -38.92
C THR B 102 8.13 -37.96 -37.83
N ASN B 103 8.32 -39.26 -38.05
CA ASN B 103 9.05 -40.11 -37.10
C ASN B 103 10.55 -39.93 -37.31
N VAL B 104 11.24 -39.37 -36.31
CA VAL B 104 12.67 -39.14 -36.38
C VAL B 104 13.32 -39.75 -35.16
N THR B 105 14.36 -40.56 -35.38
CA THR B 105 15.12 -41.15 -34.30
C THR B 105 16.55 -41.38 -34.76
N ASN B 106 17.49 -41.29 -33.81
CA ASN B 106 18.90 -41.50 -34.10
C ASN B 106 19.45 -42.74 -33.39
N ASN B 107 19.29 -42.84 -32.08
CA ASN B 107 19.78 -43.99 -31.33
C ASN B 107 18.80 -44.45 -30.26
N ILE B 108 17.51 -44.13 -30.40
CA ILE B 108 16.54 -44.53 -29.40
C ILE B 108 16.28 -46.03 -29.48
N THR B 109 15.84 -46.61 -28.36
CA THR B 109 15.56 -48.03 -28.26
C THR B 109 16.75 -48.89 -28.67
N ARG B 113 10.32 -48.13 -30.62
CA ARG B 113 9.23 -47.16 -30.56
C ARG B 113 9.74 -45.76 -30.24
N GLY B 114 9.45 -44.82 -31.13
CA GLY B 114 9.89 -43.44 -30.94
C GLY B 114 8.75 -42.48 -30.65
N GLU B 115 8.69 -41.99 -29.41
CA GLU B 115 7.65 -41.03 -29.05
C GLU B 115 7.87 -39.68 -29.71
N LEU B 116 9.12 -39.26 -29.85
CA LEU B 116 9.41 -37.94 -30.40
C LEU B 116 8.93 -37.83 -31.84
N LYS B 117 8.37 -36.67 -32.17
CA LYS B 117 7.90 -36.36 -33.51
C LYS B 117 8.50 -35.04 -33.96
N ASN B 118 8.95 -34.99 -35.21
CA ASN B 118 9.55 -33.77 -35.77
C ASN B 118 8.42 -32.93 -36.36
N CYS B 119 7.84 -32.07 -35.53
CA CYS B 119 6.75 -31.23 -35.99
C CYS B 119 7.28 -30.02 -36.75
N SER B 120 6.54 -29.62 -37.78
CA SER B 120 6.91 -28.50 -38.64
C SER B 120 5.69 -27.61 -38.82
N PHE B 121 5.94 -26.30 -38.82
CA PHE B 121 4.91 -25.28 -38.97
C PHE B 121 5.55 -24.05 -39.58
N ASN B 122 4.77 -23.33 -40.38
CA ASN B 122 5.26 -22.18 -41.13
C ASN B 122 4.76 -20.89 -40.49
N MET B 123 5.69 -19.97 -40.22
CA MET B 123 5.36 -18.67 -39.66
C MET B 123 6.08 -17.58 -40.45
N THR B 124 5.51 -16.39 -40.44
CA THR B 124 6.09 -15.25 -41.15
C THR B 124 6.91 -14.38 -40.20
N VAL B 134 8.87 -22.87 -37.57
CA VAL B 134 9.68 -23.75 -38.39
C VAL B 134 9.68 -25.19 -37.87
N TYR B 135 10.79 -25.66 -37.32
CA TYR B 135 10.96 -27.06 -36.93
C TYR B 135 11.06 -27.17 -35.41
N SER B 136 10.50 -28.24 -34.87
CA SER B 136 10.60 -28.52 -33.44
C SER B 136 10.38 -30.01 -33.21
N LEU B 137 10.69 -30.46 -32.00
CA LEU B 137 10.49 -31.85 -31.59
C LEU B 137 9.48 -31.89 -30.46
N PHE B 138 8.47 -32.75 -30.59
CA PHE B 138 7.44 -32.91 -29.59
C PHE B 138 7.37 -34.39 -29.15
N TYR B 139 6.48 -34.65 -28.21
CA TYR B 139 6.28 -35.99 -27.68
C TYR B 139 4.87 -36.47 -28.01
N ARG B 140 4.71 -37.79 -28.10
CA ARG B 140 3.40 -38.35 -28.44
C ARG B 140 2.35 -38.02 -27.39
N LEU B 141 2.77 -37.87 -26.14
CA LEU B 141 1.83 -37.55 -25.06
C LEU B 141 1.31 -36.12 -25.14
N ASP B 142 1.85 -35.28 -26.02
CA ASP B 142 1.42 -33.89 -26.14
C ASP B 142 0.90 -33.59 -27.55
N VAL B 143 0.39 -34.58 -28.27
CA VAL B 143 -0.08 -34.37 -29.63
C VAL B 143 -1.02 -35.52 -29.99
N VAL B 144 -1.96 -35.24 -30.88
CA VAL B 144 -2.92 -36.22 -31.36
C VAL B 144 -3.04 -36.09 -32.87
N GLN B 145 -3.40 -37.20 -33.52
CA GLN B 145 -3.57 -37.22 -34.97
C GLN B 145 -4.92 -36.62 -35.35
N ILE B 146 -4.91 -35.81 -36.41
CA ILE B 146 -6.11 -35.16 -36.92
C ILE B 146 -6.20 -35.38 -38.41
N ASN B 147 -7.40 -35.64 -38.90
CA ASN B 147 -7.63 -35.82 -40.33
C ASN B 147 -9.09 -35.61 -40.68
N LYS B 159 1.28 -37.36 -41.91
CA LYS B 159 -0.05 -37.06 -41.41
C LYS B 159 -0.08 -35.70 -40.73
N GLU B 160 -1.25 -35.33 -40.20
CA GLU B 160 -1.44 -34.06 -39.51
C GLU B 160 -1.51 -34.31 -38.01
N TYR B 161 -0.66 -33.62 -37.26
CA TYR B 161 -0.58 -33.76 -35.81
C TYR B 161 -0.86 -32.41 -35.16
N ARG B 162 -1.78 -32.39 -34.20
CA ARG B 162 -2.13 -31.18 -33.47
C ARG B 162 -1.99 -31.45 -31.98
N LEU B 163 -1.35 -30.54 -31.27
CA LEU B 163 -1.12 -30.75 -29.84
C LEU B 163 -2.44 -30.69 -29.07
N ILE B 164 -2.50 -31.46 -27.97
CA ILE B 164 -3.76 -31.67 -27.27
C ILE B 164 -4.25 -30.34 -26.67
N ASN B 165 -5.56 -30.25 -26.47
CA ASN B 165 -6.25 -29.09 -25.91
C ASN B 165 -6.06 -27.85 -26.77
N CYS B 166 -5.88 -28.01 -28.08
CA CYS B 166 -5.50 -26.88 -28.92
C CYS B 166 -6.55 -25.80 -28.95
N ASN B 167 -7.81 -26.15 -29.18
CA ASN B 167 -8.83 -25.12 -29.40
C ASN B 167 -9.68 -24.92 -28.14
N THR B 168 -9.34 -25.56 -27.03
CA THR B 168 -10.19 -25.53 -25.86
C THR B 168 -9.54 -24.81 -24.69
N SER B 169 -8.30 -25.17 -24.39
CA SER B 169 -7.60 -24.72 -23.20
C SER B 169 -6.48 -23.78 -23.61
N ALA B 170 -6.43 -22.62 -22.98
CA ALA B 170 -5.32 -21.70 -23.20
C ALA B 170 -4.04 -22.38 -22.71
N ILE B 171 -3.16 -22.74 -23.64
CA ILE B 171 -2.00 -23.57 -23.31
C ILE B 171 -1.04 -22.80 -22.42
N THR B 172 -0.75 -21.56 -22.77
CA THR B 172 0.21 -20.72 -22.05
C THR B 172 1.57 -21.37 -21.95
N GLN B 173 2.48 -20.74 -21.21
CA GLN B 173 3.83 -21.26 -21.01
C GLN B 173 4.43 -20.60 -19.79
N ALA B 174 5.54 -21.15 -19.33
CA ALA B 174 6.25 -20.64 -18.16
C ALA B 174 7.49 -19.88 -18.60
N CYS B 175 7.79 -18.81 -17.89
CA CYS B 175 9.05 -18.12 -18.10
C CYS B 175 10.19 -19.02 -17.63
N PRO B 176 11.18 -19.31 -18.48
CA PRO B 176 12.26 -20.22 -18.05
C PRO B 176 13.06 -19.68 -16.87
N LYS B 177 12.98 -18.38 -16.59
CA LYS B 177 13.70 -17.77 -15.49
C LYS B 177 12.96 -17.86 -14.16
N VAL B 178 11.96 -18.74 -14.03
CA VAL B 178 11.27 -18.93 -12.75
C VAL B 178 11.87 -20.09 -11.96
N SER B 179 12.23 -21.18 -12.64
CA SER B 179 12.88 -22.33 -12.02
C SER B 179 12.19 -22.75 -10.73
N PHE B 180 10.93 -23.16 -10.86
CA PHE B 180 10.12 -23.53 -9.71
C PHE B 180 10.71 -24.74 -8.99
N GLU B 181 10.77 -24.66 -7.66
CA GLU B 181 11.32 -25.73 -6.83
C GLU B 181 10.71 -25.62 -5.45
N PRO B 182 10.49 -26.74 -4.76
CA PRO B 182 9.84 -26.69 -3.44
C PRO B 182 10.71 -26.01 -2.39
N ILE B 183 10.03 -25.37 -1.44
CA ILE B 183 10.69 -24.75 -0.28
C ILE B 183 9.83 -24.96 0.95
N PRO B 184 10.45 -25.05 2.11
CA PRO B 184 9.66 -24.97 3.35
C PRO B 184 8.89 -23.67 3.43
N ILE B 185 7.62 -23.77 3.82
CA ILE B 185 6.74 -22.63 3.98
C ILE B 185 6.02 -22.79 5.32
N HIS B 186 6.56 -22.19 6.37
CA HIS B 186 5.95 -22.30 7.68
C HIS B 186 4.61 -21.57 7.70
N TYR B 187 3.70 -22.07 8.52
CA TYR B 187 2.44 -21.38 8.80
C TYR B 187 2.44 -20.89 10.24
N CYS B 188 2.42 -19.57 10.40
CA CYS B 188 2.39 -18.93 11.71
C CYS B 188 0.94 -18.58 12.03
N ALA B 189 0.50 -18.96 13.22
CA ALA B 189 -0.86 -18.65 13.64
C ALA B 189 -1.05 -17.13 13.70
N PRO B 190 -2.25 -16.65 13.37
CA PRO B 190 -2.50 -15.20 13.48
C PRO B 190 -2.48 -14.74 14.93
N ALA B 191 -2.76 -13.46 15.15
CA ALA B 191 -2.56 -12.88 16.47
C ALA B 191 -3.44 -13.55 17.52
N GLY B 192 -4.70 -13.83 17.20
CA GLY B 192 -5.64 -14.36 18.16
C GLY B 192 -5.83 -15.86 18.17
N PHE B 193 -5.16 -16.59 17.28
CA PHE B 193 -5.36 -18.03 17.15
C PHE B 193 -4.09 -18.77 17.53
N ALA B 194 -4.24 -20.07 17.78
CA ALA B 194 -3.13 -20.94 18.15
C ALA B 194 -3.11 -22.16 17.24
N ILE B 195 -1.93 -22.72 17.01
CA ILE B 195 -1.77 -23.91 16.20
C ILE B 195 -1.31 -25.04 17.12
N LEU B 196 -2.19 -26.00 17.36
CA LEU B 196 -1.85 -27.15 18.16
C LEU B 196 -1.10 -28.18 17.30
N LYS B 197 -0.43 -29.11 17.99
CA LYS B 197 0.25 -30.18 17.29
C LYS B 197 0.28 -31.41 18.19
N CYS B 198 0.32 -32.58 17.56
CA CYS B 198 0.33 -33.87 18.24
C CYS B 198 1.76 -34.39 18.25
N LYS B 199 2.47 -34.15 19.36
CA LYS B 199 3.83 -34.66 19.51
C LYS B 199 3.87 -36.16 19.71
N ASP B 200 2.71 -36.81 19.92
CA ASP B 200 2.68 -38.26 20.07
C ASP B 200 3.32 -38.93 18.86
N LYS B 201 4.24 -39.86 19.13
CA LYS B 201 5.01 -40.46 18.05
C LYS B 201 4.14 -41.36 17.17
N LYS B 202 3.34 -42.22 17.79
CA LYS B 202 2.49 -43.16 17.05
C LYS B 202 1.10 -42.55 16.90
N PHE B 203 1.02 -41.51 16.09
CA PHE B 203 -0.26 -40.83 15.89
C PHE B 203 -1.22 -41.72 15.10
N ASN B 204 -2.40 -41.94 15.69
CA ASN B 204 -3.43 -42.72 15.02
C ASN B 204 -3.91 -42.07 13.74
N GLY B 205 -3.96 -40.74 13.71
CA GLY B 205 -4.56 -40.02 12.61
C GLY B 205 -5.93 -39.46 12.92
N THR B 206 -6.55 -39.87 14.01
CA THR B 206 -7.84 -39.36 14.43
C THR B 206 -8.00 -39.65 15.92
N GLY B 207 -8.90 -38.91 16.56
CA GLY B 207 -9.21 -39.15 17.95
C GLY B 207 -8.34 -38.34 18.88
N PRO B 208 -8.38 -38.66 20.17
CA PRO B 208 -7.60 -37.90 21.14
C PRO B 208 -6.10 -38.09 20.95
N CYS B 209 -5.35 -37.03 21.23
CA CYS B 209 -3.89 -37.07 21.20
C CYS B 209 -3.36 -36.67 22.57
N PRO B 210 -2.88 -37.63 23.38
CA PRO B 210 -2.44 -37.27 24.74
C PRO B 210 -1.23 -36.34 24.78
N SER B 211 -0.46 -36.26 23.70
CA SER B 211 0.74 -35.43 23.66
C SER B 211 0.50 -34.27 22.70
N VAL B 212 -0.07 -33.19 23.24
CA VAL B 212 -0.44 -32.02 22.46
C VAL B 212 0.41 -30.83 22.91
N SER B 213 0.77 -29.97 21.97
CA SER B 213 1.59 -28.81 22.27
C SER B 213 1.31 -27.69 21.29
N THR B 214 1.24 -26.47 21.79
CA THR B 214 1.04 -25.30 20.96
C THR B 214 2.34 -24.90 20.28
N VAL B 215 2.23 -24.35 19.08
CA VAL B 215 3.39 -23.98 18.27
C VAL B 215 3.06 -22.69 17.53
N GLN B 216 3.96 -21.71 17.62
CA GLN B 216 3.73 -20.42 16.96
C GLN B 216 3.71 -20.57 15.44
N CYS B 217 4.65 -21.35 14.89
CA CYS B 217 4.80 -21.48 13.45
C CYS B 217 5.12 -22.92 13.09
N THR B 218 4.37 -23.47 12.13
CA THR B 218 4.53 -24.86 11.76
C THR B 218 5.94 -25.10 11.18
N HIS B 219 6.26 -26.39 11.02
CA HIS B 219 7.59 -26.80 10.59
C HIS B 219 7.75 -26.56 9.09
N GLY B 220 8.84 -27.06 8.53
CA GLY B 220 9.17 -26.82 7.14
C GLY B 220 8.31 -27.61 6.18
N ILE B 221 7.02 -27.28 6.09
CA ILE B 221 6.13 -27.95 5.16
C ILE B 221 6.56 -27.67 3.74
N LYS B 222 6.64 -28.73 2.93
CA LYS B 222 7.17 -28.61 1.58
C LYS B 222 6.12 -28.98 0.55
N PRO B 223 6.00 -28.20 -0.53
CA PRO B 223 5.07 -28.53 -1.63
C PRO B 223 5.59 -29.67 -2.50
N VAL B 224 5.22 -30.90 -2.11
CA VAL B 224 5.74 -32.08 -2.76
C VAL B 224 5.33 -32.13 -4.23
N VAL B 225 4.10 -31.72 -4.53
CA VAL B 225 3.46 -31.82 -5.85
C VAL B 225 3.90 -33.12 -6.54
N SER B 226 3.60 -34.25 -5.93
CA SER B 226 3.94 -35.56 -6.47
C SER B 226 2.73 -36.47 -6.36
N THR B 227 2.66 -37.44 -7.27
CA THR B 227 1.52 -38.32 -7.40
C THR B 227 1.91 -39.76 -7.11
N GLN B 228 1.05 -40.46 -6.35
CA GLN B 228 1.13 -41.90 -6.13
C GLN B 228 2.35 -42.28 -5.28
N LEU B 229 3.22 -41.30 -5.02
CA LEU B 229 4.35 -41.44 -4.10
C LEU B 229 4.63 -40.07 -3.52
N LEU B 230 5.29 -40.06 -2.37
CA LEU B 230 5.60 -38.82 -1.66
C LEU B 230 7.10 -38.60 -1.65
N LEU B 231 7.54 -37.45 -2.16
CA LEU B 231 8.95 -37.15 -2.35
C LEU B 231 9.36 -36.07 -1.36
N ASN B 232 10.54 -36.23 -0.77
CA ASN B 232 11.04 -35.32 0.26
C ASN B 232 9.97 -35.07 1.32
N GLY B 233 9.38 -36.15 1.81
CA GLY B 233 8.30 -36.08 2.76
C GLY B 233 8.80 -35.98 4.19
N SER B 234 7.89 -36.23 5.12
CA SER B 234 8.17 -36.22 6.54
C SER B 234 8.25 -37.67 7.03
N LEU B 235 9.36 -38.01 7.66
CA LEU B 235 9.54 -39.36 8.19
C LEU B 235 8.84 -39.51 9.55
N ALA B 236 8.45 -40.73 9.86
CA ALA B 236 7.91 -41.06 11.16
C ALA B 236 9.04 -41.46 12.10
N GLU B 237 8.70 -41.98 13.29
CA GLU B 237 9.71 -42.35 14.26
C GLU B 237 9.48 -43.74 14.86
N GLU B 238 8.47 -44.46 14.40
CA GLU B 238 8.25 -45.85 14.78
C GLU B 238 7.82 -46.59 13.52
N GLU B 239 7.25 -47.78 13.69
CA GLU B 239 6.78 -48.59 12.57
C GLU B 239 5.97 -47.74 11.59
N VAL B 240 6.11 -48.07 10.30
CA VAL B 240 5.52 -47.26 9.23
C VAL B 240 4.05 -47.03 9.52
N MET B 241 3.62 -45.78 9.43
CA MET B 241 2.30 -45.38 9.89
C MET B 241 1.26 -45.58 8.80
N ILE B 242 0.10 -46.09 9.20
CA ILE B 242 -1.05 -46.25 8.32
C ILE B 242 -2.16 -45.34 8.82
N ARG B 243 -2.86 -44.69 7.90
CA ARG B 243 -3.91 -43.78 8.32
C ARG B 243 -4.97 -43.65 7.22
N SER B 244 -6.22 -43.50 7.65
CA SER B 244 -7.36 -43.37 6.76
C SER B 244 -8.61 -43.14 7.61
N GLU B 245 -9.62 -42.52 7.00
CA GLU B 245 -10.88 -42.30 7.70
C GLU B 245 -11.51 -43.64 8.10
N ASN B 246 -11.86 -44.45 7.11
CA ASN B 246 -11.88 -45.91 7.25
C ASN B 246 -10.67 -46.55 6.61
N ILE B 247 -10.09 -47.52 7.32
CA ILE B 247 -9.36 -48.59 6.67
C ILE B 247 -10.33 -49.65 6.16
N THR B 248 -11.58 -49.62 6.62
CA THR B 248 -12.59 -50.59 6.21
C THR B 248 -13.13 -50.28 4.82
N ASN B 249 -13.75 -49.11 4.67
CA ASN B 249 -14.31 -48.73 3.38
C ASN B 249 -13.21 -48.55 2.35
N ASN B 250 -13.46 -49.05 1.14
CA ASN B 250 -12.48 -48.99 0.07
C ASN B 250 -12.61 -47.73 -0.78
N ALA B 251 -13.60 -46.89 -0.50
CA ALA B 251 -13.73 -45.63 -1.25
C ALA B 251 -12.67 -44.63 -0.82
N LYS B 252 -12.44 -44.51 0.48
CA LYS B 252 -11.50 -43.52 0.99
C LYS B 252 -10.07 -43.99 0.82
N ASN B 253 -9.18 -43.06 0.48
CA ASN B 253 -7.78 -43.38 0.26
C ASN B 253 -7.10 -43.80 1.56
N ILE B 254 -5.94 -44.41 1.41
CA ILE B 254 -5.14 -44.88 2.54
C ILE B 254 -3.77 -44.23 2.43
N LEU B 255 -3.34 -43.53 3.47
CA LEU B 255 -2.07 -42.82 3.50
C LEU B 255 -1.07 -43.63 4.31
N VAL B 256 0.09 -43.89 3.71
CA VAL B 256 1.15 -44.67 4.35
C VAL B 256 2.37 -43.79 4.47
N GLN B 257 2.98 -43.76 5.66
CA GLN B 257 4.17 -42.97 5.91
C GLN B 257 5.32 -43.89 6.30
N PHE B 258 6.48 -43.68 5.68
CA PHE B 258 7.63 -44.55 5.82
C PHE B 258 8.52 -44.12 6.98
N ASN B 259 9.60 -44.88 7.17
CA ASN B 259 10.67 -44.60 8.11
C ASN B 259 12.04 -44.65 7.48
N THR B 260 12.26 -45.59 6.54
CA THR B 260 13.52 -45.73 5.81
C THR B 260 13.27 -45.35 4.36
N PRO B 261 13.46 -44.08 3.99
CA PRO B 261 13.16 -43.67 2.62
C PRO B 261 14.07 -44.36 1.60
N VAL B 262 13.51 -44.58 0.42
CA VAL B 262 14.21 -45.20 -0.70
C VAL B 262 14.48 -44.13 -1.75
N GLN B 263 15.69 -44.11 -2.28
CA GLN B 263 16.10 -43.05 -3.20
C GLN B 263 15.61 -43.32 -4.61
N ILE B 264 15.38 -42.24 -5.35
CA ILE B 264 15.04 -42.26 -6.77
C ILE B 264 15.97 -41.27 -7.46
N ASN B 265 16.70 -41.74 -8.46
CA ASN B 265 17.67 -40.94 -9.17
C ASN B 265 17.53 -41.17 -10.66
N CYS B 266 17.52 -40.07 -11.43
CA CYS B 266 17.63 -40.12 -12.89
C CYS B 266 17.75 -38.72 -13.44
N THR B 267 18.16 -38.65 -14.70
CA THR B 267 18.56 -37.42 -15.36
C THR B 267 17.59 -37.09 -16.49
N ARG B 268 17.94 -36.06 -17.28
CA ARG B 268 17.30 -35.76 -18.55
C ARG B 268 18.41 -35.73 -19.59
N PRO B 269 18.78 -36.89 -20.13
CA PRO B 269 19.89 -36.93 -21.10
C PRO B 269 19.51 -36.31 -22.43
N ASN B 270 19.36 -34.99 -22.45
CA ASN B 270 18.92 -34.29 -23.65
C ASN B 270 19.26 -32.82 -23.51
N ASN B 271 19.29 -32.14 -24.66
CA ASN B 271 19.46 -30.69 -24.71
C ASN B 271 18.69 -30.19 -25.91
N ASN B 272 18.07 -29.02 -25.76
CA ASN B 272 17.28 -28.42 -26.83
C ASN B 272 17.49 -26.92 -26.85
N THR B 273 17.42 -26.36 -28.05
CA THR B 273 17.56 -24.91 -28.22
C THR B 273 16.20 -24.25 -28.03
N ARG B 274 16.17 -22.92 -28.14
CA ARG B 274 14.97 -22.13 -27.97
C ARG B 274 14.77 -21.25 -29.20
N LYS B 275 13.60 -21.39 -29.84
CA LYS B 275 13.28 -20.64 -31.05
C LYS B 275 12.78 -19.25 -30.66
N SER B 276 12.26 -18.52 -31.64
CA SER B 276 11.71 -17.19 -31.41
C SER B 276 10.66 -16.85 -32.45
N GLY B 282 6.18 -9.78 -30.64
CA GLY B 282 6.18 -10.55 -31.87
C GLY B 282 5.84 -12.01 -31.67
N GLN B 283 6.46 -12.87 -32.47
CA GLN B 283 6.23 -14.32 -32.40
C GLN B 283 7.11 -14.91 -31.28
N ALA B 284 6.78 -14.52 -30.04
CA ALA B 284 7.51 -14.98 -28.87
C ALA B 284 7.05 -16.40 -28.52
N PHE B 285 7.48 -17.35 -29.35
CA PHE B 285 7.13 -18.75 -29.21
C PHE B 285 8.38 -19.55 -28.86
N TYR B 286 8.27 -20.42 -27.87
CA TYR B 286 9.37 -21.29 -27.47
C TYR B 286 9.03 -22.74 -27.78
N ALA B 287 10.06 -23.53 -28.06
CA ALA B 287 9.89 -24.93 -28.43
C ALA B 287 11.23 -25.63 -28.24
N THR B 288 11.31 -26.88 -28.72
CA THR B 288 12.52 -27.68 -28.62
C THR B 288 13.44 -27.42 -29.81
N GLY B 289 14.68 -27.87 -29.68
CA GLY B 289 15.66 -27.75 -30.74
C GLY B 289 16.36 -29.06 -31.05
N ASP B 290 17.56 -28.97 -31.62
CA ASP B 290 18.32 -30.17 -31.93
C ASP B 290 18.78 -30.86 -30.64
N ILE B 291 18.93 -32.18 -30.73
CA ILE B 291 19.30 -33.00 -29.58
C ILE B 291 20.77 -33.37 -29.69
N ILE B 292 21.52 -33.16 -28.61
CA ILE B 292 22.94 -33.46 -28.55
C ILE B 292 23.13 -34.78 -27.81
N GLY B 293 23.87 -35.70 -28.43
CA GLY B 293 24.15 -36.98 -27.81
C GLY B 293 23.09 -38.02 -28.11
N ASP B 294 23.26 -39.19 -27.48
CA ASP B 294 22.34 -40.28 -27.65
C ASP B 294 20.97 -39.94 -27.05
N ILE B 295 19.93 -40.51 -27.65
CA ILE B 295 18.55 -40.26 -27.24
C ILE B 295 18.01 -41.51 -26.59
N ARG B 296 17.55 -41.40 -25.34
CA ARG B 296 16.97 -42.52 -24.63
C ARG B 296 16.20 -41.98 -23.42
N GLN B 297 15.11 -42.67 -23.08
CA GLN B 297 14.28 -42.24 -21.98
C GLN B 297 14.97 -42.49 -20.64
N ALA B 298 14.67 -41.62 -19.67
CA ALA B 298 15.25 -41.74 -18.34
C ALA B 298 14.67 -42.95 -17.63
N HIS B 299 15.50 -43.97 -17.41
CA HIS B 299 15.01 -45.20 -16.80
C HIS B 299 14.75 -45.04 -15.30
N CYS B 300 15.59 -44.26 -14.61
CA CYS B 300 15.50 -44.05 -13.16
C CYS B 300 15.77 -45.32 -12.37
N ASN B 301 16.25 -45.18 -11.14
CA ASN B 301 16.68 -46.32 -10.35
C ASN B 301 16.18 -46.17 -8.91
N VAL B 302 16.00 -47.32 -8.25
CA VAL B 302 15.65 -47.37 -6.84
C VAL B 302 16.26 -48.63 -6.24
N SER B 303 16.77 -48.52 -5.03
CA SER B 303 17.34 -49.68 -4.36
C SER B 303 16.25 -50.72 -4.10
N LYS B 304 16.54 -51.96 -4.46
CA LYS B 304 15.53 -53.02 -4.44
C LYS B 304 15.37 -53.64 -3.05
N ALA B 305 16.49 -53.91 -2.37
CA ALA B 305 16.40 -54.51 -1.03
C ALA B 305 15.71 -53.58 -0.06
N THR B 306 16.05 -52.28 -0.09
CA THR B 306 15.40 -51.33 0.80
C THR B 306 13.90 -51.22 0.48
N TRP B 307 13.55 -51.24 -0.82
CA TRP B 307 12.14 -51.20 -1.19
C TRP B 307 11.40 -52.42 -0.67
N ASN B 308 12.00 -53.60 -0.79
CA ASN B 308 11.38 -54.81 -0.27
C ASN B 308 11.21 -54.74 1.24
N GLU B 309 12.22 -54.23 1.94
CA GLU B 309 12.12 -54.10 3.39
C GLU B 309 11.01 -53.12 3.79
N THR B 310 10.91 -51.99 3.07
CA THR B 310 9.85 -51.03 3.36
C THR B 310 8.48 -51.64 3.11
N LEU B 311 8.33 -52.37 2.01
CA LEU B 311 7.06 -53.03 1.74
C LEU B 311 6.74 -54.09 2.78
N GLY B 312 7.77 -54.78 3.30
CA GLY B 312 7.54 -55.71 4.39
C GLY B 312 7.05 -55.02 5.65
N LYS B 313 7.64 -53.88 5.99
CA LYS B 313 7.13 -53.10 7.11
C LYS B 313 5.69 -52.68 6.88
N VAL B 314 5.37 -52.27 5.64
CA VAL B 314 4.03 -51.82 5.31
C VAL B 314 3.04 -52.97 5.50
N VAL B 315 3.38 -54.15 4.99
CA VAL B 315 2.45 -55.28 5.10
C VAL B 315 2.32 -55.72 6.56
N LYS B 316 3.40 -55.63 7.33
CA LYS B 316 3.31 -55.96 8.75
C LYS B 316 2.35 -55.01 9.46
N GLN B 317 2.41 -53.73 9.14
CA GLN B 317 1.48 -52.78 9.74
C GLN B 317 0.04 -53.04 9.25
N LEU B 318 -0.13 -53.35 7.97
CA LEU B 318 -1.45 -53.60 7.42
C LEU B 318 -2.12 -54.81 8.08
N ARG B 319 -1.35 -55.86 8.35
CA ARG B 319 -1.92 -57.04 8.98
C ARG B 319 -2.53 -56.70 10.34
N LYS B 320 -1.96 -55.71 11.05
CA LYS B 320 -2.53 -55.31 12.33
C LYS B 320 -3.95 -54.76 12.16
N HIS B 321 -4.16 -53.95 11.13
CA HIS B 321 -5.49 -53.37 10.89
C HIS B 321 -6.43 -54.32 10.16
N PHE B 322 -5.91 -55.39 9.55
CA PHE B 322 -6.75 -56.30 8.77
C PHE B 322 -6.80 -57.73 9.30
N GLY B 323 -5.78 -58.19 10.01
CA GLY B 323 -5.71 -59.57 10.45
C GLY B 323 -4.36 -60.15 10.06
N ASN B 324 -3.87 -61.07 10.89
CA ASN B 324 -2.53 -61.62 10.73
C ASN B 324 -2.48 -62.81 9.77
N ASN B 325 -3.53 -63.01 8.97
CA ASN B 325 -3.57 -64.15 8.06
C ASN B 325 -4.01 -63.82 6.64
N THR B 326 -4.65 -62.67 6.40
CA THR B 326 -5.17 -62.37 5.08
C THR B 326 -4.05 -62.14 4.07
N ILE B 327 -4.22 -62.69 2.87
CA ILE B 327 -3.26 -62.49 1.80
C ILE B 327 -3.33 -61.05 1.32
N ILE B 328 -2.17 -60.43 1.13
CA ILE B 328 -2.09 -59.03 0.72
C ILE B 328 -1.38 -58.96 -0.62
N ARG B 329 -1.85 -58.07 -1.49
CA ARG B 329 -1.31 -57.96 -2.84
C ARG B 329 -0.97 -56.51 -3.14
N PHE B 330 -0.06 -56.32 -4.09
CA PHE B 330 0.34 -55.00 -4.57
C PHE B 330 0.43 -55.10 -6.09
N ALA B 331 -0.67 -54.80 -6.77
CA ALA B 331 -0.68 -54.75 -8.23
C ALA B 331 -0.37 -53.32 -8.67
N ASN B 332 -0.56 -53.04 -9.96
CA ASN B 332 -0.27 -51.72 -10.51
C ASN B 332 -1.56 -50.95 -10.74
N SER B 333 -1.40 -49.65 -11.04
CA SER B 333 -2.54 -48.73 -11.06
C SER B 333 -3.61 -49.21 -12.03
N SER B 334 -4.88 -49.03 -11.62
CA SER B 334 -5.99 -49.58 -12.39
C SER B 334 -6.10 -48.96 -13.77
N GLY B 335 -5.97 -47.65 -13.86
CA GLY B 335 -6.08 -46.96 -15.13
C GLY B 335 -6.78 -45.64 -14.97
N GLY B 336 -7.16 -45.05 -16.10
CA GLY B 336 -7.82 -43.76 -16.11
C GLY B 336 -6.97 -42.69 -16.77
N ASP B 337 -7.03 -41.47 -16.25
CA ASP B 337 -6.13 -40.42 -16.72
C ASP B 337 -4.69 -40.87 -16.54
N LEU B 338 -3.79 -40.30 -17.35
CA LEU B 338 -2.39 -40.66 -17.23
C LEU B 338 -1.82 -40.19 -15.90
N GLU B 339 -2.39 -39.12 -15.32
CA GLU B 339 -1.88 -38.59 -14.06
C GLU B 339 -2.09 -39.55 -12.89
N VAL B 340 -3.03 -40.48 -12.99
CA VAL B 340 -3.23 -41.47 -11.95
C VAL B 340 -2.60 -42.82 -12.29
N THR B 341 -2.51 -43.18 -13.58
CA THR B 341 -1.85 -44.42 -13.96
C THR B 341 -0.38 -44.40 -13.57
N THR B 342 0.30 -43.27 -13.82
CA THR B 342 1.73 -43.17 -13.63
C THR B 342 2.04 -42.53 -12.27
N HIS B 343 3.33 -42.32 -12.01
CA HIS B 343 3.79 -41.57 -10.86
C HIS B 343 4.41 -40.28 -11.37
N SER B 344 3.72 -39.15 -11.17
CA SER B 344 4.11 -37.88 -11.73
C SER B 344 4.86 -37.06 -10.69
N PHE B 345 6.02 -36.52 -11.08
CA PHE B 345 6.74 -35.67 -10.16
C PHE B 345 7.53 -34.60 -10.91
N ASN B 346 7.87 -33.55 -10.18
CA ASN B 346 8.64 -32.43 -10.70
C ASN B 346 10.12 -32.63 -10.42
N CYS B 347 10.96 -32.21 -11.37
CA CYS B 347 12.40 -32.40 -11.26
C CYS B 347 13.10 -31.38 -12.13
N GLY B 348 13.73 -30.39 -11.51
CA GLY B 348 14.61 -29.47 -12.22
C GLY B 348 13.96 -28.74 -13.38
N GLY B 349 12.74 -28.24 -13.19
CA GLY B 349 12.04 -27.57 -14.25
C GLY B 349 11.42 -28.48 -15.29
N GLU B 350 11.42 -29.79 -15.06
CA GLU B 350 10.78 -30.74 -15.96
C GLU B 350 9.84 -31.60 -15.14
N PHE B 351 9.01 -32.40 -15.82
CA PHE B 351 8.07 -33.29 -15.16
C PHE B 351 8.23 -34.69 -15.72
N PHE B 352 8.38 -35.66 -14.82
CA PHE B 352 8.55 -37.06 -15.21
C PHE B 352 7.33 -37.87 -14.78
N TYR B 353 6.87 -38.73 -15.68
CA TYR B 353 5.73 -39.62 -15.44
C TYR B 353 6.27 -41.04 -15.47
N CYS B 354 6.54 -41.60 -14.29
CA CYS B 354 7.20 -42.89 -14.19
C CYS B 354 6.19 -44.02 -14.07
N ASN B 355 6.17 -44.91 -15.06
CA ASN B 355 5.50 -46.19 -14.98
C ASN B 355 5.88 -46.90 -13.69
N THR B 356 4.91 -47.14 -12.81
CA THR B 356 5.18 -47.72 -11.50
C THR B 356 4.54 -49.10 -11.38
N SER B 357 4.66 -49.89 -12.44
CA SER B 357 4.20 -51.28 -12.37
C SER B 357 5.15 -52.14 -11.56
N GLY B 358 6.46 -51.93 -11.72
CA GLY B 358 7.42 -52.77 -11.04
C GLY B 358 7.42 -52.59 -9.54
N LEU B 359 7.35 -51.34 -9.07
CA LEU B 359 7.46 -51.08 -7.64
C LEU B 359 6.30 -51.70 -6.87
N PHE B 360 5.08 -51.55 -7.38
CA PHE B 360 3.90 -52.12 -6.76
C PHE B 360 3.53 -53.40 -7.51
N ASN B 361 4.26 -54.47 -7.21
CA ASN B 361 4.00 -55.76 -7.85
C ASN B 361 4.50 -56.85 -6.90
N SER B 362 3.57 -57.43 -6.13
CA SER B 362 3.94 -58.46 -5.17
C SER B 362 2.68 -59.13 -4.64
N THR B 363 2.87 -60.28 -4.01
CA THR B 363 1.76 -61.01 -3.38
C THR B 363 2.34 -61.77 -2.19
N TRP B 364 1.89 -61.40 -0.99
CA TRP B 364 2.46 -61.89 0.25
C TRP B 364 1.38 -62.50 1.14
N ILE B 365 1.80 -63.45 1.97
CA ILE B 365 0.89 -64.15 2.86
C ILE B 365 1.20 -63.81 4.31
N ILE B 382 13.53 -52.29 -9.22
CA ILE B 382 14.78 -51.56 -9.15
C ILE B 382 14.82 -50.48 -10.23
N THR B 383 14.16 -50.73 -11.35
CA THR B 383 14.08 -49.78 -12.44
C THR B 383 12.64 -49.69 -12.92
N LEU B 384 12.28 -48.52 -13.45
CA LEU B 384 10.91 -48.28 -13.88
C LEU B 384 10.88 -47.20 -14.96
N PRO B 385 10.49 -47.54 -16.18
CA PRO B 385 10.56 -46.56 -17.28
C PRO B 385 9.67 -45.36 -17.03
N CYS B 386 10.12 -44.20 -17.52
CA CYS B 386 9.41 -42.95 -17.31
C CYS B 386 9.31 -42.19 -18.62
N ARG B 387 8.15 -41.61 -18.87
CA ARG B 387 7.94 -40.72 -20.00
C ARG B 387 8.02 -39.26 -19.56
N ILE B 388 8.09 -38.37 -20.54
CA ILE B 388 8.18 -36.93 -20.31
C ILE B 388 7.28 -36.23 -21.32
N LYS B 389 6.52 -35.24 -20.84
CA LYS B 389 5.68 -34.44 -21.72
C LYS B 389 5.64 -33.01 -21.19
N GLN B 390 5.24 -32.09 -22.07
CA GLN B 390 5.43 -30.66 -21.83
C GLN B 390 4.17 -29.95 -21.35
N ILE B 391 3.02 -30.18 -22.00
CA ILE B 391 1.78 -29.58 -21.55
C ILE B 391 1.28 -30.34 -20.33
N ILE B 392 0.93 -29.61 -19.27
CA ILE B 392 0.72 -30.19 -17.95
C ILE B 392 -0.63 -29.70 -17.44
N ASN B 393 -1.66 -30.54 -17.54
CA ASN B 393 -2.92 -30.27 -16.87
C ASN B 393 -2.70 -30.59 -15.38
N MET B 394 -2.04 -29.66 -14.70
CA MET B 394 -1.45 -29.93 -13.40
C MET B 394 -2.48 -30.29 -12.34
N TRP B 395 -3.30 -29.32 -11.94
CA TRP B 395 -4.32 -29.55 -10.92
C TRP B 395 -5.69 -29.81 -11.52
N GLN B 396 -5.77 -30.80 -12.42
CA GLN B 396 -6.99 -31.25 -13.09
C GLN B 396 -7.94 -30.10 -13.42
N ARG B 397 -7.39 -29.00 -13.92
CA ARG B 397 -8.15 -27.78 -14.17
C ARG B 397 -8.18 -27.51 -15.67
N ILE B 398 -9.37 -27.30 -16.20
CA ILE B 398 -9.52 -27.01 -17.63
C ILE B 398 -9.10 -25.57 -17.91
N GLY B 399 -8.31 -25.38 -18.97
CA GLY B 399 -7.87 -24.08 -19.38
C GLY B 399 -6.44 -23.75 -19.01
N GLN B 400 -5.77 -24.60 -18.23
CA GLN B 400 -4.39 -24.38 -17.85
C GLN B 400 -3.55 -25.56 -18.31
N ALA B 401 -2.45 -25.27 -18.99
CA ALA B 401 -1.55 -26.31 -19.46
C ALA B 401 -0.10 -26.08 -19.04
N MET B 402 0.35 -24.83 -19.01
CA MET B 402 1.68 -24.47 -18.53
C MET B 402 2.76 -25.26 -19.28
N TYR B 403 2.86 -24.95 -20.57
CA TYR B 403 3.87 -25.60 -21.41
C TYR B 403 5.26 -25.40 -20.83
N ALA B 404 5.89 -26.49 -20.42
CA ALA B 404 7.21 -26.40 -19.81
C ALA B 404 8.27 -26.14 -20.87
N PRO B 405 9.09 -25.11 -20.73
CA PRO B 405 10.19 -24.91 -21.67
C PRO B 405 11.20 -26.05 -21.57
N PRO B 406 11.83 -26.41 -22.67
CA PRO B 406 12.81 -27.51 -22.62
C PRO B 406 13.98 -27.18 -21.71
N ILE B 407 14.49 -28.19 -21.04
CA ILE B 407 15.64 -28.05 -20.17
C ILE B 407 16.91 -28.32 -20.99
N GLN B 408 18.01 -27.71 -20.59
CA GLN B 408 19.29 -27.82 -21.30
C GLN B 408 20.28 -28.53 -20.40
N GLY B 409 20.68 -29.74 -20.78
CA GLY B 409 21.61 -30.52 -20.00
C GLY B 409 20.91 -31.51 -19.09
N VAL B 410 21.73 -32.24 -18.33
CA VAL B 410 21.23 -33.24 -17.40
C VAL B 410 21.01 -32.59 -16.04
N ILE B 411 20.19 -33.23 -15.21
CA ILE B 411 19.83 -32.68 -13.90
C ILE B 411 20.24 -33.64 -12.80
N ARG B 412 19.76 -34.89 -12.89
CA ARG B 412 19.99 -35.92 -11.87
C ARG B 412 19.48 -35.45 -10.50
N CYS B 413 18.17 -35.27 -10.42
CA CYS B 413 17.55 -34.95 -9.15
C CYS B 413 17.43 -36.20 -8.29
N VAL B 414 17.92 -36.12 -7.05
CA VAL B 414 17.77 -37.19 -6.07
C VAL B 414 16.53 -36.91 -5.24
N SER B 415 15.62 -37.87 -5.17
CA SER B 415 14.39 -37.69 -4.41
C SER B 415 14.07 -38.98 -3.67
N ASN B 416 13.94 -38.89 -2.36
CA ASN B 416 13.82 -40.07 -1.51
C ASN B 416 12.45 -40.14 -0.86
N ILE B 417 11.78 -41.27 -1.10
CA ILE B 417 10.33 -41.42 -0.96
C ILE B 417 9.97 -41.73 0.47
N THR B 418 8.89 -41.10 0.96
CA THR B 418 8.43 -41.29 2.33
C THR B 418 7.00 -41.79 2.45
N GLY B 419 6.18 -41.67 1.42
CA GLY B 419 4.76 -41.92 1.58
C GLY B 419 4.15 -42.63 0.39
N LEU B 420 3.08 -43.37 0.67
CA LEU B 420 2.31 -44.11 -0.32
C LEU B 420 0.85 -43.73 -0.23
N ILE B 421 0.17 -43.78 -1.37
CA ILE B 421 -1.29 -43.63 -1.43
C ILE B 421 -1.85 -44.93 -1.97
N LEU B 422 -2.56 -45.67 -1.12
CA LEU B 422 -3.07 -46.98 -1.47
C LEU B 422 -4.59 -47.00 -1.37
N THR B 423 -5.23 -47.49 -2.43
CA THR B 423 -6.68 -47.64 -2.48
C THR B 423 -7.01 -49.12 -2.58
N ARG B 424 -7.82 -49.62 -1.66
CA ARG B 424 -8.14 -51.03 -1.62
C ARG B 424 -8.97 -51.44 -2.84
N ASP B 425 -9.22 -52.73 -2.94
CA ASP B 425 -10.09 -53.29 -3.96
C ASP B 425 -11.39 -53.76 -3.31
N GLY B 426 -12.25 -54.39 -4.10
CA GLY B 426 -13.51 -54.88 -3.59
C GLY B 426 -13.33 -55.97 -2.55
N GLY B 427 -14.32 -56.09 -1.69
CA GLY B 427 -14.27 -57.06 -0.60
C GLY B 427 -15.17 -58.25 -0.80
N SER B 428 -15.37 -58.64 -2.07
CA SER B 428 -16.20 -59.81 -2.35
C SER B 428 -15.58 -61.08 -1.79
N THR B 429 -14.25 -61.20 -1.88
CA THR B 429 -13.54 -62.36 -1.36
C THR B 429 -13.38 -62.21 0.15
N ASN B 430 -14.31 -62.80 0.90
CA ASN B 430 -14.31 -62.67 2.35
C ASN B 430 -13.07 -63.32 2.94
N SER B 431 -12.19 -62.50 3.51
CA SER B 431 -10.97 -62.93 4.21
C SER B 431 -10.00 -63.69 3.31
N THR B 432 -10.23 -63.70 2.00
CA THR B 432 -9.31 -64.40 1.09
C THR B 432 -8.10 -63.54 0.76
N THR B 433 -8.32 -62.38 0.15
CA THR B 433 -7.24 -61.50 -0.21
C THR B 433 -7.76 -60.06 -0.27
N GLU B 434 -6.84 -59.12 -0.09
CA GLU B 434 -7.15 -57.69 -0.16
C GLU B 434 -6.03 -57.01 -0.93
N THR B 435 -6.30 -56.63 -2.18
CA THR B 435 -5.31 -55.99 -3.02
C THR B 435 -5.28 -54.50 -2.76
N PHE B 436 -4.11 -53.89 -2.95
CA PHE B 436 -3.83 -52.52 -2.55
C PHE B 436 -3.17 -51.74 -3.69
N ARG B 437 -3.79 -51.74 -4.86
CA ARG B 437 -3.24 -51.02 -5.99
C ARG B 437 -3.04 -49.55 -5.63
N PRO B 438 -1.90 -48.96 -5.98
CA PRO B 438 -1.70 -47.53 -5.73
C PRO B 438 -2.52 -46.69 -6.70
N GLY B 439 -2.71 -45.44 -6.32
CA GLY B 439 -3.56 -44.56 -7.10
C GLY B 439 -3.60 -43.15 -6.56
N GLY B 440 -4.81 -42.58 -6.47
CA GLY B 440 -4.94 -41.21 -6.05
C GLY B 440 -4.47 -40.25 -7.12
N GLY B 441 -4.18 -39.03 -6.69
CA GLY B 441 -3.77 -38.00 -7.62
C GLY B 441 -4.33 -36.65 -7.22
N ASP B 442 -5.31 -36.66 -6.32
CA ASP B 442 -5.82 -35.43 -5.76
C ASP B 442 -4.81 -34.95 -4.72
N MET B 443 -4.20 -33.79 -4.97
CA MET B 443 -3.06 -33.35 -4.17
C MET B 443 -3.45 -33.05 -2.72
N ARG B 444 -4.75 -32.97 -2.42
CA ARG B 444 -5.17 -32.78 -1.03
C ARG B 444 -4.61 -33.87 -0.14
N ASP B 445 -4.54 -35.10 -0.64
CA ASP B 445 -3.93 -36.18 0.13
C ASP B 445 -2.45 -35.92 0.35
N ASN B 446 -1.74 -35.53 -0.73
CA ASN B 446 -0.31 -35.28 -0.64
C ASN B 446 -0.01 -34.22 0.41
N TRP B 447 -0.91 -33.23 0.54
CA TRP B 447 -0.67 -32.21 1.56
C TRP B 447 -1.24 -32.58 2.92
N ARG B 448 -2.23 -33.48 2.98
CA ARG B 448 -2.64 -34.03 4.27
C ARG B 448 -1.57 -34.93 4.85
N SER B 449 -0.61 -35.37 4.06
CA SER B 449 0.52 -36.11 4.60
C SER B 449 1.40 -35.26 5.51
N GLU B 450 1.37 -33.92 5.37
CA GLU B 450 2.19 -33.05 6.20
C GLU B 450 1.41 -32.30 7.26
N LEU B 451 0.09 -32.16 7.12
CA LEU B 451 -0.73 -31.39 8.05
C LEU B 451 -1.57 -32.27 8.95
N TYR B 452 -1.15 -33.52 9.17
CA TYR B 452 -1.90 -34.41 10.04
C TYR B 452 -1.69 -34.11 11.52
N LYS B 453 -0.64 -33.38 11.86
CA LYS B 453 -0.30 -33.08 13.25
C LYS B 453 -0.49 -31.61 13.56
N TYR B 454 -1.55 -31.01 13.02
CA TYR B 454 -1.81 -29.60 13.27
C TYR B 454 -3.32 -29.38 13.34
N LYS B 455 -3.70 -28.29 14.02
CA LYS B 455 -5.11 -27.91 14.11
C LYS B 455 -5.15 -26.46 14.59
N VAL B 456 -5.94 -25.63 13.91
CA VAL B 456 -6.05 -24.22 14.30
C VAL B 456 -7.19 -24.07 15.29
N VAL B 457 -6.91 -23.43 16.42
CA VAL B 457 -7.90 -23.24 17.48
C VAL B 457 -7.98 -21.76 17.82
N LYS B 458 -9.20 -21.23 17.89
CA LYS B 458 -9.43 -19.88 18.36
C LYS B 458 -9.45 -19.85 19.88
N ILE B 459 -8.67 -18.95 20.47
CA ILE B 459 -8.67 -18.80 21.91
C ILE B 459 -9.96 -18.13 22.34
N GLU B 460 -10.60 -18.68 23.36
CA GLU B 460 -11.84 -18.11 23.90
C GLU B 460 -11.58 -17.67 25.33
N PRO B 461 -10.81 -16.58 25.52
CA PRO B 461 -10.31 -16.25 26.86
C PRO B 461 -11.41 -15.99 27.89
N LEU B 462 -12.55 -15.45 27.48
CA LEU B 462 -13.60 -15.15 28.44
C LEU B 462 -14.16 -16.43 29.02
N GLY B 463 -14.33 -16.46 30.34
CA GLY B 463 -14.91 -17.61 31.00
C GLY B 463 -15.64 -17.21 32.26
N VAL B 464 -16.46 -18.12 32.77
CA VAL B 464 -17.22 -17.90 33.99
C VAL B 464 -16.91 -19.00 34.98
N ALA B 465 -17.12 -18.70 36.27
CA ALA B 465 -16.85 -19.68 37.31
C ALA B 465 -17.63 -19.35 38.57
N PRO B 466 -18.18 -20.33 39.27
CA PRO B 466 -18.91 -20.12 40.54
C PRO B 466 -18.02 -20.06 41.78
N THR B 467 -17.47 -18.89 42.07
CA THR B 467 -16.59 -18.78 43.22
C THR B 467 -17.40 -18.33 44.44
N ARG B 468 -16.71 -18.06 45.54
CA ARG B 468 -17.32 -17.58 46.77
C ARG B 468 -16.84 -16.15 47.01
N CYS B 469 -17.50 -15.19 46.36
CA CYS B 469 -17.16 -13.79 46.50
C CYS B 469 -18.27 -12.95 45.88
N LYS B 470 -18.67 -11.89 46.58
CA LYS B 470 -19.71 -10.98 46.13
C LYS B 470 -19.12 -9.58 45.98
N ARG B 471 -19.96 -8.65 45.52
CA ARG B 471 -19.54 -7.28 45.31
C ARG B 471 -20.46 -6.29 46.03
N ASN C 3 -35.85 17.20 39.40
CA ASN C 3 -34.80 16.45 40.08
C ASN C 3 -34.21 15.37 39.18
N LEU C 4 -34.01 15.71 37.90
CA LEU C 4 -33.49 14.77 36.92
C LEU C 4 -31.98 14.90 36.81
N TRP C 5 -31.37 13.90 36.19
CA TRP C 5 -29.92 13.75 36.17
C TRP C 5 -29.46 13.31 34.80
N VAL C 6 -28.33 13.86 34.35
CA VAL C 6 -27.80 13.51 33.04
C VAL C 6 -27.21 12.12 33.07
N THR C 7 -27.32 11.41 31.95
CA THR C 7 -26.68 10.11 31.78
C THR C 7 -26.20 9.99 30.35
N VAL C 8 -24.96 9.51 30.19
CA VAL C 8 -24.37 9.31 28.87
C VAL C 8 -24.77 7.94 28.36
N TYR C 9 -24.94 7.84 27.05
CA TYR C 9 -25.55 6.67 26.40
C TYR C 9 -24.74 6.23 25.20
N TYR C 10 -23.43 6.04 25.37
CA TYR C 10 -22.57 5.71 24.24
C TYR C 10 -23.11 4.50 23.48
N GLY C 11 -23.20 4.64 22.16
CA GLY C 11 -23.81 3.65 21.29
C GLY C 11 -25.08 4.12 20.61
N VAL C 12 -25.60 5.28 20.99
CA VAL C 12 -26.83 5.81 20.39
C VAL C 12 -26.57 6.16 18.93
N PRO C 13 -27.48 5.85 18.00
CA PRO C 13 -27.31 6.22 16.59
C PRO C 13 -27.71 7.67 16.28
N VAL C 14 -26.84 8.59 16.65
CA VAL C 14 -27.00 10.02 16.37
C VAL C 14 -25.97 10.42 15.33
N TRP C 15 -26.43 11.15 14.31
CA TRP C 15 -25.54 11.71 13.32
C TRP C 15 -25.82 13.19 13.14
N LYS C 16 -24.80 13.92 12.67
CA LYS C 16 -24.90 15.34 12.40
C LYS C 16 -24.36 15.62 11.00
N ASP C 17 -24.98 16.57 10.31
CA ASP C 17 -24.44 17.03 9.04
C ASP C 17 -23.11 17.75 9.26
N ALA C 18 -22.17 17.49 8.36
CA ALA C 18 -20.82 18.03 8.51
C ALA C 18 -20.11 17.94 7.17
N GLU C 19 -19.38 18.99 6.82
CA GLU C 19 -18.65 19.00 5.55
C GLU C 19 -17.42 18.11 5.64
N THR C 20 -16.93 17.72 4.47
CA THR C 20 -15.77 16.85 4.34
C THR C 20 -15.22 17.01 2.94
N THR C 21 -14.29 16.12 2.57
CA THR C 21 -13.67 16.13 1.24
C THR C 21 -13.84 14.73 0.64
N LEU C 22 -14.93 14.54 -0.11
CA LEU C 22 -15.09 13.30 -0.86
C LEU C 22 -14.02 13.20 -1.92
N PHE C 23 -13.43 12.02 -2.05
CA PHE C 23 -12.25 11.89 -2.90
C PHE C 23 -12.62 11.73 -4.38
N CYS C 24 -13.18 10.58 -4.75
CA CYS C 24 -13.66 10.34 -6.10
C CYS C 24 -14.19 8.92 -6.24
N ALA C 25 -14.73 8.60 -7.42
CA ALA C 25 -14.93 7.22 -7.84
C ALA C 25 -15.27 7.21 -9.32
N SER C 26 -14.57 6.37 -10.08
CA SER C 26 -14.75 6.29 -11.52
C SER C 26 -14.91 4.83 -11.92
N ASP C 27 -15.03 4.62 -13.23
CA ASP C 27 -15.17 3.26 -13.77
C ASP C 27 -14.19 3.04 -14.91
N ALA C 28 -13.79 4.12 -15.58
CA ALA C 28 -12.90 4.01 -16.72
C ALA C 28 -11.46 3.76 -16.26
N LYS C 29 -10.66 3.25 -17.19
CA LYS C 29 -9.26 2.95 -16.91
C LYS C 29 -8.42 4.22 -16.96
N ALA C 30 -7.47 4.32 -16.03
CA ALA C 30 -6.62 5.51 -15.95
C ALA C 30 -5.71 5.62 -17.17
N VAL C 38 -11.16 12.21 -22.83
CA VAL C 38 -11.70 11.79 -21.54
C VAL C 38 -11.15 12.65 -20.41
N TRP C 39 -11.47 12.28 -19.18
CA TRP C 39 -10.96 12.99 -18.03
C TRP C 39 -9.55 12.49 -17.70
N ALA C 40 -8.86 13.21 -16.81
CA ALA C 40 -7.54 12.78 -16.38
C ALA C 40 -7.60 11.41 -15.73
N THR C 41 -8.54 11.22 -14.79
CA THR C 41 -8.98 9.94 -14.26
C THR C 41 -7.89 9.23 -13.44
N HIS C 42 -6.66 9.75 -13.42
CA HIS C 42 -5.61 9.06 -12.69
C HIS C 42 -5.75 9.25 -11.18
N ALA C 43 -6.35 10.34 -10.75
CA ALA C 43 -6.64 10.55 -9.33
C ALA C 43 -7.94 9.88 -8.91
N CYS C 44 -8.63 9.21 -9.82
CA CYS C 44 -9.91 8.58 -9.56
C CYS C 44 -9.69 7.10 -9.30
N VAL C 45 -10.15 6.62 -8.15
CA VAL C 45 -10.02 5.21 -7.80
C VAL C 45 -11.07 4.41 -8.57
N PRO C 46 -10.82 3.14 -8.88
CA PRO C 46 -11.86 2.32 -9.52
C PRO C 46 -12.98 2.02 -8.54
N THR C 47 -14.08 1.50 -9.10
CA THR C 47 -15.31 1.29 -8.32
C THR C 47 -15.91 -0.07 -8.68
N ASP C 48 -15.53 -1.11 -7.93
CA ASP C 48 -16.22 -2.40 -7.96
C ASP C 48 -16.44 -2.90 -6.54
N PRO C 49 -17.17 -2.15 -5.71
CA PRO C 49 -17.46 -2.62 -4.36
C PRO C 49 -18.78 -3.37 -4.30
N ASN C 50 -19.20 -3.75 -3.09
CA ASN C 50 -20.56 -4.20 -2.87
C ASN C 50 -21.32 -3.09 -2.16
N PRO C 51 -21.97 -2.19 -2.91
CA PRO C 51 -22.60 -1.02 -2.28
C PRO C 51 -23.64 -1.43 -1.25
N GLN C 52 -23.36 -1.09 0.00
CA GLN C 52 -24.20 -1.48 1.13
C GLN C 52 -25.32 -0.46 1.27
N GLU C 53 -26.45 -0.76 0.63
CA GLU C 53 -27.62 0.12 0.68
C GLU C 53 -28.49 -0.28 1.86
N ILE C 54 -28.12 0.21 3.04
CA ILE C 54 -28.89 -0.04 4.25
C ILE C 54 -30.05 0.94 4.27
N HIS C 55 -31.26 0.44 4.04
CA HIS C 55 -32.45 1.28 4.06
C HIS C 55 -32.90 1.46 5.50
N LEU C 56 -32.78 2.67 6.02
CA LEU C 56 -33.22 2.95 7.38
C LEU C 56 -34.74 2.92 7.46
N GLU C 57 -35.24 2.79 8.69
CA GLU C 57 -36.67 2.63 8.95
C GLU C 57 -37.16 3.78 9.82
N ASN C 58 -38.24 4.42 9.38
CA ASN C 58 -38.94 5.45 10.16
C ASN C 58 -38.03 6.63 10.50
N VAL C 59 -37.05 6.90 9.64
CA VAL C 59 -36.08 7.97 9.87
C VAL C 59 -36.46 9.15 8.99
N THR C 60 -36.83 10.26 9.63
CA THR C 60 -37.17 11.50 8.93
C THR C 60 -36.01 12.46 9.13
N GLU C 61 -35.16 12.59 8.11
CA GLU C 61 -34.00 13.48 8.14
C GLU C 61 -34.22 14.55 7.08
N GLU C 62 -34.42 15.80 7.52
CA GLU C 62 -34.70 16.88 6.60
C GLU C 62 -33.49 17.16 5.72
N PHE C 63 -33.73 17.30 4.42
CA PHE C 63 -32.66 17.47 3.44
C PHE C 63 -32.56 18.93 3.00
N ASN C 64 -31.65 19.16 2.06
CA ASN C 64 -31.51 20.43 1.38
C ASN C 64 -30.67 20.21 0.14
N MET C 65 -30.84 21.07 -0.85
CA MET C 65 -30.07 20.93 -2.08
C MET C 65 -29.37 22.23 -2.44
N TRP C 66 -29.95 23.36 -2.05
CA TRP C 66 -29.40 24.66 -2.37
C TRP C 66 -28.36 25.12 -1.36
N LYS C 67 -28.02 24.28 -0.38
CA LYS C 67 -26.98 24.61 0.60
C LYS C 67 -26.03 23.44 0.81
N ASN C 68 -25.97 22.50 -0.13
CA ASN C 68 -24.99 21.43 -0.05
C ASN C 68 -23.59 21.97 -0.27
N ASN C 69 -22.64 21.42 0.48
CA ASN C 69 -21.23 21.66 0.20
C ASN C 69 -20.60 20.49 -0.55
N MET C 70 -21.42 19.53 -0.98
CA MET C 70 -21.00 18.52 -1.93
C MET C 70 -20.95 19.08 -3.35
N VAL C 71 -21.86 20.01 -3.65
CA VAL C 71 -21.96 20.56 -5.00
C VAL C 71 -20.71 21.37 -5.34
N GLU C 72 -20.29 22.26 -4.44
CA GLU C 72 -19.09 23.04 -4.70
C GLU C 72 -17.86 22.14 -4.75
N GLN C 73 -17.84 21.06 -3.97
CA GLN C 73 -16.75 20.10 -4.05
C GLN C 73 -16.70 19.44 -5.42
N MET C 74 -17.85 19.04 -5.96
CA MET C 74 -17.87 18.47 -7.30
C MET C 74 -17.43 19.48 -8.35
N HIS C 75 -17.89 20.73 -8.21
CA HIS C 75 -17.50 21.75 -9.18
C HIS C 75 -15.99 21.98 -9.15
N THR C 76 -15.41 22.01 -7.95
CA THR C 76 -13.96 22.17 -7.83
C THR C 76 -13.23 20.98 -8.44
N ASP C 77 -13.74 19.77 -8.22
CA ASP C 77 -13.11 18.60 -8.82
C ASP C 77 -13.16 18.66 -10.34
N ILE C 78 -14.29 19.09 -10.90
CA ILE C 78 -14.42 19.18 -12.36
C ILE C 78 -13.44 20.21 -12.90
N ILE C 79 -13.35 21.38 -12.26
CA ILE C 79 -12.42 22.40 -12.72
C ILE C 79 -10.99 21.89 -12.64
N SER C 80 -10.64 21.21 -11.54
CA SER C 80 -9.28 20.69 -11.40
C SER C 80 -8.96 19.65 -12.46
N LEU C 81 -9.91 18.75 -12.74
CA LEU C 81 -9.69 17.74 -13.78
C LEU C 81 -9.52 18.39 -15.14
N TRP C 82 -10.34 19.41 -15.44
CA TRP C 82 -10.19 20.12 -16.70
C TRP C 82 -8.81 20.75 -16.82
N ASP C 83 -8.37 21.44 -15.77
CA ASP C 83 -7.07 22.11 -15.82
C ASP C 83 -5.94 21.12 -15.93
N GLN C 84 -6.01 20.01 -15.18
CA GLN C 84 -4.95 19.00 -15.24
C GLN C 84 -4.89 18.34 -16.61
N SER C 85 -6.04 18.04 -17.21
CA SER C 85 -6.04 17.46 -18.55
C SER C 85 -5.51 18.45 -19.58
N LEU C 86 -5.84 19.73 -19.42
CA LEU C 86 -5.39 20.74 -20.38
C LEU C 86 -3.91 21.09 -20.22
N LYS C 87 -3.34 20.83 -19.04
CA LYS C 87 -1.99 21.30 -18.76
C LYS C 87 -0.93 20.77 -19.73
N PRO C 88 -0.85 19.46 -20.03
CA PRO C 88 0.26 18.99 -20.88
C PRO C 88 0.11 19.33 -22.35
N CYS C 89 -0.88 20.14 -22.69
CA CYS C 89 -1.12 20.50 -24.09
C CYS C 89 -0.21 21.67 -24.49
N VAL C 90 -0.46 22.22 -25.68
CA VAL C 90 0.43 23.20 -26.30
C VAL C 90 -0.24 24.57 -26.27
N LYS C 91 0.52 25.57 -25.83
CA LYS C 91 0.04 26.95 -25.85
C LYS C 91 -0.06 27.46 -27.29
N LEU C 92 -0.95 28.43 -27.49
CA LEU C 92 -1.16 29.05 -28.80
C LEU C 92 -0.74 30.52 -28.79
N THR C 93 0.32 30.83 -28.03
CA THR C 93 0.83 32.20 -27.99
C THR C 93 1.28 32.71 -29.36
N PRO C 94 2.03 31.96 -30.18
CA PRO C 94 2.44 32.51 -31.49
C PRO C 94 1.28 32.79 -32.43
N LEU C 95 0.08 32.28 -32.15
CA LEU C 95 -1.07 32.56 -33.00
C LEU C 95 -1.50 34.02 -32.96
N CYS C 96 -0.97 34.81 -32.03
CA CYS C 96 -1.38 36.21 -31.89
C CYS C 96 -0.78 37.06 -33.00
N VAL C 97 -1.25 36.87 -34.23
CA VAL C 97 -0.77 37.64 -35.38
C VAL C 97 -1.97 38.14 -36.16
N THR C 98 -1.75 39.19 -36.94
CA THR C 98 -2.81 39.72 -37.79
C THR C 98 -3.21 38.70 -38.85
N LEU C 99 -4.52 38.54 -39.05
CA LEU C 99 -5.06 37.56 -39.98
C LEU C 99 -5.62 38.29 -41.19
N GLN C 100 -5.24 37.84 -42.38
CA GLN C 100 -5.81 38.36 -43.62
C GLN C 100 -6.97 37.44 -44.00
N CYS C 101 -8.19 37.91 -43.75
CA CYS C 101 -9.37 37.05 -43.85
C CYS C 101 -10.22 37.44 -45.06
N THR C 102 -10.93 36.44 -45.58
CA THR C 102 -11.84 36.62 -46.71
C THR C 102 -13.02 35.67 -46.56
N ASN C 103 -14.12 36.04 -47.20
CA ASN C 103 -15.31 35.20 -47.17
C ASN C 103 -15.12 33.95 -48.02
N VAL C 104 -15.92 32.93 -47.73
CA VAL C 104 -15.91 31.68 -48.46
C VAL C 104 -17.32 31.38 -48.97
N THR C 105 -17.40 30.89 -50.19
CA THR C 105 -18.68 30.57 -50.82
C THR C 105 -18.78 29.13 -51.30
N ASN C 106 -17.66 28.51 -51.68
CA ASN C 106 -17.66 27.13 -52.15
C ASN C 106 -18.06 26.17 -51.05
N MET C 112 -27.47 31.76 -42.90
CA MET C 112 -26.14 31.20 -42.71
C MET C 112 -25.36 31.19 -44.02
N ARG C 113 -25.13 32.39 -44.57
CA ARG C 113 -24.43 32.50 -45.84
C ARG C 113 -22.93 32.73 -45.65
N GLY C 114 -22.56 33.83 -44.99
CA GLY C 114 -21.16 34.14 -44.81
C GLY C 114 -20.46 33.21 -43.83
N GLU C 115 -20.80 33.33 -42.55
CA GLU C 115 -20.28 32.46 -41.49
C GLU C 115 -18.77 32.31 -41.54
N LEU C 116 -18.31 31.17 -42.07
CA LEU C 116 -16.90 30.81 -42.01
C LEU C 116 -16.05 31.78 -42.83
N LYS C 117 -14.80 31.95 -42.38
CA LYS C 117 -13.86 32.87 -43.00
C LYS C 117 -12.52 32.17 -43.19
N ASN C 118 -11.90 32.38 -44.35
CA ASN C 118 -10.59 31.82 -44.65
C ASN C 118 -9.54 32.89 -44.41
N CYS C 119 -8.59 32.61 -43.52
CA CYS C 119 -7.61 33.61 -43.10
C CYS C 119 -6.20 33.09 -43.28
N SER C 120 -5.37 33.90 -43.92
CA SER C 120 -3.94 33.64 -44.07
C SER C 120 -3.17 34.38 -42.97
N PHE C 121 -2.14 33.73 -42.45
CA PHE C 121 -1.26 34.36 -41.48
C PHE C 121 0.19 34.04 -41.81
N ASN C 122 1.08 34.94 -41.40
CA ASN C 122 2.51 34.82 -41.67
C ASN C 122 3.22 34.39 -40.39
N MET C 123 3.92 33.25 -40.47
CA MET C 123 4.68 32.72 -39.35
C MET C 123 6.04 32.27 -39.86
N THR C 124 7.09 32.68 -39.17
CA THR C 124 8.45 32.31 -39.57
C THR C 124 9.38 32.26 -38.36
N LYS C 133 3.22 31.74 -43.42
CA LYS C 133 2.36 32.26 -44.47
C LYS C 133 1.45 31.17 -45.04
N VAL C 134 0.50 30.72 -44.22
CA VAL C 134 -0.44 29.67 -44.61
C VAL C 134 -1.83 30.13 -44.24
N TYR C 135 -2.83 29.58 -44.93
CA TYR C 135 -4.22 29.93 -44.74
C TYR C 135 -4.98 28.78 -44.10
N SER C 136 -5.90 29.11 -43.20
CA SER C 136 -6.74 28.15 -42.52
C SER C 136 -8.17 28.68 -42.44
N LEU C 137 -9.03 27.89 -41.82
CA LEU C 137 -10.44 28.23 -41.68
C LEU C 137 -10.76 28.62 -40.25
N PHE C 138 -11.57 29.65 -40.08
CA PHE C 138 -12.00 30.10 -38.76
C PHE C 138 -13.47 30.49 -38.84
N TYR C 139 -14.10 30.61 -37.67
CA TYR C 139 -15.51 30.95 -37.62
C TYR C 139 -15.70 32.42 -37.28
N ARG C 140 -16.82 32.99 -37.76
CA ARG C 140 -17.06 34.41 -37.59
C ARG C 140 -17.16 34.79 -36.12
N LEU C 141 -17.83 33.96 -35.32
CA LEU C 141 -17.93 34.20 -33.89
C LEU C 141 -16.67 33.80 -33.15
N ASP C 142 -15.67 33.26 -33.85
CA ASP C 142 -14.40 32.89 -33.26
C ASP C 142 -13.32 33.95 -33.43
N VAL C 143 -13.49 34.86 -34.38
CA VAL C 143 -12.50 35.89 -34.66
C VAL C 143 -13.19 37.25 -34.72
N VAL C 144 -12.43 38.30 -34.45
CA VAL C 144 -12.93 39.67 -34.46
C VAL C 144 -11.99 40.52 -35.30
N GLN C 145 -12.56 41.38 -36.15
CA GLN C 145 -11.75 42.22 -37.01
C GLN C 145 -11.16 43.39 -36.22
N ILE C 146 -10.12 43.99 -36.79
CA ILE C 146 -9.47 45.17 -36.23
C ILE C 146 -9.46 46.25 -37.29
N ASN C 147 -9.75 47.48 -36.88
CA ASN C 147 -9.82 48.60 -37.82
C ASN C 147 -8.90 49.74 -37.40
N LYS C 159 -11.72 42.26 -43.72
CA LYS C 159 -10.39 42.76 -44.04
C LYS C 159 -9.31 42.04 -43.23
N GLU C 160 -8.90 42.66 -42.13
CA GLU C 160 -7.88 42.11 -41.25
C GLU C 160 -8.51 41.76 -39.91
N TYR C 161 -8.36 40.50 -39.50
CA TYR C 161 -8.97 39.99 -38.29
C TYR C 161 -7.91 39.50 -37.32
N ARG C 162 -8.35 39.15 -36.12
CA ARG C 162 -7.53 38.55 -35.09
C ARG C 162 -8.41 37.58 -34.30
N LEU C 163 -7.78 36.83 -33.40
CA LEU C 163 -8.55 35.96 -32.53
C LEU C 163 -9.42 36.78 -31.58
N ILE C 164 -10.46 36.13 -31.05
CA ILE C 164 -11.43 36.85 -30.22
C ILE C 164 -10.77 37.42 -28.98
N ASN C 165 -9.91 36.65 -28.32
CA ASN C 165 -9.09 37.15 -27.21
C ASN C 165 -7.79 36.34 -27.20
N CYS C 166 -6.77 36.87 -27.86
CA CYS C 166 -5.47 36.21 -27.98
C CYS C 166 -4.49 36.64 -26.90
N ASN C 167 -4.44 37.92 -26.59
CA ASN C 167 -3.52 38.47 -25.60
C ASN C 167 -4.12 38.61 -24.21
N THR C 168 -5.42 38.91 -24.11
CA THR C 168 -6.06 38.96 -22.80
C THR C 168 -6.03 37.60 -22.10
N SER C 169 -6.28 36.53 -22.85
CA SER C 169 -6.27 35.18 -22.31
C SER C 169 -5.28 34.33 -23.09
N ALA C 170 -4.42 33.64 -22.37
CA ALA C 170 -3.41 32.77 -23.00
C ALA C 170 -4.10 31.51 -23.50
N ILE C 171 -4.54 31.53 -24.75
CA ILE C 171 -5.27 30.40 -25.32
C ILE C 171 -4.37 29.18 -25.38
N THR C 172 -4.92 28.02 -25.02
CA THR C 172 -4.25 26.74 -25.14
C THR C 172 -5.16 25.78 -25.89
N GLN C 173 -4.60 25.02 -26.82
CA GLN C 173 -5.37 24.09 -27.63
C GLN C 173 -5.38 22.71 -26.97
N ALA C 174 -6.54 22.05 -27.02
CA ALA C 174 -6.68 20.75 -26.40
C ALA C 174 -5.86 19.70 -27.13
N CYS C 175 -5.35 18.74 -26.38
CA CYS C 175 -4.57 17.65 -26.97
C CYS C 175 -5.48 16.74 -27.78
N PRO C 176 -5.04 16.31 -28.97
CA PRO C 176 -5.92 15.50 -29.82
C PRO C 176 -6.32 14.16 -29.23
N LYS C 177 -5.46 13.53 -28.44
CA LYS C 177 -5.72 12.18 -27.98
C LYS C 177 -6.87 12.14 -26.97
N VAL C 178 -7.06 13.20 -26.20
CA VAL C 178 -8.08 13.22 -25.16
C VAL C 178 -9.35 13.86 -25.69
N SER C 179 -10.47 13.19 -25.47
CA SER C 179 -11.79 13.68 -25.84
C SER C 179 -12.45 14.33 -24.64
N PHE C 180 -13.72 14.74 -24.82
CA PHE C 180 -14.47 15.40 -23.76
C PHE C 180 -15.74 14.62 -23.39
N GLU C 181 -15.77 13.34 -23.71
CA GLU C 181 -16.95 12.53 -23.37
C GLU C 181 -17.05 12.35 -21.86
N PRO C 182 -18.22 12.56 -21.28
CA PRO C 182 -18.34 12.50 -19.81
C PRO C 182 -18.30 11.06 -19.32
N ILE C 183 -17.28 10.75 -18.53
CA ILE C 183 -17.17 9.45 -17.86
C ILE C 183 -17.94 9.54 -16.54
N PRO C 184 -18.73 8.53 -16.17
CA PRO C 184 -19.42 8.59 -14.88
C PRO C 184 -18.42 8.75 -13.74
N ILE C 185 -18.78 9.59 -12.78
CA ILE C 185 -17.89 9.94 -11.66
C ILE C 185 -18.72 9.84 -10.39
N HIS C 186 -18.53 8.76 -9.64
CA HIS C 186 -19.17 8.62 -8.34
C HIS C 186 -18.38 9.36 -7.28
N TYR C 187 -19.07 9.78 -6.24
CA TYR C 187 -18.47 10.37 -5.05
C TYR C 187 -18.77 9.48 -3.86
N CYS C 188 -17.71 9.02 -3.18
CA CYS C 188 -17.86 8.18 -2.02
C CYS C 188 -17.43 8.94 -0.76
N ALA C 189 -18.07 8.59 0.35
CA ALA C 189 -17.63 9.29 1.54
C ALA C 189 -16.39 8.63 2.12
N PRO C 190 -15.46 9.40 2.69
CA PRO C 190 -14.28 8.78 3.31
C PRO C 190 -14.64 8.07 4.59
N ALA C 191 -13.65 7.50 5.28
CA ALA C 191 -13.91 6.79 6.51
C ALA C 191 -14.49 7.72 7.56
N GLY C 192 -15.55 7.27 8.22
CA GLY C 192 -16.21 8.04 9.26
C GLY C 192 -17.44 8.79 8.82
N PHE C 193 -17.71 8.88 7.52
CA PHE C 193 -18.84 9.63 6.99
C PHE C 193 -19.72 8.72 6.13
N ALA C 194 -21.00 9.07 6.04
CA ALA C 194 -21.96 8.32 5.25
C ALA C 194 -22.76 9.29 4.38
N ILE C 195 -23.27 8.79 3.26
CA ILE C 195 -24.07 9.60 2.34
C ILE C 195 -25.52 9.14 2.45
N LEU C 196 -26.44 10.09 2.59
CA LEU C 196 -27.84 9.79 2.82
C LEU C 196 -28.61 9.98 1.53
N LYS C 197 -29.13 8.88 0.98
CA LYS C 197 -29.99 8.89 -0.19
C LYS C 197 -31.44 9.10 0.20
N CYS C 198 -32.19 9.78 -0.65
CA CYS C 198 -33.63 9.87 -0.55
C CYS C 198 -34.25 9.12 -1.71
N LYS C 199 -35.03 8.09 -1.42
CA LYS C 199 -35.75 7.32 -2.43
C LYS C 199 -37.17 7.80 -2.62
N ASP C 200 -37.61 8.82 -1.88
CA ASP C 200 -38.95 9.35 -2.04
C ASP C 200 -39.09 10.04 -3.39
N LYS C 201 -40.14 9.69 -4.13
CA LYS C 201 -40.38 10.31 -5.42
C LYS C 201 -40.92 11.73 -5.26
N LYS C 202 -41.84 11.93 -4.32
CA LYS C 202 -42.39 13.25 -4.05
C LYS C 202 -41.36 14.04 -3.25
N PHE C 203 -40.45 14.71 -3.96
CA PHE C 203 -39.32 15.36 -3.32
C PHE C 203 -38.86 16.52 -4.19
N ASN C 204 -38.94 17.73 -3.65
CA ASN C 204 -38.50 18.94 -4.34
C ASN C 204 -37.13 19.42 -3.87
N GLY C 205 -36.36 18.56 -3.21
CA GLY C 205 -35.05 18.94 -2.72
C GLY C 205 -35.04 19.44 -1.28
N THR C 206 -35.77 20.50 -1.00
CA THR C 206 -35.81 21.04 0.35
C THR C 206 -36.81 20.26 1.21
N GLY C 207 -36.99 20.72 2.44
CA GLY C 207 -37.98 20.15 3.33
C GLY C 207 -37.62 18.76 3.82
N PRO C 208 -38.45 18.22 4.72
CA PRO C 208 -38.18 16.88 5.24
C PRO C 208 -38.31 15.82 4.17
N CYS C 209 -37.56 14.73 4.36
CA CYS C 209 -37.56 13.59 3.45
C CYS C 209 -37.93 12.34 4.22
N PRO C 210 -39.13 11.78 4.04
CA PRO C 210 -39.58 10.68 4.89
C PRO C 210 -38.78 9.40 4.72
N SER C 211 -38.58 8.96 3.48
CA SER C 211 -37.84 7.74 3.21
C SER C 211 -36.39 8.07 2.94
N VAL C 212 -35.48 7.49 3.74
CA VAL C 212 -34.06 7.76 3.63
C VAL C 212 -33.30 6.44 3.72
N SER C 213 -32.10 6.43 3.14
CA SER C 213 -31.22 5.26 3.19
C SER C 213 -29.78 5.74 3.34
N THR C 214 -28.94 4.84 3.84
CA THR C 214 -27.53 5.13 4.08
C THR C 214 -26.68 4.36 3.08
N VAL C 215 -25.70 5.04 2.49
CA VAL C 215 -24.85 4.43 1.47
C VAL C 215 -23.44 5.01 1.63
N GLN C 216 -22.47 4.35 0.99
CA GLN C 216 -21.09 4.82 0.99
C GLN C 216 -20.72 5.48 -0.34
N CYS C 217 -21.20 4.94 -1.46
CA CYS C 217 -20.94 5.49 -2.78
C CYS C 217 -22.21 6.19 -3.28
N THR C 218 -22.13 6.73 -4.50
CA THR C 218 -23.28 7.36 -5.14
C THR C 218 -23.41 6.84 -6.56
N HIS C 219 -24.58 7.08 -7.15
CA HIS C 219 -24.88 6.60 -8.48
C HIS C 219 -23.99 7.28 -9.52
N GLY C 220 -24.12 6.83 -10.77
CA GLY C 220 -23.22 7.25 -11.84
C GLY C 220 -23.50 8.63 -12.37
N ILE C 221 -23.19 9.66 -11.59
CA ILE C 221 -23.40 11.03 -12.03
C ILE C 221 -22.49 11.34 -13.21
N LYS C 222 -23.07 12.00 -14.22
CA LYS C 222 -22.37 12.28 -15.48
C LYS C 222 -22.00 13.75 -15.53
N PRO C 223 -20.71 14.09 -15.60
CA PRO C 223 -20.29 15.51 -15.62
C PRO C 223 -20.44 16.15 -16.99
N VAL C 224 -21.69 16.34 -17.41
CA VAL C 224 -22.00 16.95 -18.70
C VAL C 224 -22.04 18.46 -18.54
N VAL C 225 -21.61 19.17 -19.57
CA VAL C 225 -21.61 20.63 -19.59
C VAL C 225 -22.70 21.08 -20.55
N SER C 226 -23.63 21.88 -20.05
CA SER C 226 -24.78 22.25 -20.86
C SER C 226 -25.46 23.48 -20.26
N THR C 227 -26.37 24.06 -21.05
CA THR C 227 -27.18 25.19 -20.61
C THR C 227 -28.58 25.03 -21.19
N GLN C 228 -29.60 25.27 -20.36
CA GLN C 228 -31.01 25.28 -20.73
C GLN C 228 -31.54 23.87 -21.01
N LEU C 229 -30.66 22.88 -21.04
CA LEU C 229 -31.03 21.49 -21.26
C LEU C 229 -29.99 20.64 -20.53
N LEU C 230 -30.45 19.60 -19.82
CA LEU C 230 -29.55 18.92 -18.90
C LEU C 230 -28.77 17.75 -19.50
N LEU C 231 -29.23 17.18 -20.62
CA LEU C 231 -28.37 16.28 -21.40
C LEU C 231 -27.84 15.07 -20.65
N ASN C 232 -28.66 14.01 -20.54
CA ASN C 232 -28.21 12.68 -20.14
C ASN C 232 -28.24 12.49 -18.63
N GLY C 233 -28.80 13.46 -17.90
CA GLY C 233 -28.91 13.35 -16.47
C GLY C 233 -29.95 12.34 -16.03
N SER C 234 -30.07 12.17 -14.72
CA SER C 234 -30.97 11.19 -14.14
C SER C 234 -32.42 11.55 -14.42
N LEU C 235 -33.27 10.52 -14.48
CA LEU C 235 -34.70 10.69 -14.78
C LEU C 235 -35.48 10.53 -13.48
N ALA C 236 -36.33 11.50 -13.19
CA ALA C 236 -37.17 11.45 -12.02
C ALA C 236 -38.39 10.57 -12.29
N GLU C 237 -38.84 9.86 -11.26
CA GLU C 237 -40.00 8.99 -11.37
C GLU C 237 -41.27 9.81 -11.22
N GLU C 238 -42.41 9.13 -11.07
CA GLU C 238 -43.75 9.73 -10.99
C GLU C 238 -43.90 10.85 -12.02
N GLU C 239 -44.62 11.94 -11.69
CA GLU C 239 -44.80 12.99 -12.66
C GLU C 239 -43.58 13.92 -12.68
N VAL C 240 -43.55 14.81 -13.68
CA VAL C 240 -42.43 15.73 -13.85
C VAL C 240 -42.28 16.59 -12.61
N MET C 241 -41.04 16.89 -12.24
CA MET C 241 -40.75 17.52 -10.96
C MET C 241 -40.14 18.91 -11.18
N ILE C 242 -40.56 19.87 -10.36
CA ILE C 242 -40.07 21.24 -10.42
C ILE C 242 -39.60 21.66 -9.04
N ARG C 243 -38.52 22.43 -8.98
CA ARG C 243 -37.94 22.79 -7.70
C ARG C 243 -37.13 24.08 -7.81
N SER C 244 -37.02 24.79 -6.69
CA SER C 244 -36.18 26.02 -6.64
C SER C 244 -35.87 26.37 -5.17
N GLU C 245 -34.92 27.28 -4.96
CA GLU C 245 -34.64 27.78 -3.59
C GLU C 245 -35.93 28.40 -3.05
N ASN C 246 -36.34 29.55 -3.59
CA ASN C 246 -37.67 30.13 -3.26
C ASN C 246 -38.36 30.58 -4.56
N ILE C 247 -39.33 29.79 -5.03
CA ILE C 247 -40.03 30.07 -6.31
C ILE C 247 -40.46 31.53 -6.34
N THR C 248 -41.22 31.97 -5.32
CA THR C 248 -41.69 33.35 -5.29
C THR C 248 -40.63 34.33 -5.76
N ASN C 249 -39.39 34.14 -5.31
CA ASN C 249 -38.30 35.03 -5.70
C ASN C 249 -37.90 34.72 -7.14
N ASN C 250 -38.18 35.65 -8.05
CA ASN C 250 -37.90 35.43 -9.46
C ASN C 250 -36.44 35.74 -9.78
N ALA C 251 -35.53 35.16 -9.00
CA ALA C 251 -34.10 35.24 -9.28
C ALA C 251 -33.49 33.85 -9.14
N LYS C 252 -34.09 33.03 -8.27
CA LYS C 252 -33.57 31.70 -8.01
C LYS C 252 -33.87 30.80 -9.20
N ASN C 253 -32.86 30.08 -9.66
CA ASN C 253 -33.05 29.21 -10.82
C ASN C 253 -34.06 28.10 -10.49
N ILE C 254 -34.84 27.73 -11.50
CA ILE C 254 -35.86 26.70 -11.37
C ILE C 254 -35.40 25.48 -12.15
N LEU C 255 -35.27 24.35 -11.46
CA LEU C 255 -34.84 23.11 -12.07
C LEU C 255 -36.04 22.18 -12.24
N VAL C 256 -36.21 21.67 -13.46
CA VAL C 256 -37.28 20.74 -13.77
C VAL C 256 -36.65 19.45 -14.26
N GLN C 257 -37.07 18.33 -13.66
CA GLN C 257 -36.60 17.01 -14.04
C GLN C 257 -37.74 16.23 -14.66
N PHE C 258 -37.51 15.67 -15.85
CA PHE C 258 -38.54 15.05 -16.66
C PHE C 258 -38.83 13.63 -16.20
N ASN C 259 -39.76 12.99 -16.90
CA ASN C 259 -40.04 11.56 -16.72
C ASN C 259 -39.63 10.78 -17.97
N THR C 260 -40.17 11.15 -19.13
CA THR C 260 -39.83 10.52 -20.38
C THR C 260 -38.82 11.38 -21.12
N PRO C 261 -37.61 10.89 -21.35
CA PRO C 261 -36.61 11.72 -22.06
C PRO C 261 -37.08 12.09 -23.45
N VAL C 262 -36.75 13.31 -23.85
CA VAL C 262 -37.05 13.81 -25.19
C VAL C 262 -35.82 13.58 -26.04
N GLN C 263 -35.88 12.58 -26.91
CA GLN C 263 -34.73 12.22 -27.73
C GLN C 263 -34.32 13.38 -28.63
N ILE C 264 -33.02 13.67 -28.65
CA ILE C 264 -32.47 14.65 -29.56
C ILE C 264 -31.21 14.07 -30.21
N ASN C 265 -31.22 13.99 -31.53
CA ASN C 265 -30.05 13.57 -32.30
C ASN C 265 -29.53 14.77 -33.07
N CYS C 266 -28.26 15.10 -32.87
CA CYS C 266 -27.74 16.34 -33.42
C CYS C 266 -26.44 16.07 -34.15
N THR C 267 -26.31 16.64 -35.34
CA THR C 267 -25.22 16.34 -36.26
C THR C 267 -24.52 17.62 -36.68
N ARG C 268 -23.37 17.45 -37.32
CA ARG C 268 -22.61 18.54 -37.93
C ARG C 268 -22.32 18.13 -39.37
N PRO C 269 -23.27 18.33 -40.28
CA PRO C 269 -23.11 17.82 -41.64
C PRO C 269 -22.05 18.58 -42.45
N ASN C 270 -20.78 18.31 -42.16
CA ASN C 270 -19.68 18.89 -42.91
C ASN C 270 -18.48 17.95 -42.83
N ASN C 271 -17.90 17.65 -43.99
CA ASN C 271 -16.70 16.80 -44.06
C ASN C 271 -15.49 17.66 -43.68
N ASN C 272 -15.35 17.89 -42.38
CA ASN C 272 -14.24 18.70 -41.88
C ASN C 272 -12.92 18.01 -42.16
N THR C 273 -11.90 18.80 -42.49
CA THR C 273 -10.59 18.30 -42.84
C THR C 273 -9.57 18.83 -41.85
N ARG C 274 -8.99 17.93 -41.05
CA ARG C 274 -7.94 18.32 -40.12
C ARG C 274 -6.70 18.74 -40.88
N LYS C 275 -6.08 19.83 -40.41
CA LYS C 275 -4.86 20.36 -41.03
C LYS C 275 -3.83 20.58 -39.93
N SER C 276 -2.64 20.02 -40.11
CA SER C 276 -1.57 20.11 -39.13
C SER C 276 -0.52 21.09 -39.61
N ILE C 277 -0.20 22.07 -38.77
CA ILE C 277 0.80 23.09 -39.06
C ILE C 277 1.80 23.12 -37.92
N ARG C 278 3.09 23.04 -38.26
CA ARG C 278 4.15 23.00 -37.28
C ARG C 278 4.72 24.40 -37.10
N ILE C 279 4.93 24.80 -35.85
CA ILE C 279 5.49 26.11 -35.54
C ILE C 279 7.00 26.11 -35.76
N GLN C 283 4.57 21.00 -30.40
CA GLN C 283 4.41 22.29 -31.06
C GLN C 283 3.53 22.15 -32.30
N ALA C 284 2.77 21.07 -32.36
CA ALA C 284 1.93 20.76 -33.52
C ALA C 284 0.58 21.45 -33.34
N PHE C 285 0.34 22.49 -34.15
CA PHE C 285 -0.93 23.20 -34.12
C PHE C 285 -1.91 22.57 -35.11
N TYR C 286 -3.17 22.53 -34.73
CA TYR C 286 -4.22 21.91 -35.54
C TYR C 286 -5.26 22.95 -35.93
N ALA C 287 -5.81 22.80 -37.14
CA ALA C 287 -6.78 23.75 -37.65
C ALA C 287 -7.64 23.05 -38.69
N THR C 288 -8.50 23.82 -39.35
CA THR C 288 -9.43 23.31 -40.36
C THR C 288 -8.92 23.67 -41.75
N GLY C 289 -8.82 22.67 -42.61
CA GLY C 289 -8.49 22.88 -44.01
C GLY C 289 -9.72 23.22 -44.83
N ASP C 290 -9.54 23.16 -46.15
CA ASP C 290 -10.66 23.41 -47.05
C ASP C 290 -11.72 22.34 -46.87
N ILE C 291 -12.99 22.77 -46.89
CA ILE C 291 -14.09 21.85 -46.60
C ILE C 291 -14.34 20.94 -47.79
N ILE C 292 -14.43 19.65 -47.52
CA ILE C 292 -14.78 18.68 -48.54
C ILE C 292 -16.28 18.63 -48.71
N GLY C 293 -16.75 18.78 -49.94
CA GLY C 293 -18.17 18.79 -50.21
C GLY C 293 -18.80 20.15 -49.92
N ASP C 294 -20.14 20.15 -49.93
CA ASP C 294 -20.89 21.37 -49.70
C ASP C 294 -20.76 21.81 -48.25
N ILE C 295 -20.97 23.11 -48.02
CA ILE C 295 -20.91 23.71 -46.70
C ILE C 295 -22.34 23.96 -46.23
N ARG C 296 -22.72 23.30 -45.14
CA ARG C 296 -24.05 23.44 -44.56
C ARG C 296 -23.95 23.68 -43.08
N GLN C 297 -24.81 24.55 -42.55
CA GLN C 297 -24.81 24.85 -41.13
C GLN C 297 -25.24 23.63 -40.33
N ALA C 298 -24.65 23.46 -39.15
CA ALA C 298 -25.03 22.35 -38.28
C ALA C 298 -26.40 22.61 -37.68
N HIS C 299 -27.34 21.69 -37.92
CA HIS C 299 -28.69 21.83 -37.41
C HIS C 299 -29.20 20.46 -36.99
N CYS C 300 -30.21 20.46 -36.13
CA CYS C 300 -30.76 19.21 -35.65
C CYS C 300 -32.18 19.42 -35.14
N ASN C 301 -32.91 18.33 -35.05
CA ASN C 301 -34.34 18.33 -34.83
C ASN C 301 -34.70 17.76 -33.45
N VAL C 302 -35.97 17.95 -33.09
CA VAL C 302 -36.53 17.41 -31.85
C VAL C 302 -37.89 16.83 -32.19
N SER C 303 -38.19 15.66 -31.63
CA SER C 303 -39.49 15.02 -31.85
C SER C 303 -40.61 15.93 -31.36
N LYS C 304 -41.39 16.46 -32.29
CA LYS C 304 -42.35 17.52 -31.95
C LYS C 304 -43.42 17.03 -31.00
N ALA C 305 -43.98 15.84 -31.24
CA ALA C 305 -45.06 15.34 -30.41
C ALA C 305 -44.58 15.05 -28.98
N THR C 306 -43.44 14.37 -28.86
CA THR C 306 -42.93 14.05 -27.53
C THR C 306 -42.55 15.30 -26.77
N TRP C 307 -41.92 16.26 -27.44
CA TRP C 307 -41.57 17.51 -26.78
C TRP C 307 -42.81 18.27 -26.35
N ASN C 308 -43.84 18.30 -27.20
CA ASN C 308 -45.09 18.97 -26.83
C ASN C 308 -45.73 18.30 -25.63
N GLU C 309 -45.75 16.97 -25.59
CA GLU C 309 -46.35 16.27 -24.46
C GLU C 309 -45.58 16.51 -23.16
N THR C 310 -44.25 16.46 -23.24
CA THR C 310 -43.44 16.71 -22.04
C THR C 310 -43.61 18.14 -21.56
N LEU C 311 -43.64 19.11 -22.48
CA LEU C 311 -43.87 20.50 -22.09
C LEU C 311 -45.27 20.69 -21.52
N GLY C 312 -46.25 19.93 -22.01
CA GLY C 312 -47.57 19.98 -21.42
C GLY C 312 -47.59 19.46 -19.99
N LYS C 313 -46.89 18.35 -19.74
CA LYS C 313 -46.76 17.87 -18.36
C LYS C 313 -46.08 18.91 -17.49
N VAL C 314 -45.03 19.54 -18.02
CA VAL C 314 -44.31 20.57 -17.27
C VAL C 314 -45.23 21.73 -16.93
N VAL C 315 -45.95 22.26 -17.92
CA VAL C 315 -46.81 23.42 -17.69
C VAL C 315 -47.96 23.05 -16.78
N LYS C 316 -48.42 21.80 -16.80
CA LYS C 316 -49.37 21.35 -15.80
C LYS C 316 -48.76 21.40 -14.41
N GLN C 317 -47.49 21.03 -14.28
CA GLN C 317 -46.83 21.08 -12.98
C GLN C 317 -46.69 22.51 -12.47
N LEU C 318 -46.29 23.45 -13.33
CA LEU C 318 -46.07 24.83 -12.89
C LEU C 318 -47.34 25.50 -12.40
N ARG C 319 -48.53 25.01 -12.77
CA ARG C 319 -49.76 25.66 -12.32
C ARG C 319 -49.89 25.62 -10.79
N LYS C 320 -49.22 24.68 -10.14
CA LYS C 320 -49.23 24.60 -8.68
C LYS C 320 -48.26 25.64 -8.11
N HIS C 321 -47.97 25.52 -6.81
CA HIS C 321 -47.03 26.40 -6.12
C HIS C 321 -47.49 27.85 -6.14
N ASN C 325 -53.44 29.35 -12.34
CA ASN C 325 -54.30 29.24 -13.52
C ASN C 325 -54.08 30.39 -14.47
N THR C 326 -53.01 31.15 -14.24
CA THR C 326 -52.71 32.32 -15.06
C THR C 326 -52.02 31.87 -16.34
N ILE C 327 -51.52 32.82 -17.11
CA ILE C 327 -50.81 32.51 -18.35
C ILE C 327 -49.43 31.97 -18.03
N ILE C 328 -49.04 30.92 -18.74
CA ILE C 328 -47.70 30.34 -18.60
C ILE C 328 -47.07 30.42 -19.99
N ARG C 329 -46.33 31.49 -20.23
CA ARG C 329 -45.66 31.65 -21.50
C ARG C 329 -44.36 30.86 -21.53
N PHE C 330 -43.70 30.88 -22.68
CA PHE C 330 -42.37 30.29 -22.83
C PHE C 330 -41.66 31.10 -23.92
N ALA C 331 -40.87 32.08 -23.49
CA ALA C 331 -40.06 32.83 -24.44
C ALA C 331 -38.70 32.15 -24.57
N ASN C 332 -37.79 32.79 -25.31
CA ASN C 332 -36.45 32.28 -25.51
C ASN C 332 -35.49 33.06 -24.61
N SER C 333 -34.21 32.72 -24.67
CA SER C 333 -33.24 33.33 -23.78
C SER C 333 -33.13 34.83 -24.05
N SER C 334 -33.23 35.63 -22.99
CA SER C 334 -33.28 37.09 -23.08
C SER C 334 -31.86 37.63 -22.91
N GLY C 335 -31.18 37.87 -24.03
CA GLY C 335 -29.88 38.50 -24.00
C GLY C 335 -28.83 37.63 -23.34
N GLY C 336 -27.74 38.28 -22.96
CA GLY C 336 -26.61 37.59 -22.37
C GLY C 336 -25.63 37.11 -23.42
N ASP C 337 -24.49 36.63 -22.95
CA ASP C 337 -23.43 36.17 -23.83
C ASP C 337 -23.84 34.85 -24.50
N LEU C 338 -22.95 34.32 -25.33
CA LEU C 338 -23.28 33.13 -26.11
C LEU C 338 -23.43 31.88 -25.25
N GLU C 339 -22.81 31.85 -24.07
CA GLU C 339 -22.91 30.68 -23.21
C GLU C 339 -24.25 30.57 -22.50
N VAL C 340 -25.09 31.60 -22.57
CA VAL C 340 -26.42 31.55 -21.97
C VAL C 340 -27.53 31.74 -22.99
N THR C 341 -27.29 32.42 -24.11
CA THR C 341 -28.31 32.56 -25.14
C THR C 341 -28.68 31.22 -25.74
N THR C 342 -27.69 30.38 -26.01
CA THR C 342 -27.87 29.14 -26.75
C THR C 342 -27.67 27.94 -25.84
N HIS C 343 -28.02 26.77 -26.37
CA HIS C 343 -27.84 25.51 -25.64
C HIS C 343 -26.42 25.02 -25.92
N SER C 344 -25.46 25.69 -25.27
CA SER C 344 -24.06 25.35 -25.46
C SER C 344 -23.77 23.96 -24.87
N PHE C 345 -23.22 23.08 -25.70
CA PHE C 345 -22.94 21.73 -25.25
C PHE C 345 -21.93 21.06 -26.16
N ASN C 346 -21.18 20.12 -25.59
CA ASN C 346 -20.19 19.38 -26.35
C ASN C 346 -20.83 18.18 -27.05
N CYS C 347 -20.19 17.76 -28.14
CA CYS C 347 -20.64 16.59 -28.89
C CYS C 347 -19.42 16.06 -29.67
N GLY C 348 -18.86 14.96 -29.20
CA GLY C 348 -17.77 14.31 -29.90
C GLY C 348 -16.57 15.20 -30.14
N GLY C 349 -16.24 16.06 -29.19
CA GLY C 349 -15.13 16.98 -29.34
C GLY C 349 -15.45 18.25 -30.10
N GLU C 350 -16.72 18.50 -30.44
CA GLU C 350 -17.11 19.73 -31.11
C GLU C 350 -18.20 20.43 -30.31
N PHE C 351 -18.03 21.73 -30.10
CA PHE C 351 -18.88 22.50 -29.20
C PHE C 351 -19.95 23.23 -30.00
N PHE C 352 -21.22 22.93 -29.70
CA PHE C 352 -22.36 23.50 -30.41
C PHE C 352 -23.02 24.56 -29.52
N TYR C 353 -23.25 25.74 -30.07
CA TYR C 353 -24.00 26.81 -29.41
C TYR C 353 -25.28 26.97 -30.21
N CYS C 354 -26.35 26.37 -29.71
CA CYS C 354 -27.52 26.13 -30.55
C CYS C 354 -28.66 27.09 -30.20
N ASN C 355 -29.09 27.86 -31.22
CA ASN C 355 -30.39 28.50 -31.24
C ASN C 355 -31.44 27.61 -30.60
N THR C 356 -32.11 28.12 -29.57
CA THR C 356 -33.15 27.36 -28.88
C THR C 356 -34.40 28.19 -28.72
N SER C 357 -34.67 29.08 -29.67
CA SER C 357 -35.92 29.82 -29.64
C SER C 357 -37.09 28.93 -30.02
N GLY C 358 -36.89 28.06 -31.00
CA GLY C 358 -37.99 27.23 -31.48
C GLY C 358 -38.54 26.30 -30.42
N LEU C 359 -37.65 25.77 -29.56
CA LEU C 359 -38.11 24.86 -28.52
C LEU C 359 -38.99 25.54 -27.49
N PHE C 360 -38.80 26.85 -27.27
CA PHE C 360 -39.57 27.59 -26.26
C PHE C 360 -40.31 28.73 -26.95
N ASN C 361 -41.45 28.42 -27.56
CA ASN C 361 -42.37 29.46 -27.98
C ASN C 361 -43.83 29.11 -27.74
N SER C 362 -44.14 27.92 -27.23
CA SER C 362 -45.52 27.52 -27.02
C SER C 362 -46.10 28.30 -25.84
N THR C 363 -47.17 29.06 -26.09
CA THR C 363 -47.84 29.84 -25.07
C THR C 363 -49.04 29.07 -24.55
N TRP C 364 -49.18 29.02 -23.23
CA TRP C 364 -50.25 28.23 -22.62
C TRP C 364 -51.13 29.11 -21.73
N ILE C 382 -38.54 19.70 -33.61
CA ILE C 382 -38.36 21.02 -34.18
C ILE C 382 -36.88 21.25 -34.49
N THR C 383 -36.61 21.81 -35.67
CA THR C 383 -35.24 22.06 -36.06
C THR C 383 -34.67 23.25 -35.29
N LEU C 384 -33.40 23.14 -34.90
CA LEU C 384 -32.71 24.19 -34.17
C LEU C 384 -31.41 24.51 -34.90
N PRO C 385 -31.24 25.72 -35.42
CA PRO C 385 -29.97 26.06 -36.10
C PRO C 385 -28.83 26.23 -35.10
N CYS C 386 -27.95 25.24 -35.04
CA CYS C 386 -26.89 25.18 -34.03
C CYS C 386 -25.63 25.82 -34.57
N ARG C 387 -25.31 27.04 -34.10
CA ARG C 387 -24.07 27.69 -34.49
C ARG C 387 -22.87 26.92 -33.94
N ILE C 388 -21.73 27.09 -34.58
CA ILE C 388 -20.51 26.39 -34.22
C ILE C 388 -19.40 27.41 -34.01
N LYS C 389 -18.67 27.27 -32.89
CA LYS C 389 -17.43 27.99 -32.66
C LYS C 389 -16.45 27.04 -32.02
N GLN C 390 -15.16 27.28 -32.25
CA GLN C 390 -14.12 26.39 -31.72
C GLN C 390 -13.33 27.00 -30.57
N ILE C 391 -13.15 28.31 -30.53
CA ILE C 391 -12.62 28.94 -29.34
C ILE C 391 -13.65 28.83 -28.22
N ILE C 392 -13.17 28.61 -27.00
CA ILE C 392 -14.08 28.41 -25.88
C ILE C 392 -13.31 28.62 -24.59
N ASN C 393 -13.95 29.32 -23.65
CA ASN C 393 -13.47 29.44 -22.28
C ASN C 393 -14.52 28.88 -21.35
N MET C 394 -14.12 27.94 -20.50
CA MET C 394 -15.05 27.13 -19.74
C MET C 394 -15.18 27.63 -18.30
N TRP C 395 -16.31 27.31 -17.69
CA TRP C 395 -16.60 27.60 -16.29
C TRP C 395 -16.55 29.10 -15.98
N GLN C 396 -16.70 29.95 -17.01
CA GLN C 396 -16.81 31.40 -16.82
C GLN C 396 -15.55 31.97 -16.16
N ARG C 397 -14.39 31.60 -16.70
CA ARG C 397 -13.12 32.12 -16.23
C ARG C 397 -12.57 33.12 -17.23
N ILE C 398 -11.44 33.71 -16.87
CA ILE C 398 -10.67 34.56 -17.77
C ILE C 398 -9.21 34.15 -17.66
N GLY C 399 -8.46 34.42 -18.73
CA GLY C 399 -7.07 33.99 -18.81
C GLY C 399 -6.88 32.56 -19.26
N GLN C 400 -7.96 31.77 -19.35
CA GLN C 400 -7.91 30.41 -19.85
C GLN C 400 -8.92 30.27 -20.97
N ALA C 401 -8.52 29.59 -22.04
CA ALA C 401 -9.37 29.44 -23.22
C ALA C 401 -8.90 28.24 -24.02
N MET C 402 -9.85 27.47 -24.55
CA MET C 402 -9.54 26.28 -25.34
C MET C 402 -9.76 26.57 -26.81
N TYR C 403 -9.13 25.74 -27.66
CA TYR C 403 -9.26 25.89 -29.10
C TYR C 403 -10.14 24.83 -29.74
N ALA C 404 -10.37 23.70 -29.07
CA ALA C 404 -11.23 22.63 -29.57
C ALA C 404 -10.80 22.21 -30.97
N PRO C 405 -9.70 21.47 -31.12
CA PRO C 405 -9.21 21.15 -32.45
C PRO C 405 -10.24 20.39 -33.25
N PRO C 406 -10.30 20.62 -34.56
CA PRO C 406 -11.40 20.07 -35.36
C PRO C 406 -11.33 18.55 -35.46
N ILE C 407 -12.49 17.95 -35.70
CA ILE C 407 -12.62 16.51 -35.88
C ILE C 407 -13.03 16.25 -37.32
N GLN C 408 -12.33 15.32 -37.96
CA GLN C 408 -12.60 15.02 -39.36
C GLN C 408 -13.90 14.24 -39.51
N GLY C 409 -14.48 14.33 -40.71
CA GLY C 409 -15.72 13.65 -40.99
C GLY C 409 -16.93 14.38 -40.45
N VAL C 410 -18.06 13.69 -40.48
CA VAL C 410 -19.33 14.21 -39.99
C VAL C 410 -19.64 13.53 -38.65
N ILE C 411 -20.02 14.32 -37.66
CA ILE C 411 -20.30 13.83 -36.32
C ILE C 411 -21.80 13.86 -36.09
N ARG C 412 -22.32 12.86 -35.39
CA ARG C 412 -23.73 12.75 -35.06
C ARG C 412 -23.86 12.12 -33.69
N CYS C 413 -24.40 12.85 -32.73
CA CYS C 413 -24.55 12.37 -31.36
C CYS C 413 -26.03 12.32 -31.00
N VAL C 414 -26.46 11.18 -30.45
CA VAL C 414 -27.85 10.94 -30.08
C VAL C 414 -27.92 10.89 -28.57
N SER C 415 -28.68 11.80 -27.97
CA SER C 415 -28.72 11.93 -26.52
C SER C 415 -30.13 12.24 -26.06
N ASN C 416 -30.41 11.91 -24.80
CA ASN C 416 -31.67 12.31 -24.19
C ASN C 416 -31.62 13.77 -23.77
N ILE C 417 -32.79 14.32 -23.46
CA ILE C 417 -32.93 15.59 -22.77
C ILE C 417 -33.75 15.30 -21.52
N THR C 418 -33.15 15.54 -20.35
CA THR C 418 -33.74 15.08 -19.10
C THR C 418 -34.18 16.19 -18.18
N GLY C 419 -33.58 17.38 -18.27
CA GLY C 419 -33.90 18.44 -17.35
C GLY C 419 -33.91 19.79 -18.05
N LEU C 420 -34.60 20.73 -17.40
CA LEU C 420 -34.81 22.07 -17.93
C LEU C 420 -34.48 23.09 -16.85
N ILE C 421 -33.87 24.20 -17.27
CA ILE C 421 -33.53 25.29 -16.36
C ILE C 421 -34.34 26.50 -16.80
N LEU C 422 -35.22 26.99 -15.92
CA LEU C 422 -36.12 28.08 -16.24
C LEU C 422 -36.11 29.12 -15.14
N THR C 423 -36.36 30.36 -15.51
CA THR C 423 -36.42 31.49 -14.58
C THR C 423 -37.76 32.20 -14.72
N ARG C 424 -38.35 32.57 -13.60
CA ARG C 424 -39.62 33.29 -13.60
C ARG C 424 -39.39 34.72 -14.06
N ASP C 425 -40.46 35.51 -14.10
CA ASP C 425 -40.44 36.87 -14.61
C ASP C 425 -41.12 37.79 -13.61
N GLY C 426 -40.81 39.09 -13.72
CA GLY C 426 -41.37 40.07 -12.83
C GLY C 426 -42.82 40.39 -13.14
N GLY C 427 -43.44 41.14 -12.24
CA GLY C 427 -44.82 41.54 -12.38
C GLY C 427 -45.45 42.03 -11.10
N GLU C 434 -46.41 32.91 -15.70
CA GLU C 434 -45.65 34.00 -16.30
C GLU C 434 -44.77 33.49 -17.44
N THR C 435 -43.75 34.27 -17.81
CA THR C 435 -42.85 33.91 -18.90
C THR C 435 -41.65 33.19 -18.32
N PHE C 436 -41.60 31.87 -18.49
CA PHE C 436 -40.51 31.06 -17.96
C PHE C 436 -39.48 30.78 -19.05
N ARG C 437 -38.82 31.86 -19.47
CA ARG C 437 -37.79 31.72 -20.49
C ARG C 437 -36.58 30.98 -19.91
N PRO C 438 -35.89 30.20 -20.74
CA PRO C 438 -34.76 29.42 -20.24
C PRO C 438 -33.56 30.29 -19.90
N GLY C 439 -32.74 29.76 -19.01
CA GLY C 439 -31.54 30.44 -18.57
C GLY C 439 -30.58 29.45 -17.96
N GLY C 440 -29.54 29.99 -17.32
CA GLY C 440 -28.58 29.14 -16.66
C GLY C 440 -27.17 29.56 -16.99
N GLY C 441 -26.25 28.62 -16.85
CA GLY C 441 -24.83 28.86 -17.00
C GLY C 441 -24.05 28.69 -15.71
N ASP C 442 -24.72 28.86 -14.58
CA ASP C 442 -24.13 28.55 -13.27
C ASP C 442 -24.04 27.03 -13.17
N MET C 443 -22.82 26.50 -13.38
CA MET C 443 -22.64 25.07 -13.48
C MET C 443 -23.11 24.34 -12.22
N ARG C 444 -23.11 25.03 -11.08
CA ARG C 444 -23.63 24.44 -9.86
C ARG C 444 -25.10 24.07 -10.01
N ASP C 445 -25.88 24.93 -10.65
CA ASP C 445 -27.30 24.63 -10.89
C ASP C 445 -27.45 23.37 -11.72
N ASN C 446 -26.56 23.17 -12.70
CA ASN C 446 -26.59 21.94 -13.47
C ASN C 446 -26.25 20.73 -12.61
N TRP C 447 -25.25 20.87 -11.74
CA TRP C 447 -24.83 19.74 -10.92
C TRP C 447 -25.70 19.54 -9.68
N ARG C 448 -26.71 20.38 -9.47
CA ARG C 448 -27.67 20.17 -8.40
C ARG C 448 -28.87 19.35 -8.84
N SER C 449 -28.89 18.88 -10.09
CA SER C 449 -29.97 18.03 -10.56
C SER C 449 -29.70 16.54 -10.37
N GLU C 450 -28.48 16.18 -9.98
CA GLU C 450 -28.16 14.80 -9.62
C GLU C 450 -27.74 14.67 -8.17
N LEU C 451 -27.22 15.72 -7.55
CA LEU C 451 -26.77 15.70 -6.17
C LEU C 451 -27.84 16.20 -5.21
N TYR C 452 -29.11 16.08 -5.57
CA TYR C 452 -30.22 16.60 -4.78
C TYR C 452 -30.74 15.60 -3.76
N LYS C 453 -30.15 14.42 -3.68
CA LYS C 453 -30.56 13.38 -2.75
C LYS C 453 -29.37 12.81 -2.01
N TYR C 454 -28.40 13.66 -1.67
CA TYR C 454 -27.20 13.22 -1.00
C TYR C 454 -26.75 14.28 -0.01
N LYS C 455 -26.21 13.85 1.12
CA LYS C 455 -25.78 14.76 2.17
C LYS C 455 -24.74 14.05 3.03
N VAL C 456 -23.49 14.49 2.94
CA VAL C 456 -22.44 13.90 3.78
C VAL C 456 -22.79 14.12 5.24
N VAL C 457 -22.71 13.06 6.03
CA VAL C 457 -23.13 13.10 7.41
C VAL C 457 -22.12 12.34 8.27
N LYS C 458 -21.74 12.91 9.40
CA LYS C 458 -20.81 12.32 10.34
C LYS C 458 -21.57 11.69 11.49
N ILE C 459 -21.24 10.45 11.82
CA ILE C 459 -21.94 9.73 12.89
C ILE C 459 -21.33 10.13 14.23
N GLU C 460 -22.19 10.44 15.19
CA GLU C 460 -21.78 10.90 16.52
C GLU C 460 -22.44 10.00 17.55
N PRO C 461 -21.82 8.87 17.90
CA PRO C 461 -22.48 7.91 18.80
C PRO C 461 -22.80 8.45 20.19
N LEU C 462 -21.96 9.33 20.72
CA LEU C 462 -22.14 9.77 22.10
C LEU C 462 -23.40 10.61 22.25
N GLY C 463 -24.12 10.40 23.35
CA GLY C 463 -25.35 11.14 23.60
C GLY C 463 -25.60 11.27 25.09
N VAL C 464 -26.39 12.29 25.44
CA VAL C 464 -26.72 12.60 26.83
C VAL C 464 -28.24 12.67 26.96
N ALA C 465 -28.76 12.11 28.05
CA ALA C 465 -30.20 12.06 28.26
C ALA C 465 -30.58 12.34 29.71
N PRO C 466 -31.69 13.03 29.95
CA PRO C 466 -32.12 13.36 31.31
C PRO C 466 -32.95 12.27 31.99
N THR C 467 -32.32 11.28 32.62
CA THR C 467 -33.06 10.24 33.31
C THR C 467 -32.89 10.36 34.82
N ARG C 468 -33.50 9.44 35.55
CA ARG C 468 -33.52 9.47 37.01
C ARG C 468 -32.50 8.46 37.53
N CYS C 469 -31.31 8.94 37.86
CA CYS C 469 -30.26 8.11 38.43
C CYS C 469 -29.42 8.96 39.38
N LYS C 470 -28.65 8.29 40.24
CA LYS C 470 -27.89 8.99 41.26
C LYS C 470 -26.44 8.55 41.36
N ARG C 471 -25.99 7.61 40.53
CA ARG C 471 -24.62 7.11 40.58
C ARG C 471 -24.28 6.57 41.96
N ARG C 472 -23.46 7.30 42.70
CA ARG C 472 -23.10 6.89 44.06
C ARG C 472 -22.68 8.10 44.90
N GLN D 1 36.59 -0.48 26.48
CA GLN D 1 37.42 -1.69 26.47
C GLN D 1 36.59 -2.90 26.06
N VAL D 2 36.98 -3.53 24.95
CA VAL D 2 36.29 -4.69 24.42
C VAL D 2 37.20 -5.90 24.57
N GLN D 3 36.64 -6.99 25.11
CA GLN D 3 37.38 -8.23 25.30
C GLN D 3 36.83 -9.30 24.34
N LEU D 4 37.72 -10.14 23.84
CA LEU D 4 37.39 -11.14 22.84
C LEU D 4 37.79 -12.51 23.34
N GLN D 5 36.91 -13.50 23.17
CA GLN D 5 37.21 -14.88 23.50
C GLN D 5 36.77 -15.77 22.35
N GLU D 6 37.72 -16.42 21.69
CA GLU D 6 37.43 -17.32 20.59
C GLU D 6 37.54 -18.77 21.05
N SER D 7 36.72 -19.62 20.45
CA SER D 7 36.68 -21.02 20.81
C SER D 7 36.25 -21.86 19.62
N GLY D 8 36.57 -23.14 19.67
CA GLY D 8 36.24 -24.06 18.62
C GLY D 8 37.08 -25.32 18.71
N PRO D 9 36.78 -26.31 17.88
CA PRO D 9 37.57 -27.55 17.90
C PRO D 9 39.03 -27.29 17.58
N GLY D 10 39.92 -27.98 18.30
CA GLY D 10 41.33 -27.89 18.04
C GLY D 10 41.86 -28.86 17.02
N LEU D 11 41.10 -29.91 16.72
CA LEU D 11 41.47 -30.88 15.69
C LEU D 11 40.27 -31.08 14.79
N VAL D 12 40.47 -30.88 13.49
CA VAL D 12 39.41 -31.00 12.49
C VAL D 12 39.92 -31.86 11.35
N LYS D 13 39.12 -32.85 10.94
CA LYS D 13 39.49 -33.71 9.83
C LYS D 13 39.42 -32.92 8.52
N PRO D 14 40.13 -33.38 7.49
CA PRO D 14 40.04 -32.72 6.20
C PRO D 14 38.66 -32.86 5.56
N SER D 15 38.27 -31.84 4.80
CA SER D 15 37.09 -31.86 3.95
C SER D 15 35.80 -32.00 4.77
N GLU D 16 35.61 -31.05 5.68
CA GLU D 16 34.29 -30.83 6.30
C GLU D 16 34.28 -29.40 6.85
N THR D 17 33.13 -29.02 7.38
CA THR D 17 32.95 -27.66 7.90
C THR D 17 33.78 -27.44 9.15
N LEU D 18 34.36 -26.25 9.26
CA LEU D 18 35.11 -25.83 10.44
C LEU D 18 34.36 -24.67 11.08
N SER D 19 34.03 -24.81 12.35
CA SER D 19 33.21 -23.83 13.05
C SER D 19 34.02 -23.17 14.16
N LEU D 20 33.99 -21.84 14.19
CA LEU D 20 34.60 -21.06 15.26
C LEU D 20 33.56 -20.12 15.83
N THR D 21 33.62 -19.88 17.12
CA THR D 21 32.69 -18.98 17.79
C THR D 21 33.48 -18.00 18.63
N CYS D 22 33.24 -16.70 18.44
CA CYS D 22 33.93 -15.66 19.19
C CYS D 22 32.91 -14.81 19.93
N ALA D 23 33.08 -14.71 21.24
CA ALA D 23 32.23 -13.91 22.11
C ALA D 23 32.93 -12.61 22.47
N VAL D 24 32.20 -11.51 22.37
CA VAL D 24 32.73 -10.17 22.57
C VAL D 24 32.04 -9.57 23.79
N SER D 25 32.81 -8.84 24.61
CA SER D 25 32.27 -8.17 25.78
C SER D 25 32.68 -6.71 25.76
N GLY D 26 31.74 -5.83 26.09
CA GLY D 26 32.00 -4.41 26.14
C GLY D 26 31.96 -3.69 24.83
N GLY D 27 31.51 -4.34 23.76
CA GLY D 27 31.44 -3.70 22.46
C GLY D 27 30.32 -2.67 22.39
N SER D 28 30.37 -1.87 21.34
CA SER D 28 29.36 -0.85 21.13
C SER D 28 28.01 -1.49 20.80
N ILE D 29 26.94 -0.75 21.07
CA ILE D 29 25.59 -1.28 20.91
C ILE D 29 25.30 -1.62 19.46
N SER D 30 25.84 -0.84 18.52
CA SER D 30 25.58 -1.07 17.11
C SER D 30 26.71 -0.47 16.29
N GLY D 31 26.78 -0.88 15.03
CA GLY D 31 27.80 -0.39 14.12
C GLY D 31 29.15 -1.04 14.24
N ASN D 32 29.25 -2.16 14.94
CA ASN D 32 30.53 -2.84 15.10
C ASN D 32 30.90 -3.60 13.82
N TYR D 33 32.21 -3.80 13.65
CA TYR D 33 32.76 -4.58 12.55
C TYR D 33 33.59 -5.72 13.12
N TRP D 34 32.99 -6.90 13.23
CA TRP D 34 33.68 -8.08 13.75
C TRP D 34 34.36 -8.78 12.58
N SER D 35 35.69 -8.82 12.60
CA SER D 35 36.45 -9.40 11.51
C SER D 35 37.12 -10.69 11.96
N TRP D 36 37.28 -11.60 11.01
CA TRP D 36 37.97 -12.86 11.20
C TRP D 36 39.23 -12.84 10.35
N ILE D 37 40.38 -13.10 11.00
CA ILE D 37 41.68 -13.13 10.35
C ILE D 37 42.37 -14.44 10.74
N ARG D 38 43.33 -14.87 9.92
CA ARG D 38 44.08 -16.07 10.22
C ARG D 38 45.52 -15.92 9.75
N GLN D 39 46.39 -16.71 10.35
CA GLN D 39 47.80 -16.78 9.96
C GLN D 39 48.19 -18.24 9.83
N SER D 40 48.53 -18.66 8.60
CA SER D 40 49.04 -20.00 8.39
C SER D 40 50.49 -20.10 8.86
N PRO D 41 50.89 -21.24 9.41
CA PRO D 41 52.29 -21.41 9.84
C PRO D 41 53.23 -21.30 8.65
N GLY D 42 54.39 -20.68 8.88
CA GLY D 42 55.33 -20.45 7.80
C GLY D 42 54.80 -19.56 6.70
N LYS D 43 53.97 -18.59 7.05
CA LYS D 43 53.38 -17.70 6.05
C LYS D 43 52.87 -16.45 6.76
N GLY D 44 52.64 -15.40 5.97
CA GLY D 44 52.13 -14.16 6.50
C GLY D 44 50.62 -14.20 6.75
N LEU D 45 50.16 -13.22 7.51
CA LEU D 45 48.74 -13.14 7.85
C LEU D 45 47.91 -12.83 6.61
N GLU D 46 46.62 -13.11 6.70
CA GLU D 46 45.71 -12.85 5.59
C GLU D 46 44.30 -12.69 6.13
N TRP D 47 43.59 -11.70 5.60
CA TRP D 47 42.24 -11.42 6.07
C TRP D 47 41.27 -12.48 5.55
N ILE D 48 40.29 -12.84 6.40
CA ILE D 48 39.27 -13.79 5.98
C ILE D 48 37.98 -13.07 5.68
N GLY D 49 37.46 -12.33 6.65
CA GLY D 49 36.19 -11.66 6.39
C GLY D 49 35.83 -10.71 7.50
N HIS D 50 34.67 -10.06 7.33
CA HIS D 50 34.15 -9.21 8.38
C HIS D 50 32.64 -9.06 8.25
N ILE D 51 32.01 -8.83 9.39
CA ILE D 51 30.57 -8.70 9.52
C ILE D 51 30.22 -7.39 10.21
N ASN D 52 29.21 -6.71 9.68
CA ASN D 52 28.61 -5.54 10.33
C ASN D 52 27.44 -6.05 11.15
N ASP D 53 27.66 -6.24 12.46
CA ASP D 53 26.66 -6.90 13.29
C ASP D 53 25.38 -6.10 13.45
N TYR D 54 25.27 -4.92 12.85
CA TYR D 54 24.02 -4.19 12.80
C TYR D 54 23.29 -4.41 11.48
N SER D 55 23.93 -4.09 10.36
CA SER D 55 23.31 -4.29 9.06
C SER D 55 23.11 -5.78 8.77
N GLY D 56 24.08 -6.60 9.14
CA GLY D 56 24.06 -8.00 8.84
C GLY D 56 24.70 -8.39 7.53
N ARG D 57 25.03 -7.41 6.69
CA ARG D 57 25.70 -7.72 5.43
C ARG D 57 27.15 -8.12 5.68
N THR D 58 27.58 -9.18 5.01
CA THR D 58 28.90 -9.76 5.21
C THR D 58 29.90 -9.18 4.23
N ASP D 59 31.15 -9.59 4.38
CA ASP D 59 32.15 -9.41 3.34
C ASP D 59 33.25 -10.43 3.58
N TYR D 60 33.79 -10.98 2.49
CA TYR D 60 34.80 -12.02 2.59
C TYR D 60 35.94 -11.71 1.64
N ASN D 61 37.05 -12.42 1.83
CA ASN D 61 38.15 -12.33 0.90
C ASN D 61 37.73 -12.89 -0.46
N PRO D 62 38.17 -12.27 -1.56
CA PRO D 62 37.76 -12.78 -2.87
C PRO D 62 38.18 -14.22 -3.13
N SER D 63 39.33 -14.63 -2.62
CA SER D 63 39.81 -15.99 -2.84
C SER D 63 39.14 -17.02 -1.95
N LEU D 64 38.34 -16.59 -0.97
CA LEU D 64 37.65 -17.50 -0.07
C LEU D 64 36.14 -17.29 -0.07
N LYS D 65 35.62 -16.55 -1.05
CA LYS D 65 34.21 -16.19 -1.06
C LYS D 65 33.29 -17.40 -1.19
N SER D 66 33.80 -18.52 -1.70
CA SER D 66 32.99 -19.70 -1.94
C SER D 66 33.03 -20.72 -0.81
N ARG D 67 33.89 -20.52 0.20
CA ARG D 67 34.08 -21.50 1.24
C ARG D 67 33.79 -21.01 2.66
N VAL D 68 33.49 -19.72 2.83
CA VAL D 68 33.32 -19.16 4.17
C VAL D 68 31.91 -18.59 4.32
N THR D 69 31.48 -18.48 5.57
CA THR D 69 30.20 -17.86 5.90
C THR D 69 30.26 -17.39 7.33
N ILE D 70 30.05 -16.08 7.55
CA ILE D 70 30.14 -15.47 8.87
C ILE D 70 28.76 -15.02 9.29
N SER D 71 28.35 -15.40 10.50
CA SER D 71 27.07 -15.00 11.05
C SER D 71 27.29 -14.35 12.41
N THR D 72 26.24 -13.72 12.94
CA THR D 72 26.35 -13.01 14.20
C THR D 72 25.00 -13.00 14.90
N ASP D 73 25.01 -13.17 16.22
CA ASP D 73 23.81 -13.05 17.04
C ASP D 73 24.00 -11.97 18.10
N THR D 74 23.07 -11.01 18.12
CA THR D 74 23.20 -9.87 19.03
C THR D 74 22.74 -10.21 20.44
N SER D 75 21.71 -11.04 20.58
CA SER D 75 21.14 -11.31 21.89
C SER D 75 22.16 -11.96 22.81
N THR D 76 22.79 -13.06 22.36
CA THR D 76 23.92 -13.60 23.09
C THR D 76 25.21 -12.86 22.77
N ASN D 77 25.20 -12.01 21.74
CA ASN D 77 26.27 -11.07 21.45
C ASN D 77 27.56 -11.81 21.15
N GLN D 78 27.49 -12.69 20.15
CA GLN D 78 28.62 -13.47 19.66
C GLN D 78 28.59 -13.48 18.14
N PHE D 79 29.64 -14.02 17.53
CA PHE D 79 29.63 -14.20 16.09
C PHE D 79 30.40 -15.47 15.71
N PHE D 80 29.93 -16.12 14.66
CA PHE D 80 30.41 -17.44 14.25
C PHE D 80 31.03 -17.37 12.86
N LEU D 81 32.10 -18.13 12.68
CA LEU D 81 32.68 -18.41 11.38
C LEU D 81 32.42 -19.87 11.02
N THR D 82 32.03 -20.11 9.77
CA THR D 82 31.87 -21.45 9.23
C THR D 82 32.65 -21.52 7.93
N LEU D 83 33.78 -22.22 7.94
CA LEU D 83 34.61 -22.42 6.76
C LEU D 83 34.40 -23.85 6.29
N SER D 84 33.56 -24.01 5.26
CA SER D 84 33.24 -25.33 4.75
C SER D 84 34.26 -25.76 3.70
N SER D 85 34.34 -27.07 3.48
CA SER D 85 35.26 -27.68 2.52
C SER D 85 36.71 -27.30 2.83
N VAL D 86 37.10 -27.55 4.08
CA VAL D 86 38.46 -27.23 4.51
C VAL D 86 39.45 -28.13 3.76
N SER D 87 40.66 -27.63 3.57
CA SER D 87 41.72 -28.34 2.88
C SER D 87 42.90 -28.53 3.84
N ALA D 88 43.99 -29.09 3.30
CA ALA D 88 45.18 -29.34 4.12
C ALA D 88 45.96 -28.06 4.41
N ALA D 89 45.85 -27.06 3.55
CA ALA D 89 46.60 -25.82 3.70
C ALA D 89 45.92 -24.80 4.61
N ASP D 90 44.73 -25.10 5.11
CA ASP D 90 43.98 -24.15 5.92
C ASP D 90 44.27 -24.26 7.41
N THR D 91 45.17 -25.15 7.82
CA THR D 91 45.64 -25.13 9.21
C THR D 91 46.31 -23.80 9.52
N ALA D 92 45.94 -23.20 10.64
CA ALA D 92 46.37 -21.85 10.93
C ALA D 92 45.96 -21.47 12.34
N VAL D 93 46.50 -20.33 12.80
CA VAL D 93 46.05 -19.69 14.01
C VAL D 93 44.99 -18.65 13.62
N TYR D 94 43.80 -18.78 14.17
CA TYR D 94 42.67 -17.91 13.84
C TYR D 94 42.47 -16.89 14.95
N TYR D 95 42.26 -15.64 14.56
CA TYR D 95 41.95 -14.56 15.47
C TYR D 95 40.63 -13.90 15.08
N CYS D 96 39.83 -13.57 16.08
CA CYS D 96 38.68 -12.70 15.89
C CYS D 96 39.01 -11.33 16.44
N ALA D 97 38.86 -10.30 15.62
CA ALA D 97 39.30 -8.96 15.96
C ALA D 97 38.18 -7.97 15.67
N ARG D 98 38.34 -6.76 16.19
CA ARG D 98 37.41 -5.67 15.93
C ARG D 98 38.15 -4.53 15.25
N ARG D 99 37.66 -4.12 14.08
CA ARG D 99 38.27 -3.00 13.37
C ARG D 99 37.53 -1.71 13.69
N ASP D 100 38.27 -0.61 13.74
CA ASP D 100 37.76 0.66 14.24
C ASP D 100 36.82 1.29 13.21
N THR D 101 36.38 2.51 13.52
CA THR D 101 35.58 3.31 12.60
C THR D 101 36.20 4.69 12.38
N ASP D 102 37.43 4.91 12.85
CA ASP D 102 38.05 6.22 12.73
C ASP D 102 38.44 6.51 11.28
N PHE D 103 39.03 5.54 10.59
CA PHE D 103 39.48 5.69 9.20
C PHE D 103 40.47 6.85 9.08
N TRP D 104 41.61 6.68 9.76
CA TRP D 104 42.66 7.68 9.80
C TRP D 104 43.47 7.61 8.52
N ARG D 105 43.08 8.41 7.53
CA ARG D 105 43.80 8.53 6.26
C ARG D 105 43.94 7.19 5.56
N GLY D 106 42.77 6.63 5.20
CA GLY D 106 42.73 5.42 4.39
C GLY D 106 43.22 4.15 5.05
N ILE D 107 42.88 3.94 6.32
CA ILE D 107 43.22 2.70 7.02
C ILE D 107 42.07 2.29 7.92
N TYR D 108 41.80 0.99 7.99
CA TYR D 108 41.06 0.40 9.10
C TYR D 108 41.99 -0.56 9.81
N VAL D 109 42.12 -0.40 11.13
CA VAL D 109 42.97 -1.26 11.93
C VAL D 109 42.10 -2.05 12.90
N PHE D 110 42.61 -3.21 13.29
CA PHE D 110 41.95 -4.07 14.27
C PHE D 110 42.66 -3.83 15.60
N GLU D 111 42.09 -2.97 16.44
CA GLU D 111 42.72 -2.68 17.73
C GLU D 111 42.65 -3.87 18.66
N PHE D 112 41.48 -4.48 18.78
CA PHE D 112 41.24 -5.56 19.72
C PHE D 112 41.33 -6.91 18.99
N TRP D 113 42.19 -7.78 19.50
CA TRP D 113 42.42 -9.09 18.93
C TRP D 113 42.15 -10.18 19.95
N GLY D 114 41.80 -11.37 19.46
CA GLY D 114 41.65 -12.51 20.33
C GLY D 114 42.99 -13.15 20.65
N GLN D 115 42.94 -14.10 21.58
CA GLN D 115 44.17 -14.77 22.02
C GLN D 115 44.83 -15.51 20.87
N GLY D 116 44.03 -16.15 20.02
CA GLY D 116 44.55 -16.90 18.91
C GLY D 116 44.34 -18.39 19.07
N VAL D 117 43.33 -18.94 18.39
CA VAL D 117 42.94 -20.33 18.52
C VAL D 117 43.60 -21.14 17.41
N LEU D 118 44.22 -22.25 17.78
CA LEU D 118 44.84 -23.13 16.80
C LEU D 118 43.77 -23.94 16.07
N VAL D 119 43.97 -24.16 14.77
CA VAL D 119 43.12 -25.05 14.00
C VAL D 119 44.04 -25.87 13.10
N THR D 120 44.10 -27.18 13.34
CA THR D 120 44.98 -28.07 12.61
C THR D 120 44.13 -29.11 11.89
N VAL D 121 44.42 -29.31 10.60
CA VAL D 121 43.71 -30.29 9.79
C VAL D 121 44.61 -31.50 9.60
N SER D 122 44.09 -32.68 9.95
CA SER D 122 44.83 -33.92 9.82
C SER D 122 43.85 -35.09 9.85
N SER D 123 44.32 -36.24 9.37
CA SER D 123 43.50 -37.43 9.35
C SER D 123 43.85 -38.35 10.53
N GLN E 1 -25.10 -36.07 6.18
CA GLN E 1 -26.12 -36.08 5.14
C GLN E 1 -26.23 -34.72 4.47
N VAL E 2 -26.13 -34.70 3.14
CA VAL E 2 -26.17 -33.47 2.38
C VAL E 2 -27.43 -33.46 1.51
N GLN E 3 -28.20 -32.39 1.59
CA GLN E 3 -29.45 -32.25 0.85
C GLN E 3 -29.35 -31.03 -0.06
N LEU E 4 -29.66 -31.22 -1.34
CA LEU E 4 -29.65 -30.14 -2.32
C LEU E 4 -31.07 -29.89 -2.78
N GLN E 5 -31.51 -28.63 -2.74
CA GLN E 5 -32.82 -28.24 -3.24
C GLN E 5 -32.68 -27.01 -4.13
N GLU E 6 -33.19 -27.12 -5.35
CA GLU E 6 -32.99 -26.08 -6.35
C GLU E 6 -34.32 -25.46 -6.75
N SER E 7 -34.24 -24.24 -7.28
CA SER E 7 -35.42 -23.51 -7.71
C SER E 7 -35.00 -22.46 -8.74
N GLY E 8 -35.99 -21.92 -9.44
CA GLY E 8 -35.78 -20.92 -10.45
C GLY E 8 -36.96 -20.79 -11.38
N PRO E 9 -36.86 -19.90 -12.36
CA PRO E 9 -37.94 -19.76 -13.34
C PRO E 9 -38.17 -21.04 -14.11
N GLY E 10 -39.43 -21.32 -14.41
CA GLY E 10 -39.79 -22.49 -15.18
C GLY E 10 -39.85 -22.21 -16.67
N LEU E 11 -40.41 -21.06 -17.04
CA LEU E 11 -40.49 -20.63 -18.43
C LEU E 11 -39.60 -19.42 -18.62
N VAL E 12 -38.72 -19.49 -19.62
CA VAL E 12 -37.76 -18.43 -19.91
C VAL E 12 -37.77 -18.18 -21.41
N LYS E 13 -38.01 -16.94 -21.82
CA LYS E 13 -38.00 -16.58 -23.23
C LYS E 13 -36.56 -16.58 -23.75
N PRO E 14 -36.39 -16.68 -25.07
CA PRO E 14 -35.04 -16.72 -25.63
C PRO E 14 -34.28 -15.41 -25.43
N SER E 15 -32.95 -15.54 -25.45
CA SER E 15 -32.02 -14.41 -25.46
C SER E 15 -32.03 -13.56 -24.19
N GLU E 16 -31.80 -14.19 -23.04
CA GLU E 16 -31.39 -13.48 -21.84
C GLU E 16 -30.66 -14.48 -20.93
N THR E 17 -30.44 -14.09 -19.68
CA THR E 17 -29.74 -14.92 -18.71
C THR E 17 -30.74 -15.69 -17.86
N LEU E 18 -30.51 -16.98 -17.69
CA LEU E 18 -31.33 -17.83 -16.85
C LEU E 18 -30.62 -18.01 -15.51
N SER E 19 -31.32 -17.68 -14.43
CA SER E 19 -30.75 -17.72 -13.08
C SER E 19 -31.43 -18.82 -12.29
N LEU E 20 -30.63 -19.75 -11.77
CA LEU E 20 -31.12 -20.85 -10.96
C LEU E 20 -30.39 -20.87 -9.63
N THR E 21 -31.15 -20.98 -8.55
CA THR E 21 -30.59 -20.93 -7.20
C THR E 21 -30.76 -22.29 -6.53
N CYS E 22 -29.66 -22.86 -6.07
CA CYS E 22 -29.68 -24.14 -5.36
C CYS E 22 -29.17 -23.93 -3.94
N ALA E 23 -30.01 -24.24 -2.96
CA ALA E 23 -29.64 -24.19 -1.55
C ALA E 23 -29.27 -25.60 -1.08
N VAL E 24 -28.48 -25.64 -0.01
CA VAL E 24 -27.99 -26.90 0.53
C VAL E 24 -28.16 -26.91 2.04
N SER E 25 -28.47 -28.09 2.57
CA SER E 25 -28.59 -28.31 4.01
C SER E 25 -27.70 -29.48 4.40
N GLY E 26 -26.93 -29.29 5.47
CA GLY E 26 -26.09 -30.37 5.99
C GLY E 26 -24.80 -30.59 5.25
N GLY E 27 -24.43 -29.68 4.36
CA GLY E 27 -23.16 -29.80 3.65
C GLY E 27 -21.99 -29.51 4.56
N SER E 28 -20.82 -30.01 4.16
CA SER E 28 -19.61 -29.76 4.92
C SER E 28 -19.31 -28.27 4.99
N ILE E 29 -18.67 -27.85 6.08
CA ILE E 29 -18.50 -26.42 6.35
C ILE E 29 -17.65 -25.76 5.27
N SER E 30 -16.66 -26.47 4.72
CA SER E 30 -15.78 -25.86 3.73
C SER E 30 -15.11 -26.96 2.93
N GLY E 31 -14.47 -26.54 1.84
CA GLY E 31 -13.80 -27.50 0.97
C GLY E 31 -14.74 -28.25 0.06
N ASN E 32 -15.96 -27.77 -0.10
CA ASN E 32 -16.96 -28.47 -0.90
C ASN E 32 -16.85 -28.06 -2.36
N TYR E 33 -17.40 -28.90 -3.22
CA TYR E 33 -17.41 -28.66 -4.66
C TYR E 33 -18.82 -28.86 -5.19
N TRP E 34 -19.48 -27.75 -5.57
CA TRP E 34 -20.86 -27.77 -6.03
C TRP E 34 -20.89 -27.68 -7.54
N SER E 35 -21.56 -28.63 -8.19
CA SER E 35 -21.55 -28.73 -9.64
C SER E 35 -22.95 -28.60 -10.21
N TRP E 36 -23.06 -27.82 -11.27
CA TRP E 36 -24.28 -27.67 -12.04
C TRP E 36 -24.19 -28.57 -13.27
N ILE E 37 -25.24 -29.35 -13.51
CA ILE E 37 -25.34 -30.28 -14.63
C ILE E 37 -26.71 -30.10 -15.27
N ARG E 38 -26.79 -30.34 -16.58
CA ARG E 38 -28.06 -30.27 -17.28
C ARG E 38 -28.24 -31.48 -18.18
N GLN E 39 -29.51 -31.82 -18.45
CA GLN E 39 -29.86 -32.88 -19.37
C GLN E 39 -30.88 -32.34 -20.37
N SER E 40 -30.47 -32.23 -21.63
CA SER E 40 -31.41 -31.87 -22.67
C SER E 40 -32.39 -33.01 -22.90
N PRO E 41 -33.62 -32.71 -23.32
CA PRO E 41 -34.61 -33.77 -23.52
C PRO E 41 -34.21 -34.72 -24.63
N GLY E 42 -34.30 -36.02 -24.35
CA GLY E 42 -33.97 -37.03 -25.33
C GLY E 42 -32.54 -36.99 -25.83
N LYS E 43 -31.59 -36.71 -24.94
CA LYS E 43 -30.18 -36.68 -25.32
C LYS E 43 -29.35 -36.76 -24.06
N GLY E 44 -28.17 -37.38 -24.18
CA GLY E 44 -27.34 -37.63 -23.00
C GLY E 44 -26.94 -36.33 -22.31
N LEU E 45 -26.99 -36.34 -20.98
CA LEU E 45 -26.76 -35.12 -20.23
C LEU E 45 -25.29 -34.71 -20.30
N GLU E 46 -25.05 -33.43 -20.00
CA GLU E 46 -23.71 -32.86 -20.08
C GLU E 46 -23.46 -32.01 -18.85
N TRP E 47 -22.18 -31.87 -18.51
CA TRP E 47 -21.77 -31.10 -17.35
C TRP E 47 -21.73 -29.62 -17.68
N ILE E 48 -22.20 -28.79 -16.76
CA ILE E 48 -22.22 -27.35 -16.96
C ILE E 48 -20.99 -26.72 -16.32
N GLY E 49 -20.88 -26.85 -15.00
CA GLY E 49 -19.77 -26.21 -14.32
C GLY E 49 -19.68 -26.66 -12.88
N HIS E 50 -18.67 -26.11 -12.19
CA HIS E 50 -18.52 -26.42 -10.77
C HIS E 50 -17.74 -25.32 -10.07
N ILE E 51 -18.09 -25.10 -8.82
CA ILE E 51 -17.52 -24.06 -7.96
C ILE E 51 -16.90 -24.70 -6.72
N ASN E 52 -15.71 -24.22 -6.36
CA ASN E 52 -15.09 -24.56 -5.08
C ASN E 52 -15.68 -23.65 -4.01
N ASP E 53 -16.26 -24.27 -2.98
CA ASP E 53 -16.99 -23.49 -1.98
C ASP E 53 -16.08 -22.61 -1.14
N TYR E 54 -14.80 -23.00 -1.00
CA TYR E 54 -13.87 -22.19 -0.21
C TYR E 54 -13.07 -21.23 -1.08
N SER E 55 -12.34 -21.76 -2.06
CA SER E 55 -11.43 -20.95 -2.84
C SER E 55 -12.16 -19.85 -3.60
N GLY E 56 -13.39 -20.12 -4.02
CA GLY E 56 -14.09 -19.25 -4.94
C GLY E 56 -13.72 -19.48 -6.39
N ARG E 57 -12.76 -20.36 -6.65
CA ARG E 57 -12.37 -20.67 -8.02
C ARG E 57 -13.49 -21.44 -8.70
N THR E 58 -13.83 -21.03 -9.92
CA THR E 58 -14.87 -21.68 -10.70
C THR E 58 -14.24 -22.40 -11.88
N ASP E 59 -15.03 -23.29 -12.49
CA ASP E 59 -14.62 -23.92 -13.72
C ASP E 59 -15.87 -24.30 -14.51
N TYR E 60 -15.75 -24.26 -15.84
CA TYR E 60 -16.89 -24.49 -16.71
C TYR E 60 -16.47 -25.39 -17.86
N ASN E 61 -17.47 -25.94 -18.54
CA ASN E 61 -17.21 -26.72 -19.74
C ASN E 61 -16.59 -25.82 -20.80
N PRO E 62 -15.63 -26.33 -21.59
CA PRO E 62 -14.98 -25.48 -22.60
C PRO E 62 -15.94 -24.90 -23.62
N SER E 63 -17.00 -25.62 -23.96
CA SER E 63 -17.96 -25.13 -24.95
C SER E 63 -19.06 -24.26 -24.34
N LEU E 64 -19.01 -23.99 -23.04
CA LEU E 64 -19.96 -23.11 -22.38
C LEU E 64 -19.24 -22.13 -21.47
N LYS E 65 -18.00 -21.76 -21.81
CA LYS E 65 -17.20 -20.93 -20.91
C LYS E 65 -17.78 -19.54 -20.76
N SER E 66 -18.08 -18.88 -21.89
CA SER E 66 -18.52 -17.48 -21.84
C SER E 66 -19.93 -17.36 -21.30
N ARG E 67 -20.81 -18.28 -21.68
CA ARG E 67 -22.24 -18.13 -21.39
C ARG E 67 -22.63 -18.57 -19.98
N VAL E 68 -21.72 -19.15 -19.22
CA VAL E 68 -22.04 -19.74 -17.92
C VAL E 68 -21.23 -19.03 -16.84
N THR E 69 -21.89 -18.61 -15.76
CA THR E 69 -21.22 -18.06 -14.60
C THR E 69 -21.84 -18.64 -13.34
N ILE E 70 -21.00 -19.15 -12.45
CA ILE E 70 -21.47 -19.77 -11.21
C ILE E 70 -20.92 -18.98 -10.04
N SER E 71 -21.80 -18.59 -9.13
CA SER E 71 -21.42 -17.84 -7.93
C SER E 71 -21.90 -18.58 -6.70
N THR E 72 -21.27 -18.29 -5.57
CA THR E 72 -21.58 -18.95 -4.31
C THR E 72 -22.07 -17.94 -3.29
N ASP E 73 -22.68 -18.45 -2.22
CA ASP E 73 -23.18 -17.63 -1.12
C ASP E 73 -23.05 -18.50 0.11
N THR E 74 -21.96 -18.31 0.86
CA THR E 74 -21.72 -19.09 2.06
C THR E 74 -22.73 -18.76 3.16
N SER E 75 -23.16 -17.50 3.23
CA SER E 75 -24.02 -17.07 4.33
C SER E 75 -25.34 -17.84 4.34
N THR E 76 -25.98 -17.98 3.18
CA THR E 76 -27.25 -18.69 3.09
C THR E 76 -27.10 -20.12 2.60
N ASN E 77 -25.87 -20.60 2.41
CA ASN E 77 -25.60 -21.93 1.88
C ASN E 77 -26.31 -22.16 0.55
N GLN E 78 -25.93 -21.34 -0.42
CA GLN E 78 -26.57 -21.36 -1.73
C GLN E 78 -25.53 -21.17 -2.82
N PHE E 79 -25.90 -21.54 -4.04
CA PHE E 79 -25.11 -21.15 -5.20
C PHE E 79 -26.05 -20.85 -6.36
N PHE E 80 -25.63 -19.87 -7.16
CA PHE E 80 -26.43 -19.33 -8.26
C PHE E 80 -25.75 -19.64 -9.58
N LEU E 81 -26.52 -20.12 -10.55
CA LEU E 81 -26.07 -20.36 -11.91
C LEU E 81 -26.73 -19.36 -12.83
N THR E 82 -25.93 -18.65 -13.61
CA THR E 82 -26.41 -17.67 -14.57
C THR E 82 -25.95 -18.09 -15.96
N LEU E 83 -26.92 -18.39 -16.82
CA LEU E 83 -26.66 -18.79 -18.20
C LEU E 83 -27.02 -17.62 -19.11
N SER E 84 -26.01 -16.90 -19.57
CA SER E 84 -26.24 -15.73 -20.41
C SER E 84 -26.53 -16.14 -21.85
N SER E 85 -27.48 -15.46 -22.48
CA SER E 85 -27.85 -15.68 -23.87
C SER E 85 -28.35 -17.10 -24.09
N VAL E 86 -29.42 -17.45 -23.37
CA VAL E 86 -30.03 -18.77 -23.51
C VAL E 86 -30.72 -18.86 -24.87
N SER E 87 -30.52 -19.97 -25.55
CA SER E 87 -31.13 -20.21 -26.85
C SER E 87 -32.30 -21.19 -26.71
N ALA E 88 -32.89 -21.56 -27.84
CA ALA E 88 -34.00 -22.51 -27.82
C ALA E 88 -33.53 -23.93 -27.53
N ALA E 89 -32.27 -24.24 -27.86
CA ALA E 89 -31.73 -25.58 -27.66
C ALA E 89 -31.23 -25.81 -26.25
N ASP E 90 -31.24 -24.80 -25.39
CA ASP E 90 -30.76 -24.94 -24.01
C ASP E 90 -31.86 -25.36 -23.04
N THR E 91 -33.08 -25.60 -23.53
CA THR E 91 -34.11 -26.18 -22.68
C THR E 91 -33.64 -27.54 -22.15
N ALA E 92 -33.81 -27.75 -20.85
CA ALA E 92 -33.24 -28.95 -20.23
C ALA E 92 -33.76 -29.08 -18.81
N VAL E 93 -33.56 -30.27 -18.25
CA VAL E 93 -33.75 -30.49 -16.83
C VAL E 93 -32.41 -30.24 -16.14
N TYR E 94 -32.40 -29.32 -15.18
CA TYR E 94 -31.18 -28.90 -14.52
C TYR E 94 -31.08 -29.54 -13.14
N TYR E 95 -29.88 -30.01 -12.81
CA TYR E 95 -29.57 -30.59 -11.51
C TYR E 95 -28.41 -29.85 -10.88
N CYS E 96 -28.54 -29.59 -9.58
CA CYS E 96 -27.45 -29.12 -8.75
C CYS E 96 -27.00 -30.27 -7.85
N ALA E 97 -25.71 -30.56 -7.85
CA ALA E 97 -25.20 -31.74 -7.17
C ALA E 97 -23.89 -31.39 -6.49
N ARG E 98 -23.41 -32.31 -5.66
CA ARG E 98 -22.13 -32.16 -4.97
C ARG E 98 -21.18 -33.25 -5.45
N ARG E 99 -20.01 -32.85 -5.95
CA ARG E 99 -19.00 -33.81 -6.40
C ARG E 99 -18.06 -34.18 -5.26
N ASP E 100 -17.75 -35.47 -5.16
CA ASP E 100 -17.07 -36.03 -4.00
C ASP E 100 -15.64 -35.50 -3.86
N THR E 101 -14.98 -35.93 -2.79
CA THR E 101 -13.62 -35.51 -2.45
C THR E 101 -12.77 -36.72 -2.12
N ASP E 102 -12.87 -37.77 -2.94
CA ASP E 102 -12.08 -38.98 -2.73
C ASP E 102 -11.16 -39.30 -3.89
N PHE E 103 -11.62 -39.11 -5.13
CA PHE E 103 -10.82 -39.38 -6.33
C PHE E 103 -10.35 -40.84 -6.35
N TRP E 104 -11.33 -41.74 -6.42
CA TRP E 104 -11.08 -43.18 -6.36
C TRP E 104 -10.65 -43.67 -7.73
N ARG E 105 -9.34 -43.83 -7.92
CA ARG E 105 -8.76 -44.40 -9.14
C ARG E 105 -9.07 -43.56 -10.36
N GLY E 106 -9.26 -42.26 -10.18
CA GLY E 106 -9.42 -41.36 -11.30
C GLY E 106 -10.85 -41.02 -11.67
N ILE E 107 -11.72 -40.89 -10.67
CA ILE E 107 -13.11 -40.48 -10.90
C ILE E 107 -13.52 -39.50 -9.82
N TYR E 108 -14.28 -38.48 -10.20
CA TYR E 108 -15.08 -37.69 -9.29
C TYR E 108 -16.54 -37.94 -9.60
N VAL E 109 -17.32 -38.36 -8.60
CA VAL E 109 -18.73 -38.63 -8.78
C VAL E 109 -19.54 -37.62 -7.98
N PHE E 110 -20.82 -37.55 -8.30
CA PHE E 110 -21.77 -36.67 -7.61
C PHE E 110 -22.67 -37.57 -6.78
N GLU E 111 -22.35 -37.73 -5.50
CA GLU E 111 -23.17 -38.58 -4.64
C GLU E 111 -24.56 -38.00 -4.45
N PHE E 112 -24.65 -36.70 -4.22
CA PHE E 112 -25.89 -36.04 -3.86
C PHE E 112 -26.32 -35.14 -5.02
N TRP E 113 -27.42 -35.49 -5.66
CA TRP E 113 -28.00 -34.74 -6.76
C TRP E 113 -29.23 -33.98 -6.28
N GLY E 114 -29.61 -32.97 -7.06
CA GLY E 114 -30.84 -32.26 -6.79
C GLY E 114 -32.05 -32.95 -7.42
N GLN E 115 -33.23 -32.50 -6.99
CA GLN E 115 -34.47 -33.08 -7.51
C GLN E 115 -34.67 -32.79 -8.99
N GLY E 116 -34.01 -31.77 -9.52
CA GLY E 116 -34.14 -31.45 -10.94
C GLY E 116 -35.26 -30.46 -11.21
N VAL E 117 -34.98 -29.43 -12.00
CA VAL E 117 -35.98 -28.44 -12.37
C VAL E 117 -35.98 -28.31 -13.88
N LEU E 118 -37.16 -28.36 -14.49
CA LEU E 118 -37.29 -28.32 -15.94
C LEU E 118 -37.38 -26.86 -16.39
N VAL E 119 -36.48 -26.45 -17.27
CA VAL E 119 -36.48 -25.11 -17.84
C VAL E 119 -36.72 -25.25 -19.34
N THR E 120 -37.80 -24.63 -19.81
CA THR E 120 -38.20 -24.69 -21.22
C THR E 120 -38.13 -23.30 -21.82
N VAL E 121 -37.54 -23.20 -23.01
CA VAL E 121 -37.40 -21.93 -23.71
C VAL E 121 -38.51 -21.84 -24.74
N SER E 122 -39.39 -20.85 -24.59
CA SER E 122 -40.51 -20.66 -25.48
C SER E 122 -40.77 -19.17 -25.64
N SER E 123 -41.74 -18.84 -26.49
CA SER E 123 -42.09 -17.44 -26.76
C SER E 123 -42.73 -16.80 -25.53
N SER F 2 -13.59 -39.58 -27.34
CA SER F 2 -14.02 -40.46 -26.25
C SER F 2 -15.51 -40.27 -25.96
N VAL F 3 -16.32 -41.26 -26.30
CA VAL F 3 -17.76 -41.21 -26.08
C VAL F 3 -18.18 -42.51 -25.42
N LEU F 4 -19.06 -42.41 -24.43
CA LEU F 4 -19.52 -43.56 -23.66
C LEU F 4 -20.70 -44.18 -24.39
N THR F 5 -20.39 -45.06 -25.34
CA THR F 5 -21.42 -45.74 -26.10
C THR F 5 -22.08 -46.82 -25.26
N GLN F 6 -23.41 -46.84 -25.29
CA GLN F 6 -24.17 -47.80 -24.50
C GLN F 6 -25.55 -47.97 -25.11
N SER F 7 -26.18 -49.10 -24.82
CA SER F 7 -27.44 -49.46 -25.48
C SER F 7 -28.55 -48.50 -25.07
N PRO F 8 -29.27 -47.91 -26.02
CA PRO F 8 -30.30 -46.93 -25.66
C PRO F 8 -31.42 -47.48 -24.79
N SER F 9 -31.83 -48.73 -24.97
CA SER F 9 -32.96 -49.27 -24.23
C SER F 9 -32.79 -50.75 -23.99
N ALA F 10 -33.37 -51.22 -22.89
CA ALA F 10 -33.39 -52.63 -22.54
C ALA F 10 -34.42 -52.83 -21.44
N SER F 11 -34.88 -54.07 -21.30
CA SER F 11 -35.89 -54.40 -20.30
C SER F 11 -35.86 -55.89 -20.03
N ALA F 12 -36.50 -56.29 -18.93
CA ALA F 12 -36.57 -57.69 -18.55
C ALA F 12 -37.78 -57.88 -17.64
N SER F 13 -38.16 -59.14 -17.47
CA SER F 13 -39.31 -59.48 -16.63
C SER F 13 -38.97 -59.31 -15.15
N LEU F 14 -40.02 -59.16 -14.35
CA LEU F 14 -39.85 -58.97 -12.91
C LEU F 14 -39.28 -60.22 -12.27
N GLY F 15 -38.38 -60.03 -11.30
CA GLY F 15 -37.79 -61.12 -10.56
C GLY F 15 -36.60 -61.78 -11.22
N ALA F 16 -36.27 -61.41 -12.45
CA ALA F 16 -35.12 -61.97 -13.15
C ALA F 16 -33.89 -61.10 -12.90
N SER F 17 -32.82 -61.36 -13.64
CA SER F 17 -31.59 -60.59 -13.56
C SER F 17 -31.33 -59.92 -14.89
N VAL F 18 -31.03 -58.62 -14.85
CA VAL F 18 -30.77 -57.82 -16.04
C VAL F 18 -29.30 -57.41 -16.01
N LYS F 19 -28.73 -57.22 -17.20
CA LYS F 19 -27.31 -56.93 -17.36
C LYS F 19 -27.16 -55.72 -18.30
N LEU F 20 -27.16 -54.52 -17.73
CA LEU F 20 -26.93 -53.32 -18.51
C LEU F 20 -25.45 -53.19 -18.85
N THR F 21 -25.17 -52.66 -20.03
CA THR F 21 -23.81 -52.59 -20.54
C THR F 21 -23.42 -51.14 -20.83
N CYS F 22 -22.13 -50.86 -20.66
CA CYS F 22 -21.56 -49.56 -20.99
C CYS F 22 -20.20 -49.81 -21.64
N THR F 23 -20.07 -49.45 -22.90
CA THR F 23 -18.87 -49.71 -23.68
C THR F 23 -18.05 -48.43 -23.80
N LEU F 24 -16.80 -48.49 -23.36
CA LEU F 24 -15.89 -47.37 -23.46
C LEU F 24 -15.28 -47.29 -24.85
N SER F 25 -14.76 -46.11 -25.18
CA SER F 25 -14.09 -45.92 -26.46
C SER F 25 -12.70 -46.54 -26.43
N SER F 26 -12.07 -46.60 -27.61
CA SER F 26 -10.74 -47.20 -27.72
C SER F 26 -9.72 -46.45 -26.89
N GLY F 27 -9.80 -45.13 -26.84
CA GLY F 27 -8.89 -44.35 -26.03
C GLY F 27 -9.13 -44.44 -24.53
N LEU F 28 -10.25 -45.04 -24.12
CA LEU F 28 -10.62 -45.18 -22.73
C LEU F 28 -10.66 -46.64 -22.32
N ARG F 29 -9.66 -47.41 -22.77
CA ARG F 29 -9.68 -48.86 -22.56
C ARG F 29 -9.67 -49.21 -21.08
N SER F 30 -8.73 -48.64 -20.33
CA SER F 30 -8.56 -48.97 -18.92
C SER F 30 -9.23 -47.97 -18.00
N TYR F 31 -10.02 -47.06 -18.54
CA TYR F 31 -10.68 -46.06 -17.71
C TYR F 31 -11.75 -46.70 -16.83
N THR F 32 -11.85 -46.20 -15.61
CA THR F 32 -12.87 -46.62 -14.66
C THR F 32 -14.08 -45.69 -14.72
N ILE F 33 -15.25 -46.27 -14.48
CA ILE F 33 -16.52 -45.57 -14.66
C ILE F 33 -17.34 -45.59 -13.38
N ALA F 34 -18.51 -44.95 -13.41
CA ALA F 34 -19.45 -45.00 -12.31
C ALA F 34 -20.86 -45.10 -12.88
N TRP F 35 -21.76 -45.71 -12.12
CA TRP F 35 -23.13 -45.95 -12.55
C TRP F 35 -24.08 -45.03 -11.80
N TYR F 36 -25.01 -44.41 -12.54
CA TYR F 36 -25.97 -43.48 -11.98
C TYR F 36 -27.38 -43.97 -12.32
N GLN F 37 -28.24 -44.02 -11.31
CA GLN F 37 -29.64 -44.43 -11.48
C GLN F 37 -30.55 -43.23 -11.24
N ARG F 38 -31.47 -42.99 -12.16
CA ARG F 38 -32.47 -41.93 -12.03
C ARG F 38 -33.85 -42.54 -12.21
N GLN F 39 -34.60 -42.64 -11.13
CA GLN F 39 -35.99 -43.07 -11.24
C GLN F 39 -36.87 -41.91 -11.71
N ARG F 40 -38.13 -42.23 -11.97
CA ARG F 40 -39.06 -41.25 -12.50
C ARG F 40 -39.31 -40.17 -11.45
N GLY F 41 -38.77 -38.98 -11.69
CA GLY F 41 -38.99 -37.84 -10.82
C GLY F 41 -37.98 -37.67 -9.71
N GLN F 42 -37.56 -38.77 -9.09
CA GLN F 42 -36.62 -38.70 -7.99
C GLN F 42 -35.24 -38.26 -8.48
N ALA F 43 -34.46 -37.71 -7.55
CA ALA F 43 -33.13 -37.25 -7.87
C ALA F 43 -32.23 -38.42 -8.27
N PRO F 44 -31.29 -38.19 -9.19
CA PRO F 44 -30.34 -39.25 -9.53
C PRO F 44 -29.57 -39.71 -8.31
N ARG F 45 -29.42 -41.02 -8.19
CA ARG F 45 -28.80 -41.64 -7.03
C ARG F 45 -27.50 -42.32 -7.44
N PHE F 46 -26.41 -41.97 -6.78
CA PHE F 46 -25.12 -42.57 -7.06
C PHE F 46 -25.16 -44.04 -6.65
N LEU F 47 -24.75 -44.93 -7.56
CA LEU F 47 -24.86 -46.36 -7.32
C LEU F 47 -23.53 -46.98 -6.90
N LEU F 48 -22.51 -46.90 -7.77
CA LEU F 48 -21.26 -47.58 -7.51
C LEU F 48 -20.25 -47.21 -8.60
N ARG F 49 -18.98 -47.15 -8.20
CA ARG F 49 -17.89 -47.07 -9.16
C ARG F 49 -17.52 -48.47 -9.64
N LEU F 50 -16.69 -48.52 -10.68
CA LEU F 50 -16.32 -49.79 -11.28
C LEU F 50 -15.03 -49.59 -12.07
N ASP F 51 -14.02 -50.41 -11.77
CA ASP F 51 -12.70 -50.26 -12.35
C ASP F 51 -12.37 -51.43 -13.27
N SER F 52 -11.12 -51.46 -13.75
CA SER F 52 -10.73 -52.37 -14.82
C SER F 52 -10.89 -53.84 -14.43
N VAL F 53 -10.81 -54.16 -13.14
CA VAL F 53 -10.86 -55.55 -12.71
C VAL F 53 -12.08 -55.83 -11.85
N GLY F 54 -13.10 -54.98 -11.93
CA GLY F 54 -14.34 -55.23 -11.21
C GLY F 54 -14.34 -54.84 -9.75
N SER F 55 -13.25 -54.24 -9.25
CA SER F 55 -13.20 -53.81 -7.86
C SER F 55 -14.10 -52.60 -7.69
N HIS F 56 -15.28 -52.81 -7.12
CA HIS F 56 -16.32 -51.80 -7.04
C HIS F 56 -16.55 -51.37 -5.59
N THR F 57 -16.71 -50.06 -5.39
CA THR F 57 -17.00 -49.53 -4.08
C THR F 57 -18.47 -49.80 -3.72
N LYS F 58 -18.88 -49.28 -2.57
CA LYS F 58 -20.25 -49.41 -2.10
C LYS F 58 -20.70 -48.11 -1.46
N VAL F 59 -22.01 -47.90 -1.40
CA VAL F 59 -22.60 -46.76 -0.74
C VAL F 59 -23.79 -47.22 0.08
N ASP F 60 -24.08 -46.47 1.16
CA ASP F 60 -25.22 -46.79 2.00
C ASP F 60 -26.52 -46.43 1.29
N GLY F 61 -27.60 -47.09 1.71
CA GLY F 61 -28.92 -46.80 1.19
C GLY F 61 -29.27 -47.47 -0.12
N ILE F 62 -28.40 -48.35 -0.65
CA ILE F 62 -28.70 -49.06 -1.88
C ILE F 62 -28.81 -50.54 -1.59
N PRO F 63 -29.65 -51.29 -2.30
CA PRO F 63 -29.69 -52.73 -2.12
C PRO F 63 -28.39 -53.39 -2.56
N ASP F 64 -28.05 -54.49 -1.89
CA ASP F 64 -26.86 -55.24 -2.25
C ASP F 64 -26.99 -56.00 -3.56
N ARG F 65 -28.19 -56.06 -4.13
CA ARG F 65 -28.39 -56.81 -5.37
C ARG F 65 -27.62 -56.19 -6.54
N PHE F 66 -27.41 -54.88 -6.51
CA PHE F 66 -26.66 -54.23 -7.57
C PHE F 66 -25.20 -54.68 -7.54
N SER F 67 -24.69 -55.11 -8.69
CA SER F 67 -23.32 -55.61 -8.78
C SER F 67 -22.67 -55.05 -10.04
N GLY F 68 -21.35 -54.94 -10.00
CA GLY F 68 -20.58 -54.45 -11.12
C GLY F 68 -19.58 -55.49 -11.59
N SER F 69 -19.25 -55.42 -12.88
CA SER F 69 -18.24 -56.30 -13.45
C SER F 69 -17.57 -55.59 -14.61
N SER F 70 -16.36 -56.03 -14.94
CA SER F 70 -15.58 -55.43 -15.99
C SER F 70 -15.01 -56.49 -16.91
N SER F 71 -14.93 -56.16 -18.20
CA SER F 71 -14.31 -57.05 -19.19
C SER F 71 -13.70 -56.15 -20.26
N GLY F 72 -12.39 -55.90 -20.14
CA GLY F 72 -11.69 -55.09 -21.10
C GLY F 72 -12.25 -53.70 -21.26
N THR F 73 -12.90 -53.46 -22.40
CA THR F 73 -13.49 -52.16 -22.71
C THR F 73 -14.97 -52.10 -22.42
N GLU F 74 -15.51 -53.05 -21.68
CA GLU F 74 -16.93 -53.09 -21.36
C GLU F 74 -17.12 -53.16 -19.85
N ARG F 75 -18.14 -52.46 -19.36
CA ARG F 75 -18.50 -52.50 -17.94
C ARG F 75 -19.96 -52.88 -17.83
N TYR F 76 -20.24 -53.88 -17.00
CA TYR F 76 -21.58 -54.45 -16.87
C TYR F 76 -22.13 -54.16 -15.49
N LEU F 77 -23.34 -53.61 -15.46
CA LEU F 77 -24.09 -53.44 -14.22
C LEU F 77 -25.17 -54.52 -14.19
N THR F 78 -25.04 -55.45 -13.25
CA THR F 78 -25.93 -56.59 -13.14
C THR F 78 -26.86 -56.39 -11.95
N ILE F 79 -28.16 -56.53 -12.19
CA ILE F 79 -29.18 -56.38 -11.17
C ILE F 79 -29.92 -57.71 -11.04
N SER F 80 -30.04 -58.21 -9.81
CA SER F 80 -30.72 -59.46 -9.53
C SER F 80 -32.00 -59.18 -8.75
N ASN F 81 -33.02 -60.00 -9.00
CA ASN F 81 -34.32 -59.89 -8.34
C ASN F 81 -34.93 -58.51 -8.56
N LEU F 82 -35.25 -58.24 -9.83
CA LEU F 82 -35.81 -56.96 -10.22
C LEU F 82 -37.13 -56.70 -9.50
N GLN F 83 -37.29 -55.46 -9.02
CA GLN F 83 -38.55 -55.01 -8.42
C GLN F 83 -39.20 -53.95 -9.30
N SER F 84 -40.40 -53.54 -8.88
CA SER F 84 -41.13 -52.50 -9.62
C SER F 84 -40.42 -51.15 -9.56
N GLU F 85 -39.68 -50.89 -8.47
CA GLU F 85 -38.98 -49.63 -8.31
C GLU F 85 -37.82 -49.47 -9.29
N ASP F 86 -37.44 -50.54 -9.99
CA ASP F 86 -36.35 -50.49 -10.96
C ASP F 86 -36.72 -49.73 -12.23
N GLU F 87 -37.97 -49.31 -12.40
CA GLU F 87 -38.35 -48.45 -13.51
C GLU F 87 -37.51 -47.20 -13.45
N ALA F 88 -36.55 -47.03 -14.37
CA ALA F 88 -35.60 -45.93 -14.20
C ALA F 88 -34.76 -45.78 -15.47
N ASP F 89 -33.77 -44.89 -15.39
CA ASP F 89 -32.78 -44.71 -16.44
C ASP F 89 -31.40 -44.77 -15.78
N TYR F 90 -30.55 -45.68 -16.26
CA TYR F 90 -29.23 -45.90 -15.71
C TYR F 90 -28.19 -45.51 -16.74
N PHE F 91 -27.25 -44.65 -16.36
CA PHE F 91 -26.21 -44.23 -17.29
C PHE F 91 -24.85 -44.24 -16.62
N CYS F 92 -23.83 -44.47 -17.43
CA CYS F 92 -22.45 -44.56 -16.97
C CYS F 92 -21.71 -43.26 -17.23
N GLN F 93 -20.85 -42.89 -16.29
CA GLN F 93 -20.14 -41.62 -16.30
C GLN F 93 -18.66 -41.84 -16.02
N THR F 94 -17.82 -41.00 -16.60
CA THR F 94 -16.38 -41.10 -16.42
C THR F 94 -15.75 -39.71 -16.38
N TRP F 95 -14.46 -39.69 -16.05
CA TRP F 95 -13.70 -38.46 -15.84
C TRP F 95 -12.31 -38.66 -16.46
N THR F 96 -12.14 -38.22 -17.70
CA THR F 96 -10.84 -38.35 -18.35
C THR F 96 -9.90 -37.23 -17.93
N THR F 97 -10.25 -36.01 -18.29
CA THR F 97 -9.64 -34.79 -17.79
C THR F 97 -10.67 -34.17 -16.82
N GLY F 98 -10.42 -32.94 -16.39
CA GLY F 98 -11.37 -32.25 -15.54
C GLY F 98 -12.77 -32.10 -16.14
N ILE F 99 -12.96 -32.58 -17.36
CA ILE F 99 -14.27 -32.60 -18.01
C ILE F 99 -14.88 -33.99 -17.84
N TYR F 100 -16.12 -34.02 -17.36
CA TYR F 100 -16.83 -35.29 -17.23
C TYR F 100 -17.43 -35.70 -18.56
N ILE F 101 -17.61 -37.01 -18.73
CA ILE F 101 -18.21 -37.56 -19.94
C ILE F 101 -19.30 -38.53 -19.51
N PHE F 102 -20.52 -38.30 -19.98
CA PHE F 102 -21.68 -39.08 -19.59
C PHE F 102 -22.18 -39.91 -20.75
N GLY F 103 -22.82 -41.04 -20.42
CA GLY F 103 -23.43 -41.89 -21.42
C GLY F 103 -24.79 -41.37 -21.86
N GLY F 104 -25.37 -42.07 -22.82
CA GLY F 104 -26.66 -41.66 -23.36
C GLY F 104 -27.84 -41.94 -22.46
N GLY F 105 -27.70 -42.88 -21.53
CA GLY F 105 -28.80 -43.23 -20.65
C GLY F 105 -29.60 -44.43 -21.14
N THR F 106 -29.50 -45.55 -20.44
CA THR F 106 -30.29 -46.74 -20.74
C THR F 106 -31.61 -46.65 -19.99
N ARG F 107 -32.72 -46.57 -20.72
CA ARG F 107 -34.03 -46.55 -20.10
C ARG F 107 -34.42 -47.98 -19.75
N LEU F 108 -34.25 -48.36 -18.49
CA LEU F 108 -34.49 -49.72 -18.03
C LEU F 108 -35.89 -49.80 -17.45
N SER F 109 -36.67 -50.76 -17.96
CA SER F 109 -38.04 -50.98 -17.57
C SER F 109 -38.25 -52.42 -17.14
N VAL F 110 -39.26 -52.62 -16.31
CA VAL F 110 -39.63 -53.94 -15.82
C VAL F 110 -41.04 -54.26 -16.30
N LEU F 111 -41.32 -55.55 -16.49
CA LEU F 111 -42.61 -56.01 -17.00
C LEU F 111 -43.45 -56.54 -15.85
N SER F 112 -44.70 -56.08 -15.78
CA SER F 112 -45.62 -56.51 -14.74
C SER F 112 -46.52 -57.64 -15.22
N GLN G 1 50.67 -5.40 -8.18
CA GLN G 1 51.02 -6.14 -6.97
C GLN G 1 50.83 -5.26 -5.73
N SER G 2 50.72 -5.91 -4.57
CA SER G 2 50.59 -5.21 -3.30
C SER G 2 51.21 -6.07 -2.22
N VAL G 3 52.48 -5.81 -1.89
CA VAL G 3 53.19 -6.55 -0.85
C VAL G 3 53.95 -5.58 0.05
N LEU G 4 53.93 -5.84 1.35
CA LEU G 4 54.69 -5.05 2.32
C LEU G 4 55.88 -5.87 2.79
N THR G 5 56.95 -5.82 2.00
CA THR G 5 58.16 -6.56 2.32
C THR G 5 58.83 -5.98 3.55
N GLN G 6 59.37 -6.87 4.39
CA GLN G 6 60.08 -6.47 5.59
C GLN G 6 61.06 -7.56 5.97
N SER G 7 62.02 -7.21 6.82
CA SER G 7 63.06 -8.14 7.25
C SER G 7 62.44 -9.32 7.98
N PRO G 8 62.76 -10.56 7.58
CA PRO G 8 62.17 -11.72 8.27
C PRO G 8 62.60 -11.87 9.71
N SER G 9 63.72 -11.27 10.11
CA SER G 9 64.19 -11.38 11.49
C SER G 9 65.09 -10.20 11.81
N ALA G 10 65.20 -9.90 13.09
CA ALA G 10 66.04 -8.82 13.60
C ALA G 10 66.13 -8.96 15.11
N SER G 11 67.31 -8.65 15.64
CA SER G 11 67.53 -8.76 17.08
C SER G 11 68.68 -7.86 17.48
N ALA G 12 68.75 -7.55 18.78
CA ALA G 12 69.80 -6.73 19.35
C ALA G 12 69.84 -6.97 20.85
N SER G 13 70.59 -6.15 21.57
CA SER G 13 70.78 -6.29 23.00
C SER G 13 69.75 -5.45 23.77
N LEU G 14 69.71 -5.67 25.08
CA LEU G 14 68.79 -4.94 25.94
C LEU G 14 69.25 -3.49 26.12
N GLY G 15 68.27 -2.57 26.14
CA GLY G 15 68.54 -1.18 26.40
C GLY G 15 69.07 -0.38 25.23
N ALA G 16 69.25 -1.00 24.07
CA ALA G 16 69.75 -0.31 22.89
C ALA G 16 68.57 0.23 22.07
N SER G 17 68.86 0.69 20.85
CA SER G 17 67.84 1.14 19.93
C SER G 17 67.75 0.18 18.75
N VAL G 18 66.54 -0.27 18.43
CA VAL G 18 66.31 -1.23 17.37
C VAL G 18 65.42 -0.58 16.32
N LYS G 19 65.76 -0.78 15.05
CA LYS G 19 65.18 -0.02 13.94
C LYS G 19 64.56 -1.02 12.96
N LEU G 20 63.24 -1.22 13.07
CA LEU G 20 62.52 -2.11 12.18
C LEU G 20 62.08 -1.38 10.92
N THR G 21 61.94 -2.14 9.83
CA THR G 21 61.62 -1.60 8.53
C THR G 21 60.30 -2.16 8.04
N CYS G 22 59.65 -1.41 7.14
CA CYS G 22 58.51 -1.90 6.38
C CYS G 22 58.58 -1.27 5.00
N THR G 23 58.95 -2.07 4.00
CA THR G 23 59.18 -1.58 2.65
C THR G 23 57.93 -1.78 1.82
N LEU G 24 57.36 -0.70 1.34
CA LEU G 24 56.15 -0.75 0.52
C LEU G 24 56.51 -1.11 -0.92
N SER G 25 55.48 -1.34 -1.73
CA SER G 25 55.66 -1.62 -3.14
C SER G 25 55.73 -0.32 -3.94
N SER G 26 56.18 -0.44 -5.20
CA SER G 26 56.32 0.74 -6.05
C SER G 26 54.98 1.41 -6.29
N GLY G 27 53.95 0.64 -6.60
CA GLY G 27 52.62 1.20 -6.72
C GLY G 27 52.00 1.55 -5.39
N LEU G 28 52.54 1.03 -4.30
CA LEU G 28 52.10 1.35 -2.95
C LEU G 28 52.97 2.46 -2.36
N ARG G 29 52.91 3.62 -3.02
CA ARG G 29 53.91 4.67 -2.78
C ARG G 29 53.75 5.29 -1.41
N SER G 30 52.63 5.98 -1.17
CA SER G 30 52.43 6.78 0.03
C SER G 30 51.24 6.27 0.83
N TYR G 31 51.10 4.96 0.90
CA TYR G 31 50.05 4.36 1.71
C TYR G 31 50.35 4.54 3.19
N THR G 32 49.35 4.95 3.95
CA THR G 32 49.47 4.92 5.40
C THR G 32 49.49 3.47 5.87
N ILE G 33 50.31 3.18 6.89
CA ILE G 33 50.40 1.82 7.38
C ILE G 33 50.12 1.80 8.88
N ALA G 34 50.08 0.61 9.47
CA ALA G 34 49.92 0.48 10.91
C ALA G 34 50.81 -0.66 11.38
N TRP G 35 51.25 -0.58 12.63
CA TRP G 35 52.21 -1.53 13.19
C TRP G 35 51.54 -2.40 14.25
N TYR G 36 51.64 -3.71 14.07
CA TYR G 36 51.06 -4.68 14.99
C TYR G 36 52.18 -5.47 15.65
N GLN G 37 52.16 -5.53 16.98
CA GLN G 37 53.06 -6.38 17.75
C GLN G 37 52.24 -7.44 18.45
N ARG G 38 52.55 -8.70 18.17
CA ARG G 38 51.93 -9.85 18.80
C ARG G 38 52.92 -10.45 19.78
N GLN G 39 52.59 -10.38 21.07
CA GLN G 39 53.38 -11.06 22.08
C GLN G 39 53.24 -12.57 21.91
N ARG G 40 54.28 -13.30 22.27
CA ARG G 40 54.30 -14.73 22.02
C ARG G 40 53.22 -15.44 22.83
N GLY G 41 52.15 -15.87 22.17
CA GLY G 41 51.07 -16.60 22.80
C GLY G 41 49.87 -15.77 23.22
N GLN G 42 49.96 -14.44 23.12
CA GLN G 42 48.88 -13.56 23.54
C GLN G 42 48.26 -12.85 22.34
N ALA G 43 47.28 -12.00 22.62
CA ALA G 43 46.57 -11.30 21.57
C ALA G 43 47.46 -10.20 20.98
N PRO G 44 47.53 -10.08 19.65
CA PRO G 44 48.28 -8.95 19.07
C PRO G 44 47.68 -7.62 19.48
N ARG G 45 48.56 -6.64 19.69
CA ARG G 45 48.16 -5.32 20.15
C ARG G 45 48.37 -4.30 19.03
N PHE G 46 47.49 -3.30 18.98
CA PHE G 46 47.59 -2.25 17.99
C PHE G 46 48.48 -1.13 18.53
N LEU G 47 49.57 -0.83 17.83
CA LEU G 47 50.57 0.10 18.33
C LEU G 47 50.34 1.53 17.84
N LEU G 48 50.41 1.72 16.52
CA LEU G 48 50.37 3.07 15.98
C LEU G 48 50.28 3.03 14.48
N ARG G 49 49.77 4.13 13.92
CA ARG G 49 49.69 4.25 12.45
C ARG G 49 50.89 5.08 12.02
N LEU G 50 51.12 5.16 10.71
CA LEU G 50 52.26 5.89 10.14
C LEU G 50 51.86 6.38 8.76
N ASP G 51 51.76 7.70 8.60
CA ASP G 51 51.37 8.29 7.33
C ASP G 51 52.61 8.54 6.46
N SER G 52 52.39 9.16 5.30
CA SER G 52 53.49 9.44 4.39
C SER G 52 54.46 10.46 4.96
N VAL G 53 53.94 11.49 5.65
CA VAL G 53 54.81 12.53 6.18
C VAL G 53 55.67 12.00 7.32
N GLY G 54 55.07 11.23 8.23
CA GLY G 54 55.81 10.68 9.35
C GLY G 54 55.09 10.82 10.68
N SER G 55 53.85 11.31 10.63
CA SER G 55 53.06 11.46 11.84
C SER G 55 52.56 10.11 12.34
N HIS G 56 52.50 9.94 13.65
CA HIS G 56 52.03 8.71 14.26
C HIS G 56 50.99 9.04 15.31
N THR G 57 49.96 8.18 15.41
CA THR G 57 48.87 8.36 16.36
C THR G 57 49.02 7.35 17.48
N LYS G 58 49.39 7.83 18.67
CA LYS G 58 49.58 6.94 19.80
C LYS G 58 48.26 6.34 20.25
N VAL G 59 48.36 5.23 20.98
CA VAL G 59 47.21 4.54 21.56
C VAL G 59 47.39 4.47 23.06
N ASP G 60 46.28 4.66 23.77
CA ASP G 60 46.32 4.66 25.26
C ASP G 60 46.91 3.34 25.76
N GLY G 61 47.84 3.43 26.71
CA GLY G 61 48.42 2.26 27.32
C GLY G 61 49.67 1.74 26.64
N ILE G 62 49.91 2.11 25.40
CA ILE G 62 51.12 1.66 24.71
C ILE G 62 52.33 2.43 25.26
N PRO G 63 53.43 1.76 25.57
CA PRO G 63 54.60 2.47 26.10
C PRO G 63 55.12 3.50 25.11
N ASP G 64 55.64 4.60 25.64
CA ASP G 64 56.18 5.68 24.81
C ASP G 64 57.43 5.24 24.07
N ARG G 65 58.06 4.15 24.50
CA ARG G 65 59.32 3.71 23.89
C ARG G 65 59.20 3.42 22.40
N PHE G 66 57.99 3.15 21.90
CA PHE G 66 57.77 2.91 20.49
C PHE G 66 57.60 4.22 19.74
N SER G 67 58.24 4.33 18.58
CA SER G 67 58.09 5.51 17.74
C SER G 67 58.10 5.08 16.27
N GLY G 68 57.66 5.98 15.40
CA GLY G 68 57.59 5.69 13.99
C GLY G 68 58.09 6.84 13.15
N SER G 69 58.35 6.54 11.88
CA SER G 69 58.82 7.54 10.93
C SER G 69 58.55 7.03 9.52
N SER G 70 58.61 7.93 8.56
CA SER G 70 58.38 7.61 7.16
C SER G 70 59.52 8.14 6.30
N SER G 71 59.71 7.52 5.14
CA SER G 71 60.70 8.00 4.18
C SER G 71 60.24 7.52 2.80
N GLY G 72 59.66 8.43 2.03
CA GLY G 72 59.24 8.14 0.67
C GLY G 72 58.35 6.93 0.55
N THR G 73 58.88 5.87 -0.06
CA THR G 73 58.11 4.66 -0.27
C THR G 73 57.93 3.88 1.03
N GLU G 74 58.94 3.86 1.89
CA GLU G 74 59.00 2.92 3.00
C GLU G 74 58.80 3.62 4.34
N ARG G 75 58.61 2.80 5.38
CA ARG G 75 58.35 3.29 6.73
C ARG G 75 59.28 2.59 7.72
N TYR G 76 59.56 3.27 8.83
CA TYR G 76 60.43 2.77 9.87
C TYR G 76 59.74 2.81 11.23
N LEU G 77 60.07 1.83 12.06
CA LEU G 77 59.68 1.79 13.46
C LEU G 77 60.93 1.76 14.32
N THR G 78 60.86 2.40 15.49
CA THR G 78 62.00 2.50 16.39
C THR G 78 61.57 2.08 17.79
N ILE G 79 62.37 1.20 18.40
CA ILE G 79 62.16 0.79 19.78
C ILE G 79 63.40 1.16 20.58
N SER G 80 63.21 1.94 21.63
CA SER G 80 64.29 2.34 22.52
C SER G 80 64.05 1.81 23.92
N ASN G 81 65.14 1.54 24.63
CA ASN G 81 65.09 0.99 25.99
C ASN G 81 64.32 -0.33 26.01
N LEU G 82 64.92 -1.31 25.32
CA LEU G 82 64.28 -2.62 25.17
C LEU G 82 64.13 -3.31 26.53
N GLN G 83 63.10 -4.15 26.62
CA GLN G 83 62.83 -4.94 27.81
C GLN G 83 62.73 -6.41 27.41
N SER G 84 62.45 -7.26 28.40
CA SER G 84 62.36 -8.69 28.14
C SER G 84 61.12 -9.04 27.33
N GLU G 85 60.03 -8.29 27.50
CA GLU G 85 58.78 -8.58 26.82
C GLU G 85 58.74 -8.08 25.38
N ASP G 86 59.74 -7.31 24.95
CA ASP G 86 59.74 -6.79 23.59
C ASP G 86 59.99 -7.87 22.55
N GLU G 87 60.48 -9.04 22.97
CA GLU G 87 60.57 -10.18 22.06
C GLU G 87 59.17 -10.57 21.62
N ALA G 88 58.87 -10.41 20.35
CA ALA G 88 57.50 -10.57 19.86
C ALA G 88 57.54 -10.74 18.35
N ASP G 89 56.37 -10.64 17.71
CA ASP G 89 56.24 -10.69 16.26
C ASP G 89 55.62 -9.38 15.79
N TYR G 90 56.41 -8.58 15.08
CA TYR G 90 55.98 -7.28 14.60
C TYR G 90 55.76 -7.33 13.09
N PHE G 91 54.66 -6.75 12.63
CA PHE G 91 54.42 -6.64 11.20
C PHE G 91 53.57 -5.43 10.89
N CYS G 92 53.70 -4.94 9.66
CA CYS G 92 52.96 -3.77 9.19
C CYS G 92 51.79 -4.20 8.32
N GLN G 93 50.70 -3.44 8.42
CA GLN G 93 49.45 -3.75 7.73
C GLN G 93 48.89 -2.48 7.09
N THR G 94 48.19 -2.62 5.97
CA THR G 94 47.68 -1.42 5.24
C THR G 94 46.28 -1.69 4.71
N TRP G 95 45.75 -0.85 3.83
CA TRP G 95 44.35 -1.06 3.37
C TRP G 95 44.11 -0.44 2.01
N THR G 96 44.26 -1.20 0.93
CA THR G 96 43.96 -0.68 -0.42
C THR G 96 42.45 -0.56 -0.59
N THR G 97 41.94 -0.79 -1.79
CA THR G 97 40.48 -0.60 -2.05
C THR G 97 39.62 -1.51 -1.19
N GLY G 98 40.22 -2.49 -0.52
CA GLY G 98 39.43 -3.34 0.39
C GLY G 98 40.02 -4.73 0.49
N ILE G 99 41.32 -4.83 0.67
CA ILE G 99 41.94 -6.17 0.87
C ILE G 99 43.17 -5.98 1.77
N TYR G 100 42.93 -5.82 3.06
CA TYR G 100 44.05 -5.59 4.00
C TYR G 100 45.29 -6.32 3.49
N ILE G 101 46.38 -5.60 3.26
CA ILE G 101 47.65 -6.23 2.83
C ILE G 101 48.54 -6.36 4.05
N PHE G 102 48.74 -7.57 4.57
CA PHE G 102 49.50 -7.80 5.78
C PHE G 102 50.94 -8.16 5.44
N GLY G 103 51.85 -7.85 6.37
CA GLY G 103 53.24 -8.19 6.19
C GLY G 103 53.53 -9.65 6.47
N GLY G 104 54.76 -10.05 6.16
CA GLY G 104 55.18 -11.42 6.35
C GLY G 104 55.54 -11.82 7.76
N GLY G 105 55.57 -10.87 8.69
CA GLY G 105 55.91 -11.18 10.06
C GLY G 105 57.40 -11.10 10.33
N THR G 106 57.79 -10.35 11.36
CA THR G 106 59.19 -10.19 11.74
C THR G 106 59.35 -10.56 13.19
N ARG G 107 60.20 -11.54 13.48
CA ARG G 107 60.44 -11.99 14.85
C ARG G 107 61.53 -11.12 15.47
N LEU G 108 61.17 -10.39 16.53
CA LEU G 108 62.11 -9.57 17.27
C LEU G 108 62.48 -10.30 18.56
N SER G 109 63.78 -10.48 18.78
CA SER G 109 64.29 -11.19 19.95
C SER G 109 65.32 -10.32 20.65
N VAL G 110 65.52 -10.60 21.94
CA VAL G 110 66.46 -9.87 22.78
C VAL G 110 67.44 -10.87 23.38
N LEU G 111 68.70 -10.47 23.48
CA LEU G 111 69.77 -11.32 23.99
C LEU G 111 70.22 -10.83 25.35
N SER G 112 70.27 -11.73 26.32
CA SER G 112 70.69 -11.39 27.67
C SER G 112 72.21 -11.56 27.84
N GLN H 1 -28.31 38.33 6.37
CA GLN H 1 -27.67 39.41 7.11
C GLN H 1 -26.15 39.25 7.08
N VAL H 2 -25.55 39.68 5.97
CA VAL H 2 -24.10 39.59 5.76
C VAL H 2 -23.54 41.00 5.79
N GLN H 3 -22.53 41.22 6.63
CA GLN H 3 -21.89 42.53 6.77
C GLN H 3 -20.41 42.41 6.47
N LEU H 4 -19.90 43.37 5.70
CA LEU H 4 -18.51 43.40 5.28
C LEU H 4 -17.85 44.64 5.86
N GLN H 5 -16.67 44.48 6.45
CA GLN H 5 -15.90 45.59 7.00
C GLN H 5 -14.48 45.52 6.46
N GLU H 6 -13.91 46.68 6.15
CA GLU H 6 -12.59 46.75 5.54
C GLU H 6 -11.68 47.67 6.35
N SER H 7 -10.38 47.37 6.30
CA SER H 7 -9.39 48.14 7.05
C SER H 7 -8.03 47.99 6.38
N GLY H 8 -7.13 48.90 6.74
CA GLY H 8 -5.79 48.90 6.20
C GLY H 8 -5.16 50.28 6.24
N PRO H 9 -3.94 50.40 5.72
CA PRO H 9 -3.27 51.70 5.71
C PRO H 9 -4.05 52.72 4.88
N GLY H 10 -4.03 53.97 5.34
CA GLY H 10 -4.70 55.05 4.64
C GLY H 10 -3.78 55.79 3.70
N LEU H 11 -2.50 55.87 4.06
CA LEU H 11 -1.48 56.52 3.24
C LEU H 11 -0.39 55.52 2.92
N VAL H 12 -0.03 55.42 1.65
CA VAL H 12 1.00 54.48 1.19
C VAL H 12 1.93 55.20 0.23
N LYS H 13 3.23 54.94 0.40
CA LYS H 13 4.24 55.50 -0.48
C LYS H 13 4.22 54.75 -1.81
N PRO H 14 4.82 55.32 -2.87
CA PRO H 14 4.98 54.56 -4.10
C PRO H 14 5.95 53.40 -3.93
N SER H 15 5.76 52.38 -4.75
CA SER H 15 6.70 51.26 -4.88
C SER H 15 6.83 50.46 -3.58
N GLU H 16 5.69 49.95 -3.10
CA GLU H 16 5.66 48.93 -2.07
C GLU H 16 4.34 48.17 -2.20
N THR H 17 4.08 47.29 -1.24
CA THR H 17 2.88 46.45 -1.24
C THR H 17 1.81 47.08 -0.36
N LEU H 18 0.61 47.23 -0.92
CA LEU H 18 -0.55 47.73 -0.20
C LEU H 18 -1.41 46.54 0.21
N SER H 19 -1.63 46.38 1.51
CA SER H 19 -2.40 45.27 2.05
C SER H 19 -3.68 45.79 2.67
N LEU H 20 -4.81 45.19 2.29
CA LEU H 20 -6.11 45.55 2.82
C LEU H 20 -6.80 44.30 3.35
N THR H 21 -7.41 44.40 4.51
CA THR H 21 -8.05 43.27 5.18
C THR H 21 -9.55 43.52 5.26
N CYS H 22 -10.35 42.54 4.82
CA CYS H 22 -11.80 42.66 4.91
C CYS H 22 -12.35 41.45 5.65
N ALA H 23 -13.11 41.72 6.71
CA ALA H 23 -13.77 40.71 7.51
C ALA H 23 -15.25 40.68 7.18
N VAL H 24 -15.85 39.50 7.36
CA VAL H 24 -17.25 39.27 6.99
C VAL H 24 -17.96 38.62 8.17
N SER H 25 -19.23 39.00 8.36
CA SER H 25 -20.08 38.41 9.38
C SER H 25 -21.38 37.96 8.74
N GLY H 26 -21.78 36.73 9.04
CA GLY H 26 -23.04 36.19 8.58
C GLY H 26 -22.99 35.44 7.25
N GLY H 27 -21.83 35.40 6.60
CA GLY H 27 -21.72 34.72 5.34
C GLY H 27 -21.81 33.21 5.48
N SER H 28 -22.04 32.54 4.34
CA SER H 28 -22.12 31.10 4.33
C SER H 28 -20.78 30.46 4.67
N ILE H 29 -20.83 29.21 5.12
CA ILE H 29 -19.62 28.53 5.56
C ILE H 29 -18.65 28.34 4.41
N SER H 30 -19.15 27.94 3.24
CA SER H 30 -18.31 27.67 2.09
C SER H 30 -19.10 27.91 0.81
N GLY H 31 -18.38 27.99 -0.30
CA GLY H 31 -18.98 28.22 -1.60
C GLY H 31 -19.17 29.66 -1.98
N ASN H 32 -18.73 30.60 -1.15
CA ASN H 32 -18.91 32.01 -1.43
C ASN H 32 -17.76 32.56 -2.27
N TYR H 33 -18.07 33.61 -3.02
CA TYR H 33 -17.09 34.32 -3.85
C TYR H 33 -16.89 35.71 -3.27
N TRP H 34 -15.71 35.96 -2.71
CA TRP H 34 -15.37 37.27 -2.16
C TRP H 34 -14.64 38.07 -3.22
N SER H 35 -15.17 39.26 -3.55
CA SER H 35 -14.62 40.07 -4.62
C SER H 35 -14.06 41.37 -4.07
N TRP H 36 -12.99 41.84 -4.71
CA TRP H 36 -12.36 43.11 -4.42
C TRP H 36 -12.54 44.02 -5.62
N ILE H 37 -13.09 45.22 -5.40
CA ILE H 37 -13.35 46.21 -6.43
C ILE H 37 -12.78 47.54 -5.97
N ARG H 38 -12.52 48.43 -6.92
CA ARG H 38 -12.01 49.76 -6.58
C ARG H 38 -12.54 50.78 -7.58
N GLN H 39 -12.58 52.03 -7.12
CA GLN H 39 -13.01 53.16 -7.94
C GLN H 39 -12.02 54.29 -7.76
N SER H 40 -11.30 54.64 -8.83
CA SER H 40 -10.41 55.78 -8.78
C SER H 40 -11.22 57.08 -8.80
N PRO H 41 -10.72 58.14 -8.17
CA PRO H 41 -11.46 59.40 -8.15
C PRO H 41 -11.62 59.96 -9.57
N GLY H 42 -12.84 60.40 -9.87
CA GLY H 42 -13.15 60.96 -11.17
C GLY H 42 -13.34 59.94 -12.28
N LYS H 43 -13.12 58.67 -12.01
CA LYS H 43 -13.25 57.60 -13.00
C LYS H 43 -14.27 56.58 -12.54
N GLY H 44 -14.76 55.79 -13.49
CA GLY H 44 -15.68 54.73 -13.18
C GLY H 44 -15.00 53.59 -12.45
N LEU H 45 -15.84 52.73 -11.85
CA LEU H 45 -15.33 51.59 -11.11
C LEU H 45 -14.73 50.56 -12.06
N GLU H 46 -13.92 49.66 -11.49
CA GLU H 46 -13.41 48.53 -12.24
C GLU H 46 -13.13 47.38 -11.27
N TRP H 47 -13.41 46.17 -11.73
CA TRP H 47 -13.23 44.99 -10.90
C TRP H 47 -11.76 44.67 -10.76
N ILE H 48 -11.34 44.36 -9.53
CA ILE H 48 -9.95 43.97 -9.28
C ILE H 48 -9.84 42.46 -9.35
N GLY H 49 -10.55 41.75 -8.48
CA GLY H 49 -10.40 40.31 -8.49
C GLY H 49 -11.40 39.64 -7.57
N HIS H 50 -11.27 38.33 -7.45
CA HIS H 50 -12.11 37.61 -6.51
C HIS H 50 -11.48 36.26 -6.15
N ILE H 51 -12.01 35.67 -5.10
CA ILE H 51 -11.55 34.39 -4.55
C ILE H 51 -12.78 33.53 -4.24
N ASN H 52 -12.68 32.25 -4.57
CA ASN H 52 -13.67 31.26 -4.17
C ASN H 52 -13.29 30.77 -2.78
N ASP H 53 -14.16 31.04 -1.80
CA ASP H 53 -13.81 30.76 -0.42
C ASP H 53 -13.62 29.27 -0.15
N TYR H 54 -14.27 28.40 -0.93
CA TYR H 54 -14.13 26.97 -0.72
C TYR H 54 -12.88 26.43 -1.39
N SER H 55 -12.81 26.52 -2.72
CA SER H 55 -11.72 25.91 -3.45
C SER H 55 -10.42 26.69 -3.30
N GLY H 56 -10.50 28.02 -3.39
CA GLY H 56 -9.31 28.83 -3.45
C GLY H 56 -8.89 29.24 -4.84
N ARG H 57 -9.73 29.02 -5.85
CA ARG H 57 -9.41 29.36 -7.23
C ARG H 57 -9.45 30.88 -7.38
N THR H 58 -8.30 31.52 -7.28
CA THR H 58 -8.22 32.97 -7.42
C THR H 58 -8.57 33.38 -8.84
N ASP H 59 -8.93 34.65 -9.00
CA ASP H 59 -9.04 35.23 -10.33
C ASP H 59 -8.82 36.72 -10.22
N TYR H 60 -8.18 37.29 -11.23
CA TYR H 60 -7.78 38.69 -11.19
C TYR H 60 -8.17 39.35 -12.52
N ASN H 61 -8.32 40.67 -12.47
CA ASN H 61 -8.53 41.41 -13.70
C ASN H 61 -7.29 41.30 -14.58
N PRO H 62 -7.46 41.12 -15.89
CA PRO H 62 -6.28 40.95 -16.76
C PRO H 62 -5.32 42.12 -16.71
N SER H 63 -5.81 43.35 -16.54
CA SER H 63 -4.93 44.51 -16.48
C SER H 63 -4.14 44.60 -15.18
N LEU H 64 -4.47 43.77 -14.18
CA LEU H 64 -3.77 43.78 -12.90
C LEU H 64 -3.35 42.37 -12.50
N LYS H 65 -3.20 41.47 -13.48
CA LYS H 65 -2.97 40.06 -13.17
C LYS H 65 -1.62 39.82 -12.53
N SER H 66 -0.59 40.58 -12.91
CA SER H 66 0.77 40.31 -12.48
C SER H 66 1.17 41.08 -11.23
N ARG H 67 0.25 41.81 -10.60
CA ARG H 67 0.59 42.65 -9.46
C ARG H 67 -0.20 42.37 -8.20
N VAL H 68 -1.36 41.73 -8.28
CA VAL H 68 -2.24 41.57 -7.13
C VAL H 68 -2.21 40.12 -6.66
N THR H 69 -2.66 39.92 -5.43
CA THR H 69 -2.82 38.58 -4.86
C THR H 69 -3.88 38.64 -3.76
N ILE H 70 -4.91 37.81 -3.88
CA ILE H 70 -6.00 37.77 -2.94
C ILE H 70 -5.97 36.42 -2.22
N SER H 71 -6.06 36.46 -0.90
CA SER H 71 -6.00 35.26 -0.08
C SER H 71 -7.11 35.28 0.96
N THR H 72 -7.33 34.14 1.59
CA THR H 72 -8.40 34.00 2.58
C THR H 72 -7.86 33.34 3.85
N ASP H 73 -8.51 33.65 4.96
CA ASP H 73 -8.21 33.06 6.27
C ASP H 73 -9.53 32.53 6.82
N THR H 74 -9.80 31.25 6.58
CA THR H 74 -11.08 30.67 6.95
C THR H 74 -11.25 30.57 8.47
N SER H 75 -10.14 30.37 9.19
CA SER H 75 -10.23 30.23 10.65
C SER H 75 -10.84 31.47 11.28
N THR H 76 -10.32 32.65 10.95
CA THR H 76 -10.90 33.91 11.37
C THR H 76 -11.91 34.45 10.36
N ASN H 77 -12.07 33.79 9.22
CA ASN H 77 -13.06 34.13 8.21
C ASN H 77 -12.87 35.57 7.72
N GLN H 78 -11.68 35.84 7.18
CA GLN H 78 -11.34 37.13 6.61
C GLN H 78 -10.73 36.89 5.23
N PHE H 79 -10.49 37.98 4.50
CA PHE H 79 -9.74 37.85 3.26
C PHE H 79 -8.92 39.11 3.00
N PHE H 80 -7.76 38.90 2.39
CA PHE H 80 -6.72 39.90 2.26
C PHE H 80 -6.46 40.18 0.78
N LEU H 81 -6.32 41.46 0.46
CA LEU H 81 -5.80 41.91 -0.84
C LEU H 81 -4.38 42.41 -0.63
N THR H 82 -3.47 42.01 -1.51
CA THR H 82 -2.11 42.52 -1.53
C THR H 82 -1.81 42.98 -2.95
N LEU H 83 -1.72 44.29 -3.14
CA LEU H 83 -1.45 44.90 -4.43
C LEU H 83 -0.02 45.40 -4.43
N SER H 84 0.81 44.84 -5.31
CA SER H 84 2.22 45.20 -5.38
C SER H 84 2.45 46.28 -6.44
N SER H 85 3.60 46.95 -6.32
CA SER H 85 4.00 47.99 -7.26
C SER H 85 2.96 49.10 -7.38
N VAL H 86 2.42 49.51 -6.23
CA VAL H 86 1.42 50.57 -6.22
C VAL H 86 2.06 51.88 -6.66
N SER H 87 1.33 52.65 -7.47
CA SER H 87 1.79 53.94 -7.95
C SER H 87 0.75 55.00 -7.57
N ALA H 88 0.98 56.22 -8.05
CA ALA H 88 0.05 57.32 -7.80
C ALA H 88 -1.25 57.16 -8.56
N ALA H 89 -1.30 56.28 -9.57
CA ALA H 89 -2.51 56.04 -10.33
C ALA H 89 -3.46 55.05 -9.65
N ASP H 90 -3.01 54.38 -8.59
CA ASP H 90 -3.83 53.40 -7.89
C ASP H 90 -4.55 53.97 -6.68
N THR H 91 -4.45 55.27 -6.44
CA THR H 91 -5.26 55.90 -5.41
C THR H 91 -6.73 55.78 -5.76
N ALA H 92 -7.53 55.33 -4.80
CA ALA H 92 -8.92 55.00 -5.09
C ALA H 92 -9.66 54.69 -3.79
N VAL H 93 -10.97 54.55 -3.91
CA VAL H 93 -11.80 54.00 -2.85
C VAL H 93 -11.95 52.51 -3.12
N TYR H 94 -11.60 51.69 -2.15
CA TYR H 94 -11.60 50.23 -2.29
C TYR H 94 -12.78 49.65 -1.55
N TYR H 95 -13.47 48.72 -2.20
CA TYR H 95 -14.62 48.04 -1.63
C TYR H 95 -14.39 46.53 -1.68
N CYS H 96 -14.80 45.85 -0.62
CA CYS H 96 -14.87 44.39 -0.61
C CYS H 96 -16.34 43.99 -0.62
N ALA H 97 -16.72 43.18 -1.60
CA ALA H 97 -18.12 42.82 -1.81
C ALA H 97 -18.25 41.31 -1.90
N ARG H 98 -19.48 40.84 -1.80
CA ARG H 98 -19.79 39.42 -1.94
C ARG H 98 -20.48 39.18 -3.27
N ARG H 99 -19.98 38.22 -4.02
CA ARG H 99 -20.52 37.89 -5.32
C ARG H 99 -21.88 37.19 -5.18
N ASP H 100 -22.69 37.31 -6.21
CA ASP H 100 -23.96 36.60 -6.27
C ASP H 100 -23.72 35.10 -6.46
N THR H 101 -24.74 34.32 -6.15
CA THR H 101 -24.76 32.88 -6.40
C THR H 101 -26.05 32.48 -7.08
N ASP H 102 -26.49 33.27 -8.05
CA ASP H 102 -27.75 32.98 -8.73
C ASP H 102 -27.62 32.95 -10.25
N PHE H 103 -26.84 33.86 -10.83
CA PHE H 103 -26.63 33.94 -12.27
C PHE H 103 -27.97 34.04 -13.00
N TRP H 104 -28.68 35.12 -12.72
CA TRP H 104 -30.00 35.35 -13.32
C TRP H 104 -29.83 36.07 -14.64
N ARG H 105 -30.07 35.34 -15.74
CA ARG H 105 -30.01 35.90 -17.09
C ARG H 105 -28.63 36.50 -17.39
N GLY H 106 -27.60 35.70 -17.15
CA GLY H 106 -26.24 36.06 -17.52
C GLY H 106 -25.60 37.22 -16.77
N ILE H 107 -25.79 37.29 -15.46
CA ILE H 107 -25.14 38.31 -14.64
C ILE H 107 -24.68 37.72 -13.32
N TYR H 108 -23.49 38.12 -12.88
CA TYR H 108 -23.05 38.00 -11.50
C TYR H 108 -23.08 39.39 -10.88
N VAL H 109 -23.84 39.57 -9.80
CA VAL H 109 -23.95 40.85 -9.13
C VAL H 109 -23.21 40.79 -7.81
N PHE H 110 -23.08 41.95 -7.17
CA PHE H 110 -22.47 42.09 -5.85
C PHE H 110 -23.57 42.53 -4.89
N GLU H 111 -24.23 41.56 -4.27
CA GLU H 111 -25.37 41.87 -3.42
C GLU H 111 -24.97 42.74 -2.24
N PHE H 112 -23.85 42.43 -1.59
CA PHE H 112 -23.44 43.12 -0.38
C PHE H 112 -22.07 43.75 -0.59
N TRP H 113 -21.93 44.99 -0.13
CA TRP H 113 -20.70 45.76 -0.26
C TRP H 113 -20.21 46.20 1.10
N GLY H 114 -18.94 46.60 1.16
CA GLY H 114 -18.39 47.24 2.33
C GLY H 114 -18.57 48.74 2.29
N GLN H 115 -18.23 49.38 3.41
CA GLN H 115 -18.41 50.83 3.52
C GLN H 115 -17.42 51.62 2.67
N GLY H 116 -16.42 50.96 2.09
CA GLY H 116 -15.44 51.64 1.28
C GLY H 116 -14.33 52.25 2.11
N VAL H 117 -13.08 52.08 1.68
CA VAL H 117 -11.92 52.60 2.40
C VAL H 117 -11.08 53.42 1.43
N LEU H 118 -10.65 54.60 1.85
CA LEU H 118 -9.82 55.46 1.01
C LEU H 118 -8.38 54.99 1.05
N VAL H 119 -7.74 54.99 -0.12
CA VAL H 119 -6.30 54.71 -0.22
C VAL H 119 -5.69 55.73 -1.17
N THR H 120 -4.66 56.43 -0.71
CA THR H 120 -4.05 57.50 -1.48
C THR H 120 -2.53 57.33 -1.47
N VAL H 121 -1.91 57.80 -2.56
CA VAL H 121 -0.45 57.81 -2.70
C VAL H 121 -0.02 59.26 -2.90
N SER H 122 0.90 59.73 -2.07
CA SER H 122 1.33 61.12 -2.11
C SER H 122 2.80 61.22 -1.75
N SER H 123 3.40 62.34 -2.11
CA SER H 123 4.81 62.60 -1.83
C SER H 123 5.01 63.03 -0.38
N GLN I 1 -16.60 47.02 -29.41
CA GLN I 1 -15.98 46.62 -28.15
C GLN I 1 -17.05 46.29 -27.11
N SER I 2 -16.79 46.69 -25.86
CA SER I 2 -17.72 46.45 -24.76
C SER I 2 -17.51 47.55 -23.72
N VAL I 3 -18.45 48.49 -23.64
CA VAL I 3 -18.33 49.61 -22.72
C VAL I 3 -19.73 50.11 -22.39
N LEU I 4 -19.89 50.62 -21.17
CA LEU I 4 -21.15 51.18 -20.70
C LEU I 4 -21.05 52.70 -20.73
N THR I 5 -22.15 53.36 -21.07
CA THR I 5 -22.21 54.82 -21.04
C THR I 5 -23.46 55.28 -20.31
N GLN I 6 -23.40 56.51 -19.78
CA GLN I 6 -24.52 57.10 -19.07
C GLN I 6 -24.23 58.57 -18.82
N SER I 7 -25.28 59.31 -18.51
CA SER I 7 -25.15 60.74 -18.28
C SER I 7 -24.25 61.01 -17.08
N PRO I 8 -23.29 61.93 -17.17
CA PRO I 8 -22.43 62.22 -16.02
C PRO I 8 -23.20 62.72 -14.81
N SER I 9 -24.27 63.50 -15.01
CA SER I 9 -25.03 64.01 -13.90
C SER I 9 -26.44 64.36 -14.37
N ALA I 10 -27.41 64.16 -13.47
CA ALA I 10 -28.79 64.55 -13.70
C ALA I 10 -29.42 64.89 -12.36
N SER I 11 -30.46 65.71 -12.40
CA SER I 11 -31.08 66.18 -11.18
C SER I 11 -32.55 66.47 -11.41
N ALA I 12 -33.31 66.48 -10.32
CA ALA I 12 -34.73 66.82 -10.35
C ALA I 12 -35.15 67.25 -8.95
N SER I 13 -36.30 67.90 -8.87
CA SER I 13 -36.80 68.37 -7.60
C SER I 13 -37.43 67.22 -6.81
N LEU I 14 -37.59 67.44 -5.50
CA LEU I 14 -38.18 66.42 -4.65
C LEU I 14 -39.62 66.16 -5.05
N GLY I 15 -40.01 64.88 -4.99
CA GLY I 15 -41.35 64.47 -5.36
C GLY I 15 -41.57 64.29 -6.84
N ALA I 16 -40.58 64.55 -7.68
CA ALA I 16 -40.70 64.41 -9.12
C ALA I 16 -40.25 63.02 -9.53
N SER I 17 -40.13 62.81 -10.84
CA SER I 17 -39.68 61.54 -11.40
C SER I 17 -38.32 61.72 -12.05
N VAL I 18 -37.38 60.85 -11.71
CA VAL I 18 -36.02 60.90 -12.25
C VAL I 18 -35.81 59.71 -13.17
N LYS I 19 -35.23 59.99 -14.34
CA LYS I 19 -34.92 59.00 -15.36
C LYS I 19 -33.41 58.85 -15.44
N LEU I 20 -32.92 57.62 -15.32
CA LEU I 20 -31.52 57.31 -15.51
C LEU I 20 -31.38 56.41 -16.73
N THR I 21 -30.51 56.79 -17.66
CA THR I 21 -30.33 56.08 -18.91
C THR I 21 -28.98 55.39 -18.90
N CYS I 22 -29.00 54.07 -19.08
CA CYS I 22 -27.80 53.26 -19.20
C CYS I 22 -27.73 52.75 -20.63
N THR I 23 -26.65 53.08 -21.33
CA THR I 23 -26.51 52.80 -22.75
C THR I 23 -25.45 51.73 -22.95
N LEU I 24 -25.85 50.65 -23.63
CA LEU I 24 -24.98 49.54 -23.99
C LEU I 24 -24.36 49.79 -25.35
N SER I 25 -23.21 49.16 -25.59
CA SER I 25 -22.53 49.33 -26.87
C SER I 25 -23.23 48.50 -27.94
N SER I 26 -22.69 48.56 -29.17
CA SER I 26 -23.30 47.84 -30.28
C SER I 26 -23.28 46.34 -30.05
N GLY I 27 -22.16 45.80 -29.56
CA GLY I 27 -22.08 44.38 -29.27
C GLY I 27 -22.80 43.95 -28.02
N LEU I 28 -23.26 44.90 -27.22
CA LEU I 28 -24.03 44.64 -26.00
C LEU I 28 -25.52 44.86 -26.20
N ARG I 29 -26.04 44.52 -27.39
CA ARG I 29 -27.38 44.94 -27.78
C ARG I 29 -28.48 44.38 -26.88
N SER I 30 -28.23 43.29 -26.16
CA SER I 30 -29.30 42.67 -25.39
C SER I 30 -28.89 42.21 -24.00
N TYR I 31 -27.66 42.50 -23.56
CA TYR I 31 -27.20 41.99 -22.28
C TYR I 31 -28.02 42.56 -21.13
N THR I 32 -28.23 41.73 -20.11
CA THR I 32 -28.83 42.18 -18.87
C THR I 32 -27.86 43.10 -18.13
N ILE I 33 -28.41 44.01 -17.34
CA ILE I 33 -27.59 44.89 -16.50
C ILE I 33 -28.09 44.80 -15.06
N ALA I 34 -27.33 45.40 -14.16
CA ALA I 34 -27.71 45.52 -12.77
C ALA I 34 -27.46 46.95 -12.30
N TRP I 35 -28.38 47.47 -11.49
CA TRP I 35 -28.29 48.85 -11.02
C TRP I 35 -27.72 48.89 -9.61
N TYR I 36 -26.85 49.86 -9.37
CA TYR I 36 -26.24 50.06 -8.06
C TYR I 36 -26.36 51.52 -7.67
N GLN I 37 -26.79 51.77 -6.45
CA GLN I 37 -26.80 53.11 -5.89
C GLN I 37 -25.78 53.19 -4.75
N ARG I 38 -25.23 54.37 -4.54
CA ARG I 38 -24.25 54.61 -3.50
C ARG I 38 -24.49 56.01 -2.94
N GLN I 39 -25.11 56.08 -1.76
CA GLN I 39 -25.22 57.35 -1.07
C GLN I 39 -23.85 57.79 -0.59
N ARG I 40 -23.61 59.10 -0.63
CA ARG I 40 -22.27 59.64 -0.41
C ARG I 40 -21.70 59.25 0.94
N GLY I 41 -20.68 58.41 0.93
CA GLY I 41 -20.01 58.00 2.15
C GLY I 41 -20.53 56.72 2.79
N GLN I 42 -21.32 55.93 2.09
CA GLN I 42 -21.86 54.69 2.65
C GLN I 42 -21.63 53.55 1.65
N ALA I 43 -21.99 52.35 2.08
CA ALA I 43 -21.80 51.16 1.26
C ALA I 43 -22.77 51.18 0.08
N PRO I 44 -22.30 50.96 -1.14
CA PRO I 44 -23.23 50.88 -2.27
C PRO I 44 -24.21 49.73 -2.10
N ARG I 45 -25.45 49.97 -2.53
CA ARG I 45 -26.54 49.03 -2.34
C ARG I 45 -26.94 48.39 -3.66
N PHE I 46 -27.33 47.11 -3.60
CA PHE I 46 -27.89 46.44 -4.75
C PHE I 46 -29.32 46.92 -4.97
N LEU I 47 -29.63 47.32 -6.21
CA LEU I 47 -30.96 47.83 -6.53
C LEU I 47 -31.81 46.77 -7.23
N LEU I 48 -31.38 46.29 -8.40
CA LEU I 48 -32.14 45.32 -9.16
C LEU I 48 -31.39 44.85 -10.42
N ARG I 49 -31.72 43.65 -10.88
CA ARG I 49 -31.29 43.19 -12.19
C ARG I 49 -32.39 43.46 -13.21
N LEU I 50 -31.98 43.74 -14.45
CA LEU I 50 -32.92 44.12 -15.50
C LEU I 50 -32.36 43.81 -16.88
N ASP I 51 -33.12 43.06 -17.68
CA ASP I 51 -32.68 42.61 -18.99
C ASP I 51 -33.41 43.37 -20.11
N SER I 52 -33.14 42.97 -21.35
CA SER I 52 -33.65 43.72 -22.50
C SER I 52 -35.13 43.50 -22.72
N VAL I 53 -35.70 42.43 -22.17
CA VAL I 53 -37.12 42.15 -22.38
C VAL I 53 -38.00 42.93 -21.41
N GLY I 54 -37.42 43.55 -20.40
CA GLY I 54 -38.18 44.27 -19.40
C GLY I 54 -38.34 43.55 -18.08
N SER I 55 -37.82 42.33 -17.97
CA SER I 55 -37.86 41.61 -16.70
C SER I 55 -36.97 42.31 -15.68
N HIS I 56 -37.46 42.45 -14.46
CA HIS I 56 -36.68 43.05 -13.39
C HIS I 56 -36.82 42.21 -12.14
N THR I 57 -35.74 42.15 -11.36
CA THR I 57 -35.69 41.34 -10.14
C THR I 57 -35.61 42.29 -8.94
N LYS I 58 -36.72 42.44 -8.24
CA LYS I 58 -36.73 43.27 -7.04
C LYS I 58 -35.88 42.63 -5.95
N VAL I 59 -35.23 43.47 -5.16
CA VAL I 59 -34.36 43.03 -4.07
C VAL I 59 -35.04 43.32 -2.75
N ASP I 60 -35.02 42.35 -1.84
CA ASP I 60 -35.65 42.52 -0.53
C ASP I 60 -35.07 43.71 0.21
N GLY I 61 -35.95 44.55 0.75
CA GLY I 61 -35.55 45.74 1.47
C GLY I 61 -35.42 46.98 0.62
N ILE I 62 -35.48 46.86 -0.69
CA ILE I 62 -35.40 48.02 -1.57
C ILE I 62 -36.78 48.64 -1.73
N PRO I 63 -36.92 49.96 -1.63
CA PRO I 63 -38.24 50.59 -1.78
C PRO I 63 -38.86 50.26 -3.13
N ASP I 64 -40.19 50.10 -3.13
CA ASP I 64 -40.91 49.74 -4.34
C ASP I 64 -40.91 50.86 -5.36
N ARG I 65 -40.59 52.09 -4.94
CA ARG I 65 -40.60 53.23 -5.83
C ARG I 65 -39.60 53.09 -6.97
N PHE I 66 -38.53 52.33 -6.76
CA PHE I 66 -37.60 52.06 -7.85
C PHE I 66 -38.27 51.20 -8.91
N SER I 67 -38.05 51.55 -10.18
CA SER I 67 -38.63 50.78 -11.26
C SER I 67 -37.68 50.83 -12.46
N GLY I 68 -37.89 49.92 -13.41
CA GLY I 68 -37.02 49.86 -14.56
C GLY I 68 -37.74 49.42 -15.82
N SER I 69 -37.10 49.67 -16.94
CA SER I 69 -37.64 49.28 -18.24
C SER I 69 -36.49 49.17 -19.24
N SER I 70 -36.79 48.58 -20.39
CA SER I 70 -35.80 48.37 -21.44
C SER I 70 -36.36 48.82 -22.78
N SER I 71 -35.47 49.27 -23.66
CA SER I 71 -35.84 49.63 -25.03
C SER I 71 -34.59 49.50 -25.89
N GLY I 72 -34.49 48.41 -26.63
CA GLY I 72 -33.32 48.19 -27.46
C GLY I 72 -32.06 48.13 -26.63
N THR I 73 -31.09 48.97 -26.97
CA THR I 73 -29.84 49.07 -26.23
C THR I 73 -29.89 50.18 -25.18
N GLU I 74 -31.07 50.52 -24.69
CA GLU I 74 -31.24 51.54 -23.65
C GLU I 74 -31.94 50.91 -22.46
N ARG I 75 -31.45 51.19 -21.26
CA ARG I 75 -32.06 50.71 -20.03
C ARG I 75 -32.42 51.89 -19.16
N TYR I 76 -33.68 51.96 -18.75
CA TYR I 76 -34.22 53.11 -18.03
C TYR I 76 -34.47 52.74 -16.58
N LEU I 77 -33.96 53.55 -15.66
CA LEU I 77 -34.20 53.42 -14.23
C LEU I 77 -35.05 54.62 -13.80
N THR I 78 -36.28 54.34 -13.38
CA THR I 78 -37.25 55.37 -13.04
C THR I 78 -37.42 55.42 -11.52
N ILE I 79 -37.31 56.62 -10.95
CA ILE I 79 -37.52 56.82 -9.52
C ILE I 79 -38.62 57.85 -9.32
N SER I 80 -39.53 57.57 -8.39
CA SER I 80 -40.59 58.49 -8.01
C SER I 80 -40.64 58.60 -6.50
N ASN I 81 -41.22 59.71 -6.02
CA ASN I 81 -41.35 60.00 -4.59
C ASN I 81 -39.96 60.05 -3.94
N LEU I 82 -39.24 61.11 -4.32
CA LEU I 82 -37.86 61.30 -3.90
C LEU I 82 -37.77 61.91 -2.49
N GLN I 83 -36.58 61.84 -1.92
CA GLN I 83 -36.22 62.63 -0.76
C GLN I 83 -34.72 62.90 -0.82
N SER I 84 -34.17 63.47 0.26
CA SER I 84 -32.75 63.80 0.29
C SER I 84 -31.86 62.56 0.28
N GLU I 85 -32.39 61.40 0.69
CA GLU I 85 -31.58 60.19 0.71
C GLU I 85 -31.24 59.71 -0.69
N ASP I 86 -32.14 59.93 -1.66
CA ASP I 86 -31.94 59.46 -3.02
C ASP I 86 -30.75 60.14 -3.71
N GLU I 87 -30.32 61.30 -3.24
CA GLU I 87 -29.14 61.94 -3.80
C GLU I 87 -27.94 61.04 -3.56
N ALA I 88 -27.30 60.60 -4.64
CA ALA I 88 -26.31 59.53 -4.55
C ALA I 88 -25.57 59.45 -5.88
N ASP I 89 -24.77 58.39 -6.04
CA ASP I 89 -24.15 58.06 -7.31
C ASP I 89 -24.68 56.71 -7.77
N TYR I 90 -25.22 56.66 -8.98
CA TYR I 90 -25.81 55.46 -9.55
C TYR I 90 -24.95 54.96 -10.70
N PHE I 91 -24.93 53.64 -10.89
CA PHE I 91 -24.25 53.10 -12.06
C PHE I 91 -24.78 51.71 -12.39
N CYS I 92 -24.73 51.37 -13.67
CA CYS I 92 -25.14 50.07 -14.16
C CYS I 92 -23.90 49.23 -14.46
N GLN I 93 -23.97 47.95 -14.14
CA GLN I 93 -22.86 47.03 -14.33
C GLN I 93 -23.36 45.80 -15.08
N THR I 94 -22.43 45.11 -15.75
CA THR I 94 -22.79 43.95 -16.55
C THR I 94 -21.61 42.98 -16.61
N TRP I 95 -21.93 41.75 -16.98
CA TRP I 95 -20.98 40.64 -17.03
C TRP I 95 -21.09 39.99 -18.40
N THR I 96 -20.10 40.23 -19.27
CA THR I 96 -20.12 39.64 -20.61
C THR I 96 -19.33 38.34 -20.64
N THR I 97 -18.04 38.42 -20.39
CA THR I 97 -17.16 37.32 -20.08
C THR I 97 -16.91 37.38 -18.58
N GLY I 98 -15.93 36.62 -18.09
CA GLY I 98 -15.62 36.69 -16.67
C GLY I 98 -14.94 37.99 -16.27
N ILE I 99 -15.13 39.03 -17.07
CA ILE I 99 -14.70 40.38 -16.74
C ILE I 99 -15.94 41.27 -16.61
N TYR I 100 -15.96 42.11 -15.58
CA TYR I 100 -17.09 42.99 -15.32
C TYR I 100 -16.89 44.33 -16.01
N ILE I 101 -18.01 44.94 -16.40
CA ILE I 101 -18.00 46.29 -16.96
C ILE I 101 -18.94 47.14 -16.12
N PHE I 102 -18.39 48.16 -15.47
CA PHE I 102 -19.16 49.11 -14.67
C PHE I 102 -19.32 50.41 -15.44
N GLY I 103 -20.36 51.16 -15.05
CA GLY I 103 -20.57 52.46 -15.62
C GLY I 103 -19.59 53.48 -15.07
N GLY I 104 -19.66 54.69 -15.65
CA GLY I 104 -18.78 55.75 -15.21
C GLY I 104 -19.23 56.50 -13.99
N GLY I 105 -20.40 56.16 -13.44
CA GLY I 105 -20.92 56.84 -12.28
C GLY I 105 -21.72 58.08 -12.65
N THR I 106 -22.94 58.18 -12.13
CA THR I 106 -23.81 59.33 -12.39
C THR I 106 -24.27 59.90 -11.07
N ARG I 107 -23.99 61.18 -10.84
CA ARG I 107 -24.39 61.84 -9.61
C ARG I 107 -25.80 62.39 -9.77
N LEU I 108 -26.71 61.96 -8.89
CA LEU I 108 -28.08 62.44 -8.87
C LEU I 108 -28.31 63.25 -7.59
N SER I 109 -28.75 64.48 -7.75
CA SER I 109 -29.02 65.39 -6.65
C SER I 109 -30.48 65.82 -6.68
N VAL I 110 -31.04 66.05 -5.50
CA VAL I 110 -32.44 66.44 -5.34
C VAL I 110 -32.47 67.82 -4.68
N LEU I 111 -33.28 68.71 -5.24
CA LEU I 111 -33.38 70.07 -4.73
C LEU I 111 -34.81 70.38 -4.27
N ALA J 1 0.47 11.08 10.11
CA ALA J 1 0.45 12.34 10.85
C ALA J 1 -0.62 12.31 11.93
N VAL J 2 -1.71 11.60 11.65
CA VAL J 2 -2.83 11.47 12.58
C VAL J 2 -2.80 10.08 13.19
N GLY J 3 -3.64 9.90 14.22
CA GLY J 3 -3.71 8.64 14.94
C GLY J 3 -3.39 8.84 16.42
N ILE J 4 -2.68 7.87 16.99
CA ILE J 4 -2.33 7.92 18.41
C ILE J 4 -0.93 8.48 18.65
N GLY J 5 -0.06 8.47 17.63
CA GLY J 5 1.26 9.07 17.80
C GLY J 5 1.18 10.55 18.16
N ALA J 6 0.20 11.25 17.59
CA ALA J 6 -0.03 12.63 17.98
C ALA J 6 -0.37 12.73 19.46
N VAL J 7 -1.12 11.76 19.98
CA VAL J 7 -1.43 11.75 21.41
C VAL J 7 -0.15 11.58 22.23
N PHE J 8 0.77 10.74 21.75
CA PHE J 8 2.03 10.55 22.46
C PHE J 8 2.88 11.82 22.43
N LEU J 9 2.92 12.51 21.29
CA LEU J 9 3.63 13.79 21.25
C LEU J 9 2.97 14.82 22.16
N GLY J 10 1.63 14.80 22.25
CA GLY J 10 0.95 15.66 23.20
C GLY J 10 1.31 15.34 24.63
N PHE J 11 1.51 14.06 24.93
CA PHE J 11 2.03 13.68 26.24
C PHE J 11 3.41 14.29 26.44
N LEU J 12 4.24 14.26 25.41
CA LEU J 12 5.54 14.93 25.44
C LEU J 12 5.45 16.44 25.50
N GLY J 13 4.26 17.01 25.26
CA GLY J 13 4.08 18.44 25.12
C GLY J 13 4.71 19.35 26.16
N ALA J 14 4.99 18.82 27.35
CA ALA J 14 5.66 19.62 28.39
C ALA J 14 6.46 18.66 29.26
N ALA J 15 7.76 18.55 28.99
CA ALA J 15 8.64 17.60 29.67
C ALA J 15 9.36 18.20 30.86
N GLY J 16 9.86 19.43 30.74
CA GLY J 16 10.57 20.07 31.82
C GLY J 16 9.71 20.81 32.82
N SER J 17 8.39 20.68 32.70
CA SER J 17 7.49 21.41 33.59
C SER J 17 7.47 20.79 34.99
N THR J 18 6.81 21.50 35.90
CA THR J 18 6.68 21.05 37.28
C THR J 18 5.80 19.80 37.35
N MET J 19 6.10 18.94 38.34
CA MET J 19 5.35 17.70 38.53
C MET J 19 3.85 17.98 38.63
N GLY J 20 3.44 18.90 39.50
CA GLY J 20 2.04 19.26 39.57
C GLY J 20 1.53 19.89 38.28
N ALA J 21 2.34 20.76 37.68
CA ALA J 21 1.96 21.35 36.40
C ALA J 21 1.85 20.29 35.32
N ALA J 22 2.77 19.31 35.33
CA ALA J 22 2.69 18.23 34.36
C ALA J 22 1.42 17.40 34.55
N SER J 23 1.06 17.11 35.80
CA SER J 23 -0.16 16.35 36.06
C SER J 23 -1.40 17.12 35.62
N MET J 24 -1.45 18.42 35.90
CA MET J 24 -2.57 19.24 35.44
C MET J 24 -2.64 19.28 33.92
N THR J 25 -1.48 19.41 33.25
CA THR J 25 -1.48 19.41 31.79
C THR J 25 -1.94 18.06 31.24
N LEU J 26 -1.57 16.98 31.90
CA LEU J 26 -2.05 15.66 31.51
C LEU J 26 -3.57 15.57 31.65
N THR J 27 -4.11 16.07 32.75
CA THR J 27 -5.56 16.05 32.94
C THR J 27 -6.26 16.90 31.87
N VAL J 28 -5.67 18.04 31.52
CA VAL J 28 -6.27 18.92 30.51
C VAL J 28 -6.21 18.28 29.13
N GLN J 29 -5.11 17.57 28.83
CA GLN J 29 -4.88 17.01 27.51
C GLN J 29 -5.53 15.65 27.31
N ALA J 30 -6.29 15.15 28.30
CA ALA J 30 -6.95 13.87 28.15
C ALA J 30 -8.00 13.92 27.05
N ARG J 31 -8.72 15.04 26.95
CA ARG J 31 -9.78 15.20 25.96
C ARG J 31 -9.27 15.02 24.54
N ARG J 46 -7.17 14.37 -1.72
CA ARG J 46 -7.34 14.78 -3.10
C ARG J 46 -6.00 15.07 -3.76
N ALA J 47 -5.14 14.06 -3.81
CA ALA J 47 -3.83 14.22 -4.42
C ALA J 47 -3.96 14.40 -5.92
N PRO J 48 -3.09 15.21 -6.53
CA PRO J 48 -3.15 15.37 -8.00
C PRO J 48 -2.96 14.07 -8.76
N GLU J 49 -2.09 13.18 -8.28
CA GLU J 49 -1.83 11.89 -8.90
C GLU J 49 -1.47 12.05 -10.38
N ALA J 50 -0.32 12.71 -10.60
CA ALA J 50 0.11 13.02 -11.96
C ALA J 50 0.34 11.74 -12.77
N GLN J 51 1.31 10.93 -12.37
CA GLN J 51 1.67 9.74 -13.12
C GLN J 51 2.03 8.61 -12.16
N GLN J 52 1.51 7.42 -12.44
CA GLN J 52 1.72 6.19 -11.68
C GLN J 52 1.71 6.42 -10.17
N HIS J 53 0.83 7.30 -9.71
CA HIS J 53 0.73 7.62 -8.28
C HIS J 53 -0.36 6.84 -7.56
N LEU J 54 -1.28 6.20 -8.29
CA LEU J 54 -2.36 5.46 -7.65
C LEU J 54 -1.83 4.23 -6.92
N LEU J 55 -0.96 3.46 -7.57
CA LEU J 55 -0.46 2.23 -6.96
C LEU J 55 0.51 2.54 -5.83
N LYS J 56 1.37 3.54 -6.02
CA LYS J 56 2.22 4.01 -4.94
C LYS J 56 1.39 4.52 -3.78
N LEU J 57 0.24 5.14 -4.09
CA LEU J 57 -0.66 5.58 -3.03
C LEU J 57 -1.27 4.39 -2.29
N THR J 58 -1.56 3.30 -3.00
CA THR J 58 -2.03 2.09 -2.34
C THR J 58 -0.98 1.52 -1.40
N VAL J 59 0.28 1.46 -1.84
CA VAL J 59 1.36 0.97 -0.97
C VAL J 59 1.52 1.88 0.23
N TRP J 60 1.51 3.19 0.01
CA TRP J 60 1.62 4.14 1.11
C TRP J 60 0.44 4.03 2.06
N GLY J 61 -0.74 3.69 1.54
CA GLY J 61 -1.87 3.44 2.41
C GLY J 61 -1.66 2.21 3.28
N ILE J 62 -1.14 1.13 2.69
CA ILE J 62 -0.79 -0.04 3.51
C ILE J 62 0.16 0.36 4.63
N LYS J 63 1.18 1.14 4.30
CA LYS J 63 2.17 1.53 5.30
C LYS J 63 1.55 2.41 6.38
N GLN J 64 0.70 3.36 6.00
CA GLN J 64 0.09 4.24 6.98
C GLN J 64 -0.88 3.49 7.89
N LEU J 65 -1.65 2.54 7.33
CA LEU J 65 -2.49 1.70 8.15
C LEU J 65 -1.68 0.88 9.13
N GLN J 66 -0.53 0.34 8.70
CA GLN J 66 0.24 -0.45 9.66
C GLN J 66 0.87 0.44 10.74
N ALA J 67 1.25 1.67 10.39
CA ALA J 67 1.74 2.60 11.42
C ALA J 67 0.65 2.95 12.42
N ARG J 68 -0.56 3.23 11.93
CA ARG J 68 -1.66 3.54 12.83
C ARG J 68 -2.01 2.35 13.71
N VAL J 69 -1.95 1.14 13.15
CA VAL J 69 -2.23 -0.06 13.92
C VAL J 69 -1.16 -0.28 14.97
N LEU J 70 0.10 0.03 14.65
CA LEU J 70 1.16 -0.05 15.65
C LEU J 70 0.90 0.92 16.80
N ALA J 71 0.49 2.15 16.47
CA ALA J 71 0.15 3.11 17.52
C ALA J 71 -0.99 2.59 18.38
N VAL J 72 -2.04 2.07 17.76
CA VAL J 72 -3.20 1.60 18.50
C VAL J 72 -2.81 0.42 19.40
N GLU J 73 -1.98 -0.49 18.89
CA GLU J 73 -1.59 -1.64 19.69
C GLU J 73 -0.69 -1.25 20.85
N ARG J 74 0.21 -0.29 20.65
CA ARG J 74 1.02 0.18 21.77
C ARG J 74 0.14 0.84 22.83
N TYR J 75 -0.82 1.67 22.41
CA TYR J 75 -1.72 2.29 23.37
C TYR J 75 -2.54 1.24 24.12
N LEU J 76 -3.01 0.22 23.41
CA LEU J 76 -3.82 -0.81 24.05
C LEU J 76 -2.98 -1.67 24.99
N ARG J 77 -1.74 -1.94 24.65
CA ARG J 77 -0.87 -2.67 25.56
C ARG J 77 -0.62 -1.87 26.83
N ASP J 78 -0.38 -0.56 26.69
CA ASP J 78 -0.22 0.27 27.89
C ASP J 78 -1.49 0.30 28.73
N GLN J 79 -2.65 0.40 28.07
CA GLN J 79 -3.91 0.42 28.81
C GLN J 79 -4.18 -0.90 29.51
N GLN J 80 -3.85 -2.02 28.86
CA GLN J 80 -4.01 -3.32 29.50
C GLN J 80 -3.06 -3.47 30.69
N LEU J 81 -1.83 -2.97 30.55
CA LEU J 81 -0.91 -3.00 31.69
C LEU J 81 -1.45 -2.17 32.84
N LEU J 82 -2.06 -1.02 32.53
CA LEU J 82 -2.67 -0.21 33.57
C LEU J 82 -3.87 -0.92 34.20
N GLY J 83 -4.62 -1.66 33.39
CA GLY J 83 -5.78 -2.37 33.90
C GLY J 83 -5.46 -3.62 34.68
N ILE J 84 -4.27 -4.19 34.49
CA ILE J 84 -3.86 -5.33 35.30
C ILE J 84 -3.83 -4.95 36.78
N TRP J 85 -3.37 -3.74 37.07
CA TRP J 85 -3.41 -3.21 38.43
C TRP J 85 -4.83 -2.68 38.70
N GLY J 86 -5.01 -2.00 39.82
CA GLY J 86 -6.30 -1.45 40.16
C GLY J 86 -6.50 -0.06 39.59
N CYS J 87 -6.52 0.06 38.27
CA CYS J 87 -6.64 1.36 37.64
C CYS J 87 -7.63 1.43 36.48
N SER J 88 -8.08 0.30 35.94
CA SER J 88 -9.03 0.27 34.83
C SER J 88 -8.50 1.05 33.64
N GLY J 89 -8.97 2.29 33.46
CA GLY J 89 -8.54 3.11 32.35
C GLY J 89 -8.41 4.58 32.70
N LYS J 90 -8.38 4.89 33.99
CA LYS J 90 -8.29 6.28 34.42
C LYS J 90 -6.90 6.84 34.15
N LEU J 91 -6.86 8.12 33.73
CA LEU J 91 -5.59 8.78 33.47
C LEU J 91 -4.74 8.83 34.74
N ILE J 92 -5.25 9.49 35.77
CA ILE J 92 -4.65 9.44 37.10
C ILE J 92 -5.32 8.31 37.86
N CYS J 93 -4.53 7.56 38.63
CA CYS J 93 -5.04 6.40 39.34
C CYS J 93 -4.43 6.36 40.72
N CYS J 94 -5.20 5.85 41.69
CA CYS J 94 -4.77 5.72 43.06
C CYS J 94 -4.76 4.25 43.45
N THR J 95 -3.72 3.82 44.15
CA THR J 95 -3.53 2.43 44.52
C THR J 95 -3.56 2.27 46.03
N ASN J 96 -3.32 1.04 46.49
CA ASN J 96 -3.40 0.70 47.90
C ASN J 96 -2.25 -0.20 48.31
N VAL J 97 -1.04 0.12 47.87
CA VAL J 97 0.17 -0.56 48.29
C VAL J 97 1.10 0.47 48.92
N PRO J 98 1.62 0.23 50.12
CA PRO J 98 2.41 1.26 50.79
C PRO J 98 3.71 1.56 50.06
N TRP J 99 4.14 2.82 50.18
CA TRP J 99 5.41 3.28 49.63
C TRP J 99 6.45 3.20 50.74
N ASN J 100 7.30 2.18 50.68
CA ASN J 100 8.34 2.02 51.68
C ASN J 100 9.35 3.16 51.57
N SER J 101 9.95 3.52 52.71
CA SER J 101 10.92 4.59 52.75
C SER J 101 12.19 4.28 51.97
N SER J 102 12.41 3.02 51.59
CA SER J 102 13.58 2.67 50.80
C SER J 102 13.59 3.44 49.48
N TRP J 103 12.42 3.73 48.92
CA TRP J 103 12.31 4.47 47.67
C TRP J 103 12.26 5.96 47.98
N SER J 104 13.42 6.63 47.87
CA SER J 104 13.51 8.09 47.99
C SER J 104 12.94 8.56 49.33
N ASN J 105 13.68 8.20 50.39
CA ASN J 105 13.25 8.47 51.75
C ASN J 105 13.00 9.95 52.01
N ARG J 106 13.64 10.83 51.26
CA ARG J 106 13.46 12.26 51.46
C ARG J 106 12.03 12.67 51.08
N ASN J 107 11.55 13.74 51.72
CA ASN J 107 10.13 14.06 51.71
C ASN J 107 9.63 14.44 50.31
N LEU J 108 8.31 14.56 50.20
CA LEU J 108 7.64 14.66 48.92
C LEU J 108 7.56 16.08 48.36
N SER J 109 7.86 17.10 49.16
CA SER J 109 7.78 18.46 48.65
C SER J 109 8.76 18.69 47.50
N GLU J 110 10.00 18.22 47.66
CA GLU J 110 11.00 18.41 46.62
C GLU J 110 10.64 17.64 45.34
N ILE J 111 10.17 16.40 45.49
CA ILE J 111 9.82 15.63 44.29
C ILE J 111 8.60 16.23 43.60
N TRP J 112 7.63 16.73 44.36
CA TRP J 112 6.39 17.21 43.75
C TRP J 112 6.41 18.68 43.41
N ASP J 113 7.50 19.39 43.66
CA ASP J 113 7.55 20.81 43.32
C ASP J 113 8.72 21.20 42.43
N ASN J 114 9.88 20.56 42.58
CA ASN J 114 11.11 21.05 41.95
C ASN J 114 11.54 20.23 40.74
N MET J 115 11.72 18.93 40.90
CA MET J 115 12.24 18.12 39.81
C MET J 115 11.19 17.87 38.74
N THR J 116 11.64 17.84 37.50
CA THR J 116 10.79 17.42 36.40
C THR J 116 10.67 15.89 36.40
N TRP J 117 9.75 15.39 35.57
CA TRP J 117 9.51 13.96 35.53
C TRP J 117 10.75 13.18 35.08
N LEU J 118 11.62 13.82 34.30
CA LEU J 118 12.81 13.14 33.79
C LEU J 118 13.69 12.63 34.93
N GLN J 119 14.00 13.51 35.89
CA GLN J 119 14.91 13.13 36.96
C GLN J 119 14.27 12.08 37.87
N TRP J 120 12.97 12.18 38.11
CA TRP J 120 12.27 11.15 38.88
C TRP J 120 12.34 9.81 38.17
N ASP J 121 12.16 9.81 36.85
CA ASP J 121 12.26 8.57 36.09
C ASP J 121 13.68 8.00 36.15
N LYS J 122 14.69 8.87 36.07
CA LYS J 122 16.07 8.40 36.19
C LYS J 122 16.33 7.78 37.55
N GLU J 123 15.74 8.34 38.60
CA GLU J 123 15.96 7.79 39.94
C GLU J 123 15.11 6.56 40.22
N ILE J 124 14.00 6.37 39.50
CA ILE J 124 13.11 5.25 39.75
C ILE J 124 13.37 4.06 38.82
N SER J 125 14.02 4.27 37.67
CA SER J 125 14.18 3.19 36.69
C SER J 125 14.86 1.96 37.28
N ASN J 126 15.65 2.13 38.34
CA ASN J 126 16.29 0.98 38.96
C ASN J 126 15.32 0.11 39.74
N TYR J 127 14.18 0.66 40.18
CA TYR J 127 13.26 -0.04 41.07
C TYR J 127 11.85 -0.13 40.48
N THR J 128 11.69 0.35 39.24
CA THR J 128 10.38 0.32 38.59
C THR J 128 9.83 -1.09 38.48
N GLN J 129 10.68 -2.08 38.23
CA GLN J 129 10.20 -3.45 38.07
C GLN J 129 9.59 -3.99 39.37
N ILE J 130 10.30 -3.80 40.49
CA ILE J 130 9.75 -4.27 41.76
C ILE J 130 8.51 -3.46 42.14
N ILE J 131 8.49 -2.18 41.77
CA ILE J 131 7.28 -1.38 42.00
C ILE J 131 6.09 -1.98 41.26
N TYR J 132 6.29 -2.34 39.99
CA TYR J 132 5.21 -2.95 39.20
C TYR J 132 4.78 -4.28 39.80
N GLY J 133 5.75 -5.11 40.22
CA GLY J 133 5.41 -6.38 40.82
C GLY J 133 4.59 -6.22 42.09
N LEU J 134 4.99 -5.28 42.96
CA LEU J 134 4.22 -5.02 44.16
C LEU J 134 2.83 -4.52 43.83
N LEU J 135 2.71 -3.66 42.82
CA LEU J 135 1.39 -3.14 42.43
C LEU J 135 0.48 -4.28 41.98
N GLU J 136 0.99 -5.15 41.11
CA GLU J 136 0.17 -6.25 40.60
C GLU J 136 -0.23 -7.20 41.72
N GLU J 137 0.73 -7.54 42.60
CA GLU J 137 0.42 -8.44 43.70
C GLU J 137 -0.61 -7.82 44.64
N SER J 138 -0.48 -6.51 44.91
CA SER J 138 -1.44 -5.84 45.79
C SER J 138 -2.83 -5.83 45.19
N GLN J 139 -2.93 -5.55 43.89
CA GLN J 139 -4.25 -5.58 43.24
C GLN J 139 -4.85 -6.99 43.29
N ASN J 140 -4.03 -8.01 43.02
CA ASN J 140 -4.54 -9.38 43.06
C ASN J 140 -5.03 -9.73 44.45
N GLN J 141 -4.26 -9.37 45.48
CA GLN J 141 -4.66 -9.66 46.85
C GLN J 141 -5.94 -8.90 47.23
N GLN J 142 -6.03 -7.64 46.82
CA GLN J 142 -7.21 -6.84 47.15
C GLN J 142 -8.46 -7.40 46.52
N GLU J 143 -8.35 -7.89 45.28
CA GLU J 143 -9.52 -8.47 44.63
C GLU J 143 -9.85 -9.86 45.17
N LYS J 144 -8.84 -10.65 45.54
CA LYS J 144 -9.11 -11.97 46.09
C LYS J 144 -9.76 -11.87 47.47
N ASN J 145 -9.27 -10.96 48.32
CA ASN J 145 -9.83 -10.82 49.67
C ASN J 145 -11.27 -10.34 49.61
N GLU J 146 -11.57 -9.40 48.72
CA GLU J 146 -12.92 -8.85 48.61
C GLU J 146 -13.90 -9.90 48.11
N PHE K 11 2.13 -18.84 26.15
CA PHE K 11 1.06 -18.39 25.27
C PHE K 11 -0.26 -18.98 25.75
N LEU K 12 -0.44 -20.29 25.56
CA LEU K 12 -1.43 -21.01 26.35
C LEU K 12 -0.95 -21.28 27.77
N GLY K 13 0.36 -21.44 27.96
CA GLY K 13 0.88 -21.69 29.28
C GLY K 13 0.28 -22.94 29.89
N ALA K 14 -0.18 -22.79 31.14
CA ALA K 14 -0.78 -23.91 31.88
C ALA K 14 -2.24 -24.11 31.45
N ALA K 15 -2.41 -24.34 30.14
CA ALA K 15 -3.74 -24.52 29.59
C ALA K 15 -4.43 -25.75 30.16
N GLY K 16 -3.71 -26.86 30.24
CA GLY K 16 -4.26 -28.09 30.76
C GLY K 16 -4.11 -28.30 32.25
N SER K 17 -3.55 -27.33 32.97
CA SER K 17 -3.27 -27.50 34.39
C SER K 17 -4.56 -27.37 35.19
N THR K 18 -4.43 -27.45 36.51
CA THR K 18 -5.58 -27.37 37.41
C THR K 18 -6.15 -25.96 37.41
N MET K 19 -7.41 -25.85 37.82
CA MET K 19 -8.13 -24.57 37.81
C MET K 19 -7.35 -23.48 38.55
N GLY K 20 -6.74 -23.83 39.68
CA GLY K 20 -6.05 -22.83 40.48
C GLY K 20 -4.86 -22.21 39.78
N ALA K 21 -4.02 -23.04 39.15
CA ALA K 21 -2.84 -22.52 38.47
C ALA K 21 -3.24 -21.63 37.29
N ALA K 22 -4.24 -22.05 36.53
CA ALA K 22 -4.70 -21.22 35.42
C ALA K 22 -5.27 -19.90 35.93
N SER K 23 -6.05 -19.94 37.01
CA SER K 23 -6.59 -18.71 37.58
C SER K 23 -5.50 -17.80 38.10
N MET K 24 -4.39 -18.36 38.57
CA MET K 24 -3.27 -17.54 39.03
C MET K 24 -2.37 -17.08 37.89
N THR K 25 -2.47 -17.69 36.72
CA THR K 25 -1.63 -17.33 35.58
C THR K 25 -2.48 -16.87 34.40
N LEU K 26 -3.47 -16.01 34.68
CA LEU K 26 -4.33 -15.49 33.63
C LEU K 26 -3.61 -14.44 32.78
N THR K 27 -2.66 -13.73 33.38
CA THR K 27 -2.04 -12.58 32.73
C THR K 27 -1.29 -12.98 31.47
N VAL K 28 -0.74 -14.20 31.43
CA VAL K 28 0.03 -14.63 30.26
C VAL K 28 -0.85 -14.66 29.02
N GLN K 29 -2.00 -15.34 29.13
CA GLN K 29 -2.93 -15.38 28.01
C GLN K 29 -3.53 -14.01 27.73
N ALA K 30 -3.81 -13.25 28.79
CA ALA K 30 -4.38 -11.91 28.61
C ALA K 30 -3.46 -11.03 27.76
N ARG K 31 -2.16 -11.06 28.06
CA ARG K 31 -1.20 -10.27 27.31
C ARG K 31 -0.91 -10.85 25.94
N ASN K 32 -0.96 -12.17 25.80
CA ASN K 32 -0.69 -12.78 24.51
C ASN K 32 -1.83 -12.59 23.51
N LEU K 33 -3.05 -12.35 23.98
CA LEU K 33 -4.17 -12.20 23.07
C LEU K 33 -4.15 -10.90 22.29
N LEU K 34 -3.30 -9.94 22.65
CA LEU K 34 -3.31 -8.62 22.02
C LEU K 34 -2.03 -8.41 21.23
N SER K 35 -1.46 -9.52 20.74
CA SER K 35 -0.21 -9.43 19.93
C SER K 35 -0.57 -9.16 18.46
N GLU K 49 7.74 -2.49 -6.06
CA GLU K 49 7.15 -1.94 -7.28
C GLU K 49 7.02 -3.01 -8.36
N ALA K 50 7.44 -2.67 -9.57
CA ALA K 50 7.44 -3.60 -10.71
C ALA K 50 6.05 -4.18 -10.98
N GLN K 51 5.02 -3.33 -10.83
CA GLN K 51 3.65 -3.69 -11.16
C GLN K 51 3.16 -4.90 -10.38
N GLN K 52 3.26 -6.10 -10.98
CA GLN K 52 2.69 -7.29 -10.37
C GLN K 52 3.31 -7.59 -9.01
N HIS K 53 4.62 -7.36 -8.87
CA HIS K 53 5.24 -7.49 -7.55
C HIS K 53 4.61 -6.53 -6.56
N LEU K 54 4.26 -5.31 -7.02
CA LEU K 54 3.60 -4.35 -6.14
C LEU K 54 2.22 -4.86 -5.73
N LEU K 55 1.49 -5.48 -6.65
CA LEU K 55 0.18 -6.02 -6.30
C LEU K 55 0.30 -7.18 -5.32
N LYS K 56 1.30 -8.03 -5.48
CA LYS K 56 1.54 -9.08 -4.49
C LYS K 56 1.86 -8.46 -3.13
N LEU K 57 2.69 -7.42 -3.11
CA LEU K 57 3.01 -6.75 -1.85
C LEU K 57 1.77 -6.18 -1.19
N THR K 58 0.90 -5.54 -1.97
CA THR K 58 -0.26 -4.91 -1.36
C THR K 58 -1.29 -5.95 -0.91
N VAL K 59 -1.38 -7.09 -1.60
CA VAL K 59 -2.26 -8.16 -1.13
C VAL K 59 -1.73 -8.75 0.17
N TRP K 60 -0.41 -8.94 0.25
CA TRP K 60 0.19 -9.40 1.50
C TRP K 60 -0.07 -8.42 2.63
N GLY K 61 0.09 -7.12 2.36
CA GLY K 61 -0.20 -6.12 3.37
C GLY K 61 -1.66 -6.13 3.79
N ILE K 62 -2.56 -6.31 2.83
CA ILE K 62 -3.98 -6.41 3.15
C ILE K 62 -4.23 -7.57 4.10
N LYS K 63 -3.64 -8.73 3.79
CA LYS K 63 -3.84 -9.90 4.65
C LYS K 63 -3.32 -9.65 6.06
N GLN K 64 -2.09 -9.14 6.17
CA GLN K 64 -1.50 -8.94 7.49
C GLN K 64 -2.25 -7.90 8.30
N LEU K 65 -2.58 -6.77 7.67
CA LEU K 65 -3.31 -5.72 8.36
C LEU K 65 -4.70 -6.18 8.76
N GLN K 66 -5.38 -6.95 7.90
CA GLN K 66 -6.68 -7.50 8.25
C GLN K 66 -6.57 -8.42 9.46
N ALA K 67 -5.53 -9.25 9.49
CA ALA K 67 -5.35 -10.14 10.63
C ALA K 67 -5.20 -9.35 11.92
N ARG K 68 -4.28 -8.37 11.94
CA ARG K 68 -4.05 -7.64 13.19
C ARG K 68 -5.26 -6.80 13.58
N VAL K 69 -5.94 -6.21 12.59
CA VAL K 69 -7.10 -5.36 12.91
C VAL K 69 -8.24 -6.21 13.44
N LEU K 70 -8.45 -7.40 12.88
CA LEU K 70 -9.50 -8.27 13.40
C LEU K 70 -9.16 -8.76 14.80
N ALA K 71 -7.88 -9.05 15.07
CA ALA K 71 -7.49 -9.43 16.42
C ALA K 71 -7.75 -8.30 17.41
N VAL K 72 -7.37 -7.07 17.04
CA VAL K 72 -7.59 -5.93 17.92
C VAL K 72 -9.07 -5.70 18.16
N GLU K 73 -9.88 -5.84 17.10
CA GLU K 73 -11.32 -5.61 17.26
C GLU K 73 -11.96 -6.69 18.11
N ARG K 74 -11.50 -7.95 17.99
CA ARG K 74 -12.03 -8.99 18.86
C ARG K 74 -11.64 -8.75 20.31
N TYR K 75 -10.40 -8.31 20.54
CA TYR K 75 -9.99 -7.95 21.89
C TYR K 75 -10.85 -6.82 22.44
N LEU K 76 -11.13 -5.81 21.61
CA LEU K 76 -11.94 -4.69 22.06
C LEU K 76 -13.38 -5.11 22.32
N ARG K 77 -13.91 -6.04 21.52
CA ARG K 77 -15.26 -6.54 21.78
C ARG K 77 -15.31 -7.30 23.10
N ASP K 78 -14.28 -8.11 23.40
CA ASP K 78 -14.22 -8.77 24.68
C ASP K 78 -14.15 -7.76 25.82
N GLN K 79 -13.35 -6.71 25.64
CA GLN K 79 -13.26 -5.66 26.65
C GLN K 79 -14.60 -4.96 26.84
N GLN K 80 -15.34 -4.75 25.74
CA GLN K 80 -16.67 -4.16 25.85
C GLN K 80 -17.63 -5.07 26.61
N LEU K 81 -17.58 -6.37 26.33
CA LEU K 81 -18.40 -7.31 27.09
C LEU K 81 -18.07 -7.25 28.57
N LEU K 82 -16.78 -7.18 28.91
CA LEU K 82 -16.39 -7.02 30.30
C LEU K 82 -16.92 -5.71 30.88
N GLY K 83 -16.90 -4.65 30.06
CA GLY K 83 -17.36 -3.36 30.51
C GLY K 83 -18.86 -3.31 30.79
N ILE K 84 -19.64 -4.08 30.02
CA ILE K 84 -21.08 -4.15 30.28
C ILE K 84 -21.33 -4.63 31.71
N TRP K 85 -20.59 -5.64 32.15
CA TRP K 85 -20.66 -6.12 33.52
C TRP K 85 -19.82 -5.21 34.41
N GLY K 86 -19.64 -5.61 35.67
CA GLY K 86 -18.88 -4.78 36.60
C GLY K 86 -17.40 -5.09 36.60
N CYS K 87 -16.80 -5.14 35.42
CA CYS K 87 -15.39 -5.48 35.29
C CYS K 87 -14.57 -4.33 34.74
N SER K 88 -14.94 -3.79 33.56
CA SER K 88 -14.28 -2.63 32.97
C SER K 88 -12.78 -2.82 32.84
N GLY K 89 -12.37 -4.01 32.39
CA GLY K 89 -10.99 -4.32 32.12
C GLY K 89 -10.30 -5.13 33.20
N LYS K 90 -10.87 -5.20 34.40
CA LYS K 90 -10.27 -5.98 35.48
C LYS K 90 -10.37 -7.46 35.17
N LEU K 91 -9.29 -8.19 35.45
CA LEU K 91 -9.20 -9.60 35.04
C LEU K 91 -10.08 -10.48 35.91
N ILE K 92 -9.81 -10.54 37.21
CA ILE K 92 -10.58 -11.39 38.12
C ILE K 92 -11.76 -10.53 38.59
N CYS K 93 -12.86 -10.64 37.86
CA CYS K 93 -14.03 -9.83 38.14
C CYS K 93 -14.84 -10.44 39.29
N CYS K 94 -15.91 -9.75 39.68
CA CYS K 94 -16.79 -10.24 40.74
C CYS K 94 -18.15 -9.59 40.58
N THR K 95 -19.19 -10.42 40.45
CA THR K 95 -20.54 -9.95 40.18
C THR K 95 -21.48 -10.34 41.32
N ASN K 96 -22.77 -10.10 41.11
CA ASN K 96 -23.78 -10.34 42.14
C ASN K 96 -24.83 -11.35 41.71
N VAL K 97 -24.65 -12.01 40.57
CA VAL K 97 -25.63 -12.98 40.08
C VAL K 97 -25.54 -14.26 40.91
N PRO K 98 -26.64 -14.70 41.52
CA PRO K 98 -26.59 -15.96 42.29
C PRO K 98 -26.36 -17.15 41.39
N TRP K 99 -25.68 -18.15 41.94
CA TRP K 99 -25.34 -19.36 41.19
C TRP K 99 -26.45 -20.38 41.38
N ASN K 100 -27.34 -20.48 40.39
CA ASN K 100 -28.39 -21.49 40.43
C ASN K 100 -27.80 -22.88 40.32
N SER K 101 -28.38 -23.82 41.05
CA SER K 101 -27.88 -25.19 41.06
C SER K 101 -28.04 -25.89 39.73
N SER K 102 -28.86 -25.36 38.83
CA SER K 102 -29.09 -26.01 37.53
C SER K 102 -27.83 -26.05 36.68
N TRP K 103 -26.86 -25.19 36.93
CA TRP K 103 -25.64 -25.15 36.12
C TRP K 103 -24.55 -25.99 36.78
N SER K 104 -24.82 -27.29 36.84
CA SER K 104 -23.85 -28.30 37.30
C SER K 104 -23.38 -27.98 38.73
N ASN K 105 -24.31 -28.05 39.67
CA ASN K 105 -24.02 -27.75 41.07
C ASN K 105 -23.16 -28.87 41.66
N ARG K 106 -21.94 -28.51 42.08
CA ARG K 106 -21.02 -29.46 42.70
C ARG K 106 -20.28 -28.72 43.80
N ASN K 107 -19.37 -29.44 44.48
CA ASN K 107 -18.58 -28.83 45.53
C ASN K 107 -17.63 -27.78 44.94
N LEU K 108 -17.61 -26.60 45.57
CA LEU K 108 -16.81 -25.49 45.05
C LEU K 108 -15.33 -25.85 45.01
N SER K 109 -14.82 -26.44 46.10
CA SER K 109 -13.43 -26.85 46.11
C SER K 109 -13.17 -27.93 45.07
N GLU K 110 -14.09 -28.89 44.95
CA GLU K 110 -13.92 -29.97 43.98
C GLU K 110 -13.87 -29.42 42.56
N ILE K 111 -14.75 -28.46 42.24
CA ILE K 111 -14.69 -27.82 40.94
C ILE K 111 -13.38 -27.04 40.79
N TRP K 112 -12.86 -26.49 41.87
CA TRP K 112 -11.72 -25.58 41.77
C TRP K 112 -10.38 -26.28 41.86
N ASP K 113 -10.32 -27.58 42.11
CA ASP K 113 -9.04 -28.28 42.18
C ASP K 113 -8.97 -29.55 41.34
N ASN K 114 -10.03 -29.94 40.64
CA ASN K 114 -10.02 -31.17 39.87
C ASN K 114 -10.11 -30.95 38.36
N MET K 115 -11.15 -30.28 37.88
CA MET K 115 -11.39 -30.18 36.45
C MET K 115 -10.63 -29.01 35.85
N THR K 116 -10.01 -29.27 34.70
CA THR K 116 -9.35 -28.23 33.92
C THR K 116 -10.39 -27.31 33.29
N TRP K 117 -9.95 -26.10 32.92
CA TRP K 117 -10.83 -25.11 32.32
C TRP K 117 -11.59 -25.68 31.12
N LEU K 118 -10.92 -26.53 30.33
CA LEU K 118 -11.52 -27.02 29.09
C LEU K 118 -12.78 -27.82 29.36
N GLN K 119 -12.71 -28.80 30.27
CA GLN K 119 -13.89 -29.61 30.57
C GLN K 119 -14.99 -28.76 31.19
N TRP K 120 -14.62 -27.80 32.04
CA TRP K 120 -15.60 -26.93 32.66
C TRP K 120 -16.37 -26.15 31.60
N ASP K 121 -15.66 -25.54 30.65
CA ASP K 121 -16.32 -24.79 29.60
C ASP K 121 -17.11 -25.70 28.66
N LYS K 122 -16.62 -26.92 28.42
CA LYS K 122 -17.35 -27.85 27.58
C LYS K 122 -18.68 -28.24 28.21
N GLU K 123 -18.70 -28.42 29.53
CA GLU K 123 -19.93 -28.77 30.22
C GLU K 123 -20.73 -27.57 30.69
N ILE K 124 -20.26 -26.35 30.41
CA ILE K 124 -21.02 -25.13 30.67
C ILE K 124 -21.48 -24.46 29.39
N SER K 125 -20.90 -24.81 28.24
CA SER K 125 -21.24 -24.18 26.96
C SER K 125 -22.72 -24.25 26.62
N ASN K 126 -23.51 -25.04 27.35
CA ASN K 126 -24.94 -25.08 27.15
C ASN K 126 -25.69 -24.00 27.91
N TYR K 127 -25.02 -23.25 28.79
CA TYR K 127 -25.68 -22.25 29.62
C TYR K 127 -24.98 -20.89 29.58
N THR K 128 -24.04 -20.66 28.66
CA THR K 128 -23.30 -19.40 28.65
C THR K 128 -24.22 -18.21 28.40
N GLN K 129 -25.16 -18.35 27.46
CA GLN K 129 -25.99 -17.22 27.07
C GLN K 129 -26.84 -16.73 28.23
N ILE K 130 -27.41 -17.67 29.00
CA ILE K 130 -28.25 -17.27 30.13
C ILE K 130 -27.40 -16.59 31.20
N ILE K 131 -26.15 -17.04 31.38
CA ILE K 131 -25.27 -16.39 32.35
C ILE K 131 -24.96 -14.96 31.91
N TYR K 132 -24.67 -14.77 30.62
CA TYR K 132 -24.39 -13.43 30.12
C TYR K 132 -25.59 -12.52 30.28
N GLY K 133 -26.79 -13.04 29.95
CA GLY K 133 -27.99 -12.23 30.10
C GLY K 133 -28.27 -11.87 31.54
N LEU K 134 -28.10 -12.83 32.45
CA LEU K 134 -28.30 -12.54 33.87
C LEU K 134 -27.29 -11.52 34.37
N LEU K 135 -26.04 -11.61 33.92
CA LEU K 135 -25.03 -10.65 34.33
C LEU K 135 -25.39 -9.25 33.87
N GLU K 136 -25.78 -9.12 32.59
CA GLU K 136 -26.16 -7.81 32.08
C GLU K 136 -27.36 -7.25 32.82
N GLU K 137 -28.37 -8.09 33.07
CA GLU K 137 -29.57 -7.61 33.75
C GLU K 137 -29.24 -7.19 35.18
N SER K 138 -28.41 -7.96 35.88
CA SER K 138 -28.06 -7.60 37.25
C SER K 138 -27.27 -6.31 37.31
N GLN K 139 -26.31 -6.13 36.40
CA GLN K 139 -25.54 -4.89 36.40
C GLN K 139 -26.43 -3.69 36.10
N ASN K 140 -27.32 -3.82 35.11
CA ASN K 140 -28.22 -2.72 34.78
C ASN K 140 -29.16 -2.42 35.94
N GLN K 141 -29.65 -3.45 36.62
CA GLN K 141 -30.53 -3.25 37.77
C GLN K 141 -29.80 -2.54 38.90
N GLN K 142 -28.54 -2.92 39.14
CA GLN K 142 -27.76 -2.24 40.17
C GLN K 142 -27.54 -0.78 39.81
N GLU K 143 -27.25 -0.50 38.54
CA GLU K 143 -27.08 0.89 38.12
C GLU K 143 -28.36 1.69 38.30
N LYS K 144 -29.49 1.14 37.88
CA LYS K 144 -30.74 1.90 37.88
C LYS K 144 -31.32 2.07 39.28
N ASN K 145 -31.24 1.02 40.12
CA ASN K 145 -31.83 1.09 41.44
C ASN K 145 -31.16 2.15 42.30
N GLU K 146 -29.83 2.22 42.26
CA GLU K 146 -29.09 3.21 43.04
C GLU K 146 -29.14 4.57 42.37
N LEU L 9 -19.51 2.53 11.32
CA LEU L 9 -20.88 2.33 10.89
C LEU L 9 -21.43 1.00 11.39
N GLY L 10 -22.69 0.72 11.06
CA GLY L 10 -23.28 -0.56 11.40
C GLY L 10 -24.47 -0.48 12.32
N PHE L 11 -24.43 0.44 13.29
CA PHE L 11 -25.48 0.58 14.29
C PHE L 11 -26.50 1.66 13.94
N LEU L 12 -26.68 1.94 12.65
CA LEU L 12 -27.65 2.94 12.22
C LEU L 12 -29.06 2.39 12.13
N GLY L 13 -29.24 1.08 12.24
CA GLY L 13 -30.57 0.50 12.08
C GLY L 13 -31.56 0.99 13.12
N ALA L 14 -31.10 1.13 14.37
CA ALA L 14 -31.99 1.54 15.45
C ALA L 14 -32.42 2.99 15.35
N ALA L 15 -31.83 3.76 14.45
CA ALA L 15 -32.17 5.18 14.34
C ALA L 15 -33.62 5.35 13.92
N GLY L 16 -34.20 6.48 14.32
CA GLY L 16 -35.59 6.76 14.04
C GLY L 16 -36.58 6.14 14.99
N SER L 17 -36.11 5.40 16.00
CA SER L 17 -36.97 4.77 16.98
C SER L 17 -36.99 5.58 18.27
N THR L 18 -37.83 5.14 19.20
CA THR L 18 -37.94 5.78 20.51
C THR L 18 -36.68 5.52 21.34
N MET L 19 -36.32 6.50 22.18
CA MET L 19 -35.17 6.34 23.06
C MET L 19 -35.29 5.11 23.95
N GLY L 20 -36.51 4.72 24.33
CA GLY L 20 -36.67 3.49 25.07
C GLY L 20 -36.22 2.28 24.27
N ALA L 21 -36.69 2.18 23.02
CA ALA L 21 -36.29 1.08 22.16
C ALA L 21 -34.81 1.13 21.84
N ALA L 22 -34.28 2.34 21.56
CA ALA L 22 -32.87 2.47 21.26
C ALA L 22 -32.01 2.06 22.44
N SER L 23 -32.40 2.47 23.65
CA SER L 23 -31.66 2.11 24.85
C SER L 23 -31.71 0.60 25.09
N MET L 24 -32.89 -0.01 24.91
CA MET L 24 -32.99 -1.45 25.09
C MET L 24 -32.12 -2.19 24.09
N THR L 25 -32.16 -1.79 22.82
CA THR L 25 -31.35 -2.46 21.79
C THR L 25 -29.87 -2.28 22.06
N LEU L 26 -29.43 -1.07 22.42
CA LEU L 26 -28.01 -0.86 22.68
C LEU L 26 -27.55 -1.61 23.93
N THR L 27 -28.41 -1.72 24.93
CA THR L 27 -28.10 -2.57 26.07
C THR L 27 -27.90 -4.01 25.64
N VAL L 28 -28.87 -4.56 24.90
CA VAL L 28 -28.74 -5.93 24.41
C VAL L 28 -27.63 -6.01 23.37
N GLN L 29 -27.66 -5.13 22.38
CA GLN L 29 -26.68 -5.08 21.30
C GLN L 29 -26.46 -6.44 20.64
N ARG L 46 -9.70 -17.85 1.82
CA ARG L 46 -8.43 -17.39 1.27
C ARG L 46 -8.60 -16.88 -0.15
N ALA L 47 -8.54 -15.58 -0.33
CA ALA L 47 -8.71 -14.98 -1.64
C ALA L 47 -7.48 -15.25 -2.51
N PRO L 48 -7.64 -15.86 -3.68
CA PRO L 48 -6.49 -16.05 -4.58
C PRO L 48 -6.20 -14.81 -5.41
N GLU L 49 -5.24 -14.90 -6.32
CA GLU L 49 -4.87 -13.80 -7.20
C GLU L 49 -5.43 -13.97 -8.61
N ALA L 50 -6.35 -14.90 -8.81
CA ALA L 50 -6.98 -15.10 -10.11
C ALA L 50 -8.29 -14.35 -10.27
N GLN L 51 -8.70 -13.58 -9.26
CA GLN L 51 -9.95 -12.84 -9.34
C GLN L 51 -9.85 -11.71 -10.35
N GLN L 52 -10.88 -11.57 -11.17
CA GLN L 52 -10.93 -10.48 -12.14
C GLN L 52 -11.11 -9.14 -11.43
N HIS L 53 -10.56 -8.08 -12.04
CA HIS L 53 -10.61 -6.73 -11.50
C HIS L 53 -9.99 -6.68 -10.11
N LEU L 54 -8.69 -6.99 -10.07
CA LEU L 54 -7.97 -7.09 -8.80
C LEU L 54 -7.75 -5.73 -8.17
N LEU L 55 -7.48 -4.70 -9.00
CA LEU L 55 -7.16 -3.38 -8.46
C LEU L 55 -8.33 -2.80 -7.68
N LYS L 56 -9.55 -2.96 -8.19
CA LYS L 56 -10.71 -2.47 -7.47
C LYS L 56 -10.86 -3.16 -6.12
N LEU L 57 -10.64 -4.48 -6.10
CA LEU L 57 -10.76 -5.22 -4.84
C LEU L 57 -9.72 -4.76 -3.83
N THR L 58 -8.47 -4.59 -4.26
CA THR L 58 -7.44 -4.18 -3.30
C THR L 58 -7.64 -2.74 -2.83
N VAL L 59 -8.08 -1.85 -3.72
CA VAL L 59 -8.32 -0.47 -3.31
C VAL L 59 -9.47 -0.39 -2.33
N TRP L 60 -10.56 -1.11 -2.60
CA TRP L 60 -11.68 -1.07 -1.67
C TRP L 60 -11.37 -1.80 -0.37
N GLY L 61 -10.46 -2.78 -0.40
CA GLY L 61 -9.95 -3.34 0.84
C GLY L 61 -9.17 -2.32 1.64
N ILE L 62 -8.32 -1.54 0.97
CA ILE L 62 -7.64 -0.44 1.66
C ILE L 62 -8.66 0.47 2.33
N LYS L 63 -9.72 0.81 1.60
CA LYS L 63 -10.73 1.71 2.14
C LYS L 63 -11.45 1.09 3.35
N GLN L 64 -11.77 -0.21 3.27
CA GLN L 64 -12.48 -0.84 4.37
C GLN L 64 -11.62 -0.93 5.63
N LEU L 65 -10.32 -1.24 5.46
CA LEU L 65 -9.44 -1.22 6.63
C LEU L 65 -9.22 0.20 7.15
N GLN L 66 -9.23 1.21 6.27
CA GLN L 66 -9.22 2.59 6.75
C GLN L 66 -10.44 2.84 7.63
N ALA L 67 -11.62 2.40 7.18
CA ALA L 67 -12.83 2.60 7.95
C ALA L 67 -12.76 1.88 9.30
N ARG L 68 -12.26 0.65 9.31
CA ARG L 68 -12.21 -0.11 10.55
C ARG L 68 -11.21 0.47 11.54
N VAL L 69 -10.05 0.91 11.05
CA VAL L 69 -9.07 1.54 11.93
C VAL L 69 -9.58 2.86 12.47
N LEU L 70 -10.25 3.66 11.63
CA LEU L 70 -10.85 4.89 12.14
C LEU L 70 -11.94 4.59 13.15
N ALA L 71 -12.67 3.48 12.97
CA ALA L 71 -13.69 3.09 13.93
C ALA L 71 -13.05 2.76 15.28
N VAL L 72 -11.96 1.99 15.28
CA VAL L 72 -11.34 1.64 16.55
C VAL L 72 -10.72 2.88 17.21
N GLU L 73 -10.18 3.79 16.41
CA GLU L 73 -9.62 5.02 16.99
C GLU L 73 -10.71 5.89 17.60
N ARG L 74 -11.84 6.04 16.89
CA ARG L 74 -12.96 6.79 17.43
C ARG L 74 -13.49 6.15 18.70
N TYR L 75 -13.56 4.82 18.73
CA TYR L 75 -14.00 4.13 19.93
C TYR L 75 -13.04 4.37 21.09
N LEU L 76 -11.73 4.37 20.81
CA LEU L 76 -10.76 4.63 21.87
C LEU L 76 -10.89 6.04 22.43
N ARG L 77 -11.07 7.03 21.55
CA ARG L 77 -11.23 8.40 22.03
C ARG L 77 -12.53 8.56 22.83
N ASP L 78 -13.61 7.93 22.36
CA ASP L 78 -14.87 7.99 23.10
C ASP L 78 -14.72 7.32 24.46
N GLN L 79 -14.00 6.20 24.53
CA GLN L 79 -13.78 5.55 25.81
C GLN L 79 -12.92 6.40 26.73
N GLN L 80 -11.96 7.14 26.17
CA GLN L 80 -11.20 8.08 27.00
C GLN L 80 -12.10 9.16 27.57
N LEU L 81 -13.02 9.68 26.77
CA LEU L 81 -13.99 10.65 27.29
C LEU L 81 -14.85 10.04 28.39
N LEU L 82 -15.34 8.82 28.16
CA LEU L 82 -16.15 8.15 29.18
C LEU L 82 -15.35 7.94 30.47
N GLY L 83 -14.06 7.65 30.33
CA GLY L 83 -13.23 7.48 31.51
C GLY L 83 -13.02 8.77 32.26
N ILE L 84 -12.80 9.88 31.53
CA ILE L 84 -12.65 11.17 32.21
C ILE L 84 -13.97 11.65 32.80
N TRP L 85 -15.10 11.10 32.36
CA TRP L 85 -16.39 11.36 33.00
C TRP L 85 -16.71 10.33 34.09
N GLY L 86 -15.72 9.55 34.51
CA GLY L 86 -15.95 8.57 35.56
C GLY L 86 -16.85 7.42 35.15
N CYS L 87 -16.70 6.92 33.94
CA CYS L 87 -17.45 5.76 33.48
C CYS L 87 -16.58 4.66 32.90
N SER L 88 -15.32 4.93 32.57
CA SER L 88 -14.41 3.95 32.00
C SER L 88 -15.03 3.31 30.78
N GLY L 89 -15.46 2.05 30.91
CA GLY L 89 -16.21 1.40 29.85
C GLY L 89 -17.69 1.71 30.00
N LYS L 90 -18.51 0.67 30.03
CA LYS L 90 -19.96 0.80 30.27
C LYS L 90 -20.66 1.57 29.16
N LEU L 91 -21.98 1.39 29.05
CA LEU L 91 -22.77 2.13 28.08
C LEU L 91 -23.76 3.06 28.76
N ILE L 92 -24.60 2.55 29.66
CA ILE L 92 -25.58 3.37 30.37
C ILE L 92 -24.89 3.79 31.67
N CYS L 93 -24.15 4.89 31.62
CA CYS L 93 -23.47 5.42 32.79
C CYS L 93 -24.31 6.51 33.43
N CYS L 94 -24.23 6.59 34.76
CA CYS L 94 -25.01 7.53 35.54
C CYS L 94 -24.07 8.45 36.31
N THR L 95 -24.48 9.71 36.46
CA THR L 95 -23.62 10.71 37.07
C THR L 95 -24.37 11.57 38.09
N ASN L 96 -23.74 12.65 38.55
CA ASN L 96 -24.23 13.39 39.71
C ASN L 96 -24.53 14.86 39.47
N VAL L 97 -24.32 15.38 38.28
CA VAL L 97 -24.65 16.79 38.02
C VAL L 97 -26.13 16.90 37.67
N PRO L 98 -26.88 17.77 38.34
CA PRO L 98 -28.33 17.82 38.11
C PRO L 98 -28.67 18.44 36.76
N TRP L 99 -29.85 18.08 36.27
CA TRP L 99 -30.36 18.58 34.99
C TRP L 99 -30.89 20.00 35.20
N ASN L 100 -30.20 20.98 34.60
CA ASN L 100 -30.58 22.37 34.77
C ASN L 100 -31.86 22.68 34.01
N SER L 101 -32.51 23.78 34.40
CA SER L 101 -33.78 24.16 33.80
C SER L 101 -33.59 24.66 32.37
N SER L 102 -32.50 25.36 32.09
CA SER L 102 -32.31 25.97 30.79
C SER L 102 -32.15 24.95 29.67
N TRP L 103 -31.82 23.70 30.00
CA TRP L 103 -31.56 22.69 28.97
C TRP L 103 -32.84 22.07 28.45
N SER L 104 -33.79 22.90 28.00
CA SER L 104 -35.02 22.46 27.34
C SER L 104 -35.82 21.51 28.23
N ASN L 105 -36.30 22.07 29.35
CA ASN L 105 -37.15 21.31 30.26
C ASN L 105 -38.41 20.86 29.55
N ARG L 106 -38.74 19.57 29.69
CA ARG L 106 -39.92 18.98 29.10
C ARG L 106 -40.39 17.83 29.98
N ASN L 107 -41.62 17.38 29.75
CA ASN L 107 -42.14 16.23 30.48
C ASN L 107 -41.40 14.97 30.06
N LEU L 108 -40.92 14.21 31.05
CA LEU L 108 -40.05 13.07 30.76
C LEU L 108 -40.76 12.03 29.89
N SER L 109 -42.07 11.84 30.11
CA SER L 109 -42.80 10.82 29.36
C SER L 109 -42.71 11.07 27.86
N GLU L 110 -43.04 12.29 27.42
CA GLU L 110 -42.98 12.58 26.00
C GLU L 110 -41.54 12.71 25.50
N ILE L 111 -40.59 13.01 26.39
CA ILE L 111 -39.18 12.98 26.00
C ILE L 111 -38.76 11.56 25.63
N TRP L 112 -39.15 10.58 26.44
CA TRP L 112 -38.62 9.23 26.35
C TRP L 112 -39.58 8.24 25.68
N ASP L 113 -40.72 8.71 25.16
CA ASP L 113 -41.71 7.77 24.64
C ASP L 113 -42.08 7.97 23.18
N ASN L 114 -42.10 9.19 22.65
CA ASN L 114 -42.59 9.42 21.30
C ASN L 114 -41.51 9.85 20.31
N MET L 115 -40.70 10.85 20.67
CA MET L 115 -39.73 11.38 19.71
C MET L 115 -38.59 10.39 19.51
N THR L 116 -37.61 10.79 18.72
CA THR L 116 -36.47 9.94 18.38
C THR L 116 -35.17 10.61 18.78
N TRP L 117 -34.11 9.80 18.81
CA TRP L 117 -32.82 10.25 19.32
C TRP L 117 -32.25 11.39 18.49
N LEU L 118 -32.39 11.31 17.17
CA LEU L 118 -31.86 12.35 16.29
C LEU L 118 -32.48 13.70 16.61
N GLN L 119 -33.81 13.75 16.79
CA GLN L 119 -34.47 15.01 17.11
C GLN L 119 -34.03 15.52 18.47
N TRP L 120 -33.87 14.63 19.45
CA TRP L 120 -33.40 15.06 20.75
C TRP L 120 -32.01 15.66 20.68
N ASP L 121 -31.11 15.03 19.92
CA ASP L 121 -29.77 15.59 19.78
C ASP L 121 -29.80 16.94 19.07
N LYS L 122 -30.62 17.07 18.03
CA LYS L 122 -30.77 18.35 17.36
C LYS L 122 -31.30 19.41 18.31
N GLU L 123 -32.15 19.00 19.26
CA GLU L 123 -32.67 19.95 20.24
C GLU L 123 -31.65 20.34 21.29
N ILE L 124 -30.78 19.41 21.69
CA ILE L 124 -29.83 19.67 22.77
C ILE L 124 -28.43 19.99 22.23
N SER L 125 -28.26 20.08 20.91
CA SER L 125 -26.94 20.31 20.33
C SER L 125 -26.33 21.62 20.80
N ASN L 126 -27.16 22.64 21.06
CA ASN L 126 -26.64 23.93 21.47
C ASN L 126 -25.98 23.88 22.86
N TYR L 127 -26.29 22.87 23.66
CA TYR L 127 -25.90 22.85 25.06
C TYR L 127 -24.91 21.76 25.43
N THR L 128 -24.48 20.92 24.47
CA THR L 128 -23.69 19.75 24.82
C THR L 128 -22.32 20.12 25.40
N GLN L 129 -21.75 21.25 24.99
CA GLN L 129 -20.47 21.67 25.55
C GLN L 129 -20.58 21.98 27.04
N ILE L 130 -21.63 22.69 27.42
CA ILE L 130 -21.88 22.98 28.83
C ILE L 130 -22.14 21.69 29.59
N ILE L 131 -22.86 20.75 28.96
CA ILE L 131 -23.12 19.46 29.59
C ILE L 131 -21.82 18.74 29.89
N TYR L 132 -20.92 18.71 28.90
CA TYR L 132 -19.64 18.02 29.09
C TYR L 132 -18.80 18.69 30.17
N GLY L 133 -18.77 20.02 30.17
CA GLY L 133 -18.00 20.73 31.19
C GLY L 133 -18.52 20.47 32.59
N LEU L 134 -19.84 20.57 32.76
CA LEU L 134 -20.43 20.29 34.07
C LEU L 134 -20.20 18.84 34.48
N LEU L 135 -20.29 17.91 33.53
CA LEU L 135 -20.06 16.51 33.85
C LEU L 135 -18.63 16.27 34.33
N GLU L 136 -17.65 16.86 33.62
CA GLU L 136 -16.27 16.71 34.03
C GLU L 136 -16.03 17.33 35.40
N GLU L 137 -16.59 18.51 35.65
CA GLU L 137 -16.42 19.15 36.94
C GLU L 137 -17.04 18.31 38.06
N SER L 138 -18.22 17.76 37.81
CA SER L 138 -18.88 16.92 38.81
C SER L 138 -18.08 15.68 39.11
N GLN L 139 -17.53 15.02 38.08
CA GLN L 139 -16.73 13.83 38.32
C GLN L 139 -15.45 14.16 39.07
N ASN L 140 -14.80 15.28 38.72
CA ASN L 140 -13.59 15.68 39.43
C ASN L 140 -13.89 15.97 40.90
N GLN L 141 -15.00 16.65 41.17
CA GLN L 141 -15.38 16.92 42.55
C GLN L 141 -15.69 15.62 43.29
N GLN L 142 -16.35 14.68 42.62
CA GLN L 142 -16.64 13.39 43.24
C GLN L 142 -15.35 12.66 43.59
N GLU L 143 -14.38 12.65 42.69
CA GLU L 143 -13.10 12.02 42.99
C GLU L 143 -12.42 12.71 44.17
N LYS L 144 -12.44 14.05 44.19
CA LYS L 144 -11.77 14.79 45.25
C LYS L 144 -12.39 14.50 46.61
N ASN L 145 -13.72 14.60 46.72
CA ASN L 145 -14.35 14.40 48.01
C ASN L 145 -14.56 12.93 48.35
N GLU L 146 -14.28 12.01 47.43
CA GLU L 146 -14.23 10.60 47.80
C GLU L 146 -12.86 10.23 48.32
N GLN L 147 -11.79 10.75 47.69
CA GLN L 147 -10.45 10.55 48.22
C GLN L 147 -10.20 11.35 49.48
N ASP L 148 -11.02 12.37 49.75
CA ASP L 148 -10.88 13.12 51.00
C ASP L 148 -11.15 12.23 52.21
N LEU L 149 -12.17 11.39 52.13
CA LEU L 149 -12.52 10.51 53.24
C LEU L 149 -12.60 9.05 52.79
#